data_3QE1
# 
_entry.id   3QE1 
# 
_audit_conform.dict_name       mmcif_pdbx.dic 
_audit_conform.dict_version    5.379 
_audit_conform.dict_location   http://mmcif.pdb.org/dictionaries/ascii/mmcif_pdbx.dic 
# 
loop_
_database_2.database_id 
_database_2.database_code 
_database_2.pdbx_database_accession 
_database_2.pdbx_DOI 
PDB   3QE1         pdb_00003qe1 10.2210/pdb3qe1/pdb 
RCSB  RCSB063526   ?            ?                   
WWPDB D_1000063526 ?            ?                   
# 
loop_
_pdbx_database_related.db_name 
_pdbx_database_related.db_id 
_pdbx_database_related.details 
_pdbx_database_related.content_type 
PDB 3QDO 'The same SNX27 PDZ domain directly fused with GG ESESKV'  unspecified 
PDB 3QGL 'The same SNX27 PDZ domain in complex with ESESKV peptide' unspecified 
# 
_pdbx_database_status.status_code                     REL 
_pdbx_database_status.entry_id                        3QE1 
_pdbx_database_status.recvd_initial_deposition_date   2011-01-19 
_pdbx_database_status.deposit_site                    RCSB 
_pdbx_database_status.process_site                    RCSB 
_pdbx_database_status.status_code_sf                  REL 
_pdbx_database_status.status_code_mr                  ? 
_pdbx_database_status.SG_entry                        ? 
_pdbx_database_status.status_code_cs                  ? 
_pdbx_database_status.pdb_format_compatible           Y 
_pdbx_database_status.methods_development_category    ? 
_pdbx_database_status.status_code_nmr_data            ? 
# 
loop_
_audit_author.name 
_audit_author.pdbx_ordinal 
'Balana, B.'      1 
'Kwiatkowski, W.' 2 
'Choe, S.'        3 
# 
_citation.id                        primary 
_citation.title                     
;Mechanism underlying selective regulation of G protein-gated inwardly rectifying potassium channels by the psychostimulant-sensitive sorting nexin 27.
;
_citation.journal_abbrev            Proc.Natl.Acad.Sci.USA 
_citation.journal_volume            108 
_citation.page_first                5831 
_citation.page_last                 5836 
_citation.year                      2011 
_citation.journal_id_ASTM           PNASA6 
_citation.country                   US 
_citation.journal_id_ISSN           0027-8424 
_citation.journal_id_CSD            0040 
_citation.book_publisher            ? 
_citation.pdbx_database_id_PubMed   21422294 
_citation.pdbx_database_id_DOI      10.1073/pnas.1018645108 
# 
loop_
_citation_author.citation_id 
_citation_author.name 
_citation_author.ordinal 
_citation_author.identifier_ORCID 
primary 'Balana, B.'      1 ? 
primary 'Maslennikov, I.' 2 ? 
primary 'Kwiatkowski, W.' 3 ? 
primary 'Stern, K.M.'     4 ? 
primary 'Bahima, L.'      5 ? 
primary 'Choe, S.'        6 ? 
primary 'Slesinger, P.A.' 7 ? 
# 
_cell.entry_id           3QE1 
_cell.length_a           75.789 
_cell.length_b           75.789 
_cell.length_c           40.939 
_cell.angle_alpha        90.00 
_cell.angle_beta         90.00 
_cell.angle_gamma        120.00 
_cell.Z_PDB              9 
_cell.pdbx_unique_axis   ? 
_cell.length_a_esd       ? 
_cell.length_b_esd       ? 
_cell.length_c_esd       ? 
_cell.angle_alpha_esd    ? 
_cell.angle_beta_esd     ? 
_cell.angle_gamma_esd    ? 
# 
_symmetry.entry_id                         3QE1 
_symmetry.space_group_name_H-M             'H 3' 
_symmetry.pdbx_full_space_group_name_H-M   ? 
_symmetry.cell_setting                     ? 
_symmetry.Int_Tables_number                146 
_symmetry.space_group_name_Hall            ? 
# 
loop_
_entity.id 
_entity.type 
_entity.src_method 
_entity.pdbx_description 
_entity.formula_weight 
_entity.pdbx_number_of_molecules 
_entity.pdbx_ec 
_entity.pdbx_mutation 
_entity.pdbx_fragment 
_entity.details 
1 polymer man 'Sorting nexin-27, G protein-activated inward rectifier potassium channel 3 chimera' 11230.646 1   ? ? 
'PDZ domain (UNP residues 39-133), GIRK-3 C-terminus (UNP residues 388-393)' ? 
2 water   nat water                                                                                18.015    120 ? ? ? ? 
# 
_entity_name_com.entity_id   1 
_entity_name_com.name        
;SNX27, MAP-responsive gene protein, Methamphetamine-responsive transcript 1 protein, PDZ-protein Mrt1, GIRK-3, Inward rectifier K(+) channel Kir3.3, Potassium channel, inwardly rectifying subfamily J member 9
;
# 
_entity_poly.entity_id                      1 
_entity_poly.type                           'polypeptide(L)' 
_entity_poly.nstd_linkage                   no 
_entity_poly.nstd_monomer                   no 
_entity_poly.pdbx_seq_one_letter_code       
;GSHGGSPRVVRIVKSESGYGFNVRGQVSEGGQLRSINGELYAPLQHVSAVLPGGAADRAGVRKGDRILEVNGVNVEGATH
KQVVDLIRAGEKELILTVLSVESESKV
;
_entity_poly.pdbx_seq_one_letter_code_can   
;GSHGGSPRVVRIVKSESGYGFNVRGQVSEGGQLRSINGELYAPLQHVSAVLPGGAADRAGVRKGDRILEVNGVNVEGATH
KQVVDLIRAGEKELILTVLSVESESKV
;
_entity_poly.pdbx_strand_id                 A 
_entity_poly.pdbx_target_identifier         ? 
# 
loop_
_entity_poly_seq.entity_id 
_entity_poly_seq.num 
_entity_poly_seq.mon_id 
_entity_poly_seq.hetero 
1 1   GLY n 
1 2   SER n 
1 3   HIS n 
1 4   GLY n 
1 5   GLY n 
1 6   SER n 
1 7   PRO n 
1 8   ARG n 
1 9   VAL n 
1 10  VAL n 
1 11  ARG n 
1 12  ILE n 
1 13  VAL n 
1 14  LYS n 
1 15  SER n 
1 16  GLU n 
1 17  SER n 
1 18  GLY n 
1 19  TYR n 
1 20  GLY n 
1 21  PHE n 
1 22  ASN n 
1 23  VAL n 
1 24  ARG n 
1 25  GLY n 
1 26  GLN n 
1 27  VAL n 
1 28  SER n 
1 29  GLU n 
1 30  GLY n 
1 31  GLY n 
1 32  GLN n 
1 33  LEU n 
1 34  ARG n 
1 35  SER n 
1 36  ILE n 
1 37  ASN n 
1 38  GLY n 
1 39  GLU n 
1 40  LEU n 
1 41  TYR n 
1 42  ALA n 
1 43  PRO n 
1 44  LEU n 
1 45  GLN n 
1 46  HIS n 
1 47  VAL n 
1 48  SER n 
1 49  ALA n 
1 50  VAL n 
1 51  LEU n 
1 52  PRO n 
1 53  GLY n 
1 54  GLY n 
1 55  ALA n 
1 56  ALA n 
1 57  ASP n 
1 58  ARG n 
1 59  ALA n 
1 60  GLY n 
1 61  VAL n 
1 62  ARG n 
1 63  LYS n 
1 64  GLY n 
1 65  ASP n 
1 66  ARG n 
1 67  ILE n 
1 68  LEU n 
1 69  GLU n 
1 70  VAL n 
1 71  ASN n 
1 72  GLY n 
1 73  VAL n 
1 74  ASN n 
1 75  VAL n 
1 76  GLU n 
1 77  GLY n 
1 78  ALA n 
1 79  THR n 
1 80  HIS n 
1 81  LYS n 
1 82  GLN n 
1 83  VAL n 
1 84  VAL n 
1 85  ASP n 
1 86  LEU n 
1 87  ILE n 
1 88  ARG n 
1 89  ALA n 
1 90  GLY n 
1 91  GLU n 
1 92  LYS n 
1 93  GLU n 
1 94  LEU n 
1 95  ILE n 
1 96  LEU n 
1 97  THR n 
1 98  VAL n 
1 99  LEU n 
1 100 SER n 
1 101 VAL n 
1 102 GLU n 
1 103 SER n 
1 104 GLU n 
1 105 SER n 
1 106 LYS n 
1 107 VAL n 
# 
loop_
_entity_src_gen.entity_id 
_entity_src_gen.pdbx_src_id 
_entity_src_gen.pdbx_alt_source_flag 
_entity_src_gen.pdbx_seq_type 
_entity_src_gen.pdbx_beg_seq_num 
_entity_src_gen.pdbx_end_seq_num 
_entity_src_gen.gene_src_common_name 
_entity_src_gen.gene_src_genus 
_entity_src_gen.pdbx_gene_src_gene 
_entity_src_gen.gene_src_species 
_entity_src_gen.gene_src_strain 
_entity_src_gen.gene_src_tissue 
_entity_src_gen.gene_src_tissue_fraction 
_entity_src_gen.gene_src_details 
_entity_src_gen.pdbx_gene_src_fragment 
_entity_src_gen.pdbx_gene_src_scientific_name 
_entity_src_gen.pdbx_gene_src_ncbi_taxonomy_id 
_entity_src_gen.pdbx_gene_src_variant 
_entity_src_gen.pdbx_gene_src_cell_line 
_entity_src_gen.pdbx_gene_src_atcc 
_entity_src_gen.pdbx_gene_src_organ 
_entity_src_gen.pdbx_gene_src_organelle 
_entity_src_gen.pdbx_gene_src_cell 
_entity_src_gen.pdbx_gene_src_cellular_location 
_entity_src_gen.host_org_common_name 
_entity_src_gen.pdbx_host_org_scientific_name 
_entity_src_gen.pdbx_host_org_ncbi_taxonomy_id 
_entity_src_gen.host_org_genus 
_entity_src_gen.pdbx_host_org_gene 
_entity_src_gen.pdbx_host_org_organ 
_entity_src_gen.host_org_species 
_entity_src_gen.pdbx_host_org_tissue 
_entity_src_gen.pdbx_host_org_tissue_fraction 
_entity_src_gen.pdbx_host_org_strain 
_entity_src_gen.pdbx_host_org_variant 
_entity_src_gen.pdbx_host_org_cell_line 
_entity_src_gen.pdbx_host_org_atcc 
_entity_src_gen.pdbx_host_org_culture_collection 
_entity_src_gen.pdbx_host_org_cell 
_entity_src_gen.pdbx_host_org_organelle 
_entity_src_gen.pdbx_host_org_cellular_location 
_entity_src_gen.pdbx_host_org_vector_type 
_entity_src_gen.pdbx_host_org_vector 
_entity_src_gen.host_org_details 
_entity_src_gen.expression_system_id 
_entity_src_gen.plasmid_name 
_entity_src_gen.plasmid_details 
_entity_src_gen.pdbx_description 
1 1 sample ? 7   101 rat ? 'Mrt1, Kcnj9' ? ? ? ? ? ? 'Rattus norvegicus' 10116 ? ? ? ? ? ? ? ? 'Escherichia coli' 469008 ? ? ? ? ? 
? 'BL21(DE3)' ? ? ? ? ? ? ? ? ? ? ? ? ? ? 
1 2 sample ? 102 107 rat ? 'Mrt1, Kcnj9' ? ? ? ? ? ? 'Rattus norvegicus' 10116 ? ? ? ? ? ? ? ? 'Escherichia coli' 469008 ? ? ? ? ? 
? 'BL21(DE3)' ? ? ? ? ? ? ? ? ? ? ? ? ? ? 
# 
loop_
_struct_ref.id 
_struct_ref.db_name 
_struct_ref.db_code 
_struct_ref.pdbx_db_accession 
_struct_ref.entity_id 
_struct_ref.pdbx_seq_one_letter_code 
_struct_ref.pdbx_align_begin 
_struct_ref.pdbx_db_isoform 
1 UNP SNX27_RAT Q8K4V4 1 
;PRVVRIVKSESGYGFNVRGQVSEGGQLRSINGELYAPLQHVSAVLPGGAADRAGVRKGDRILEVNGVNVEGATHKQVVDL
IRAGEKELILTVLSV
;
39  ? 
2 UNP IRK9_RAT  Q63511 1 ESESKV                                                                                             388 ? 
# 
loop_
_struct_ref_seq.align_id 
_struct_ref_seq.ref_id 
_struct_ref_seq.pdbx_PDB_id_code 
_struct_ref_seq.pdbx_strand_id 
_struct_ref_seq.seq_align_beg 
_struct_ref_seq.pdbx_seq_align_beg_ins_code 
_struct_ref_seq.seq_align_end 
_struct_ref_seq.pdbx_seq_align_end_ins_code 
_struct_ref_seq.pdbx_db_accession 
_struct_ref_seq.db_align_beg 
_struct_ref_seq.pdbx_db_align_beg_ins_code 
_struct_ref_seq.db_align_end 
_struct_ref_seq.pdbx_db_align_end_ins_code 
_struct_ref_seq.pdbx_auth_seq_align_beg 
_struct_ref_seq.pdbx_auth_seq_align_end 
1 1 3QE1 A 7   ? 101 ? Q8K4V4 39  ? 133 ? 39  133 
2 2 3QE1 A 102 ? 107 ? Q63511 388 ? 393 ? 201 206 
# 
loop_
_struct_ref_seq_dif.align_id 
_struct_ref_seq_dif.pdbx_pdb_id_code 
_struct_ref_seq_dif.mon_id 
_struct_ref_seq_dif.pdbx_pdb_strand_id 
_struct_ref_seq_dif.seq_num 
_struct_ref_seq_dif.pdbx_pdb_ins_code 
_struct_ref_seq_dif.pdbx_seq_db_name 
_struct_ref_seq_dif.pdbx_seq_db_accession_code 
_struct_ref_seq_dif.db_mon_id 
_struct_ref_seq_dif.pdbx_seq_db_seq_num 
_struct_ref_seq_dif.details 
_struct_ref_seq_dif.pdbx_auth_seq_num 
_struct_ref_seq_dif.pdbx_ordinal 
1 3QE1 GLY A 1 ? UNP Q8K4V4 ? ? 'expression tag' 1 1 
1 3QE1 SER A 2 ? UNP Q8K4V4 ? ? 'expression tag' 2 2 
1 3QE1 HIS A 3 ? UNP Q8K4V4 ? ? 'expression tag' 3 3 
1 3QE1 GLY A 4 ? UNP Q8K4V4 ? ? 'expression tag' 4 4 
1 3QE1 GLY A 5 ? UNP Q8K4V4 ? ? 'expression tag' 5 5 
1 3QE1 SER A 6 ? UNP Q8K4V4 ? ? 'expression tag' 6 6 
# 
loop_
_chem_comp.id 
_chem_comp.type 
_chem_comp.mon_nstd_flag 
_chem_comp.name 
_chem_comp.pdbx_synonyms 
_chem_comp.formula 
_chem_comp.formula_weight 
ALA 'L-peptide linking' y ALANINE         ? 'C3 H7 N O2'     89.093  
ARG 'L-peptide linking' y ARGININE        ? 'C6 H15 N4 O2 1' 175.209 
ASN 'L-peptide linking' y ASPARAGINE      ? 'C4 H8 N2 O3'    132.118 
ASP 'L-peptide linking' y 'ASPARTIC ACID' ? 'C4 H7 N O4'     133.103 
GLN 'L-peptide linking' y GLUTAMINE       ? 'C5 H10 N2 O3'   146.144 
GLU 'L-peptide linking' y 'GLUTAMIC ACID' ? 'C5 H9 N O4'     147.129 
GLY 'peptide linking'   y GLYCINE         ? 'C2 H5 N O2'     75.067  
HIS 'L-peptide linking' y HISTIDINE       ? 'C6 H10 N3 O2 1' 156.162 
HOH non-polymer         . WATER           ? 'H2 O'           18.015  
ILE 'L-peptide linking' y ISOLEUCINE      ? 'C6 H13 N O2'    131.173 
LEU 'L-peptide linking' y LEUCINE         ? 'C6 H13 N O2'    131.173 
LYS 'L-peptide linking' y LYSINE          ? 'C6 H15 N2 O2 1' 147.195 
PHE 'L-peptide linking' y PHENYLALANINE   ? 'C9 H11 N O2'    165.189 
PRO 'L-peptide linking' y PROLINE         ? 'C5 H9 N O2'     115.130 
SER 'L-peptide linking' y SERINE          ? 'C3 H7 N O3'     105.093 
THR 'L-peptide linking' y THREONINE       ? 'C4 H9 N O3'     119.119 
TYR 'L-peptide linking' y TYROSINE        ? 'C9 H11 N O3'    181.189 
VAL 'L-peptide linking' y VALINE          ? 'C5 H11 N O2'    117.146 
# 
_exptl.entry_id          3QE1 
_exptl.method            'X-RAY DIFFRACTION' 
_exptl.crystals_number   1 
# 
_exptl_crystal.id                    1 
_exptl_crystal.density_meas          ? 
_exptl_crystal.density_Matthews      2.09 
_exptl_crystal.density_percent_sol   41.11 
_exptl_crystal.description           ? 
_exptl_crystal.F_000                 ? 
_exptl_crystal.preparation           ? 
# 
_exptl_crystal_grow.crystal_id      1 
_exptl_crystal_grow.method          'VAPOR DIFFUSION, HANGING DROP' 
_exptl_crystal_grow.temp            298 
_exptl_crystal_grow.temp_details    ? 
_exptl_crystal_grow.pH              7.5 
_exptl_crystal_grow.pdbx_details    
'0.2 M calcium chloride, 0.1 M HEPES, 28% v/v PEG400, pH 7.5, VAPOR DIFFUSION, HANGING DROP, temperature 298K' 
_exptl_crystal_grow.pdbx_pH_range   ? 
# 
_diffrn.id                     1 
_diffrn.ambient_temp           100 
_diffrn.ambient_temp_details   ? 
_diffrn.crystal_id             1 
# 
_diffrn_detector.diffrn_id              1 
_diffrn_detector.detector               'IMAGE PLATE' 
_diffrn_detector.type                   'RIGAKU RAXIS IV++' 
_diffrn_detector.pdbx_collection_date   2008-08-26 
_diffrn_detector.details                mirrors 
# 
_diffrn_radiation.diffrn_id                        1 
_diffrn_radiation.wavelength_id                    1 
_diffrn_radiation.pdbx_monochromatic_or_laue_m_l   M 
_diffrn_radiation.monochromator                    mirrors 
_diffrn_radiation.pdbx_diffrn_protocol             'SINGLE WAVELENGTH' 
_diffrn_radiation.pdbx_scattering_type             x-ray 
# 
_diffrn_radiation_wavelength.id           1 
_diffrn_radiation_wavelength.wavelength   1.5418 
_diffrn_radiation_wavelength.wt           1.0 
# 
_diffrn_source.diffrn_id                   1 
_diffrn_source.source                      'ROTATING ANODE' 
_diffrn_source.type                        'RIGAKU MICROMAX-007' 
_diffrn_source.pdbx_synchrotron_site       ? 
_diffrn_source.pdbx_synchrotron_beamline   ? 
_diffrn_source.pdbx_wavelength             1.5418 
_diffrn_source.pdbx_wavelength_list        ? 
# 
_reflns.entry_id                     3QE1 
_reflns.observed_criterion_sigma_I   ? 
_reflns.observed_criterion_sigma_F   0 
_reflns.d_resolution_low             50 
_reflns.d_resolution_high            1.68 
_reflns.number_obs                   8921 
_reflns.number_all                   ? 
_reflns.percent_possible_obs         86.3 
_reflns.pdbx_Rmerge_I_obs            0.039 
_reflns.pdbx_Rsym_value              ? 
_reflns.pdbx_netI_over_sigmaI        39.53 
_reflns.B_iso_Wilson_estimate        39.25 
_reflns.pdbx_redundancy              4.8 
_reflns.R_free_details               ? 
_reflns.limit_h_max                  ? 
_reflns.limit_h_min                  ? 
_reflns.limit_k_max                  ? 
_reflns.limit_k_min                  ? 
_reflns.limit_l_max                  ? 
_reflns.limit_l_min                  ? 
_reflns.observed_criterion_F_max     ? 
_reflns.observed_criterion_F_min     ? 
_reflns.pdbx_chi_squared             ? 
_reflns.pdbx_scaling_rejects         ? 
_reflns.pdbx_diffrn_id               1 
_reflns.pdbx_ordinal                 1 
# 
_reflns_shell.d_res_high             1.68 
_reflns_shell.d_res_low              1.71 
_reflns_shell.percent_possible_all   45.2 
_reflns_shell.Rmerge_I_obs           0.174 
_reflns_shell.pdbx_Rsym_value        ? 
_reflns_shell.meanI_over_sigI_obs    6.68 
_reflns_shell.pdbx_redundancy        3.3 
_reflns_shell.percent_possible_obs   ? 
_reflns_shell.number_unique_all      232 
_reflns_shell.number_measured_all    ? 
_reflns_shell.number_measured_obs    ? 
_reflns_shell.number_unique_obs      ? 
_reflns_shell.pdbx_chi_squared       ? 
_reflns_shell.pdbx_diffrn_id         ? 
_reflns_shell.pdbx_ordinal           1 
# 
_refine.entry_id                                 3QE1 
_refine.ls_number_reflns_obs                     8503 
_refine.ls_number_reflns_all                     ? 
_refine.pdbx_ls_sigma_I                          ? 
_refine.pdbx_ls_sigma_F                          0.0 
_refine.pdbx_data_cutoff_high_absF               ? 
_refine.pdbx_data_cutoff_low_absF                ? 
_refine.pdbx_data_cutoff_high_rms_absF           ? 
_refine.ls_d_res_low                             37.90 
_refine.ls_d_res_high                            1.68 
_refine.ls_percent_reflns_obs                    89.05 
_refine.ls_R_factor_obs                          0.16090 
_refine.ls_R_factor_all                          ? 
_refine.ls_R_factor_R_work                       0.15804 
_refine.ls_R_factor_R_free                       0.22276 
_refine.ls_R_factor_R_free_error                 ? 
_refine.ls_R_factor_R_free_error_details         ? 
_refine.ls_percent_reflns_R_free                 4.7 
_refine.ls_number_reflns_R_free                  417 
_refine.ls_number_parameters                     ? 
_refine.ls_number_restraints                     ? 
_refine.occupancy_min                            ? 
_refine.occupancy_max                            ? 
_refine.correlation_coeff_Fo_to_Fc               0.970 
_refine.correlation_coeff_Fo_to_Fc_free          0.932 
_refine.B_iso_mean                               21.419 
_refine.aniso_B[1][1]                            0.07 
_refine.aniso_B[2][2]                            0.07 
_refine.aniso_B[3][3]                            -0.10 
_refine.aniso_B[1][2]                            0.03 
_refine.aniso_B[1][3]                            0.00 
_refine.aniso_B[2][3]                            0.00 
_refine.solvent_model_details                    MASK 
_refine.solvent_model_param_ksol                 ? 
_refine.solvent_model_param_bsol                 ? 
_refine.pdbx_solvent_vdw_probe_radii             1.40 
_refine.pdbx_solvent_ion_probe_radii             0.80 
_refine.pdbx_solvent_shrinkage_radii             0.80 
_refine.pdbx_ls_cross_valid_method               THROUGHOUT 
_refine.details                                  
;HYDROGENS HAVE BEEN ADDED IN THE RIDING POSITIONS  
U VALUES: REFINED INDIVIDUALLY
;
_refine.pdbx_starting_model                      'PDB ENTRY 2OCS' 
_refine.pdbx_method_to_determine_struct          'MOLECULAR REPLACEMENT' 
_refine.pdbx_isotropic_thermal_model             ? 
_refine.pdbx_stereochemistry_target_values       'MAXIMUM LIKELIHOOD' 
_refine.pdbx_stereochem_target_val_spec_case     ? 
_refine.pdbx_R_Free_selection_details            RANDOM 
_refine.pdbx_overall_ESU_R_Free                  0.127 
_refine.overall_SU_ML                            0.074 
_refine.overall_SU_B                             2.178 
_refine.overall_SU_R_Cruickshank_DPI             ? 
_refine.ls_redundancy_reflns_obs                 ? 
_refine.B_iso_min                                ? 
_refine.B_iso_max                                ? 
_refine.overall_SU_R_free                        ? 
_refine.ls_wR_factor_R_free                      ? 
_refine.ls_wR_factor_R_work                      ? 
_refine.overall_FOM_free_R_set                   ? 
_refine.overall_FOM_work_R_set                   ? 
_refine.pdbx_overall_phase_error                 ? 
_refine.pdbx_refine_id                           'X-RAY DIFFRACTION' 
_refine.pdbx_overall_ESU_R                       0.118 
_refine.pdbx_diffrn_id                           1 
_refine.pdbx_TLS_residual_ADP_flag               ? 
_refine.pdbx_overall_SU_R_free_Cruickshank_DPI   ? 
_refine.pdbx_overall_SU_R_Blow_DPI               ? 
_refine.pdbx_overall_SU_R_free_Blow_DPI          ? 
# 
_refine_hist.pdbx_refine_id                   'X-RAY DIFFRACTION' 
_refine_hist.cycle_id                         LAST 
_refine_hist.pdbx_number_atoms_protein        762 
_refine_hist.pdbx_number_atoms_nucleic_acid   0 
_refine_hist.pdbx_number_atoms_ligand         0 
_refine_hist.number_atoms_solvent             120 
_refine_hist.number_atoms_total               882 
_refine_hist.d_res_high                       1.68 
_refine_hist.d_res_low                        37.90 
# 
loop_
_refine_ls_restr.type 
_refine_ls_restr.dev_ideal 
_refine_ls_restr.dev_ideal_target 
_refine_ls_restr.weight 
_refine_ls_restr.number 
_refine_ls_restr.pdbx_refine_id 
_refine_ls_restr.pdbx_restraint_function 
r_bond_refined_d             0.024  0.022  ? 769  'X-RAY DIFFRACTION' ? 
r_bond_other_d               ?      ?      ? ?    'X-RAY DIFFRACTION' ? 
r_angle_refined_deg          1.976  1.979  ? 1037 'X-RAY DIFFRACTION' ? 
r_angle_other_deg            ?      ?      ? ?    'X-RAY DIFFRACTION' ? 
r_dihedral_angle_1_deg       5.910  5.000  ? 101  'X-RAY DIFFRACTION' ? 
r_dihedral_angle_2_deg       37.940 23.636 ? 33   'X-RAY DIFFRACTION' ? 
r_dihedral_angle_3_deg       15.054 15.000 ? 137  'X-RAY DIFFRACTION' ? 
r_dihedral_angle_4_deg       23.174 15.000 ? 8    'X-RAY DIFFRACTION' ? 
r_chiral_restr               0.127  0.200  ? 121  'X-RAY DIFFRACTION' ? 
r_gen_planes_refined         0.010  0.021  ? 575  'X-RAY DIFFRACTION' ? 
r_gen_planes_other           ?      ?      ? ?    'X-RAY DIFFRACTION' ? 
r_nbd_refined                ?      ?      ? ?    'X-RAY DIFFRACTION' ? 
r_nbd_other                  ?      ?      ? ?    'X-RAY DIFFRACTION' ? 
r_nbtor_refined              ?      ?      ? ?    'X-RAY DIFFRACTION' ? 
r_nbtor_other                ?      ?      ? ?    'X-RAY DIFFRACTION' ? 
r_xyhbond_nbd_refined        ?      ?      ? ?    'X-RAY DIFFRACTION' ? 
r_xyhbond_nbd_other          ?      ?      ? ?    'X-RAY DIFFRACTION' ? 
r_metal_ion_refined          ?      ?      ? ?    'X-RAY DIFFRACTION' ? 
r_metal_ion_other            ?      ?      ? ?    'X-RAY DIFFRACTION' ? 
r_symmetry_vdw_refined       ?      ?      ? ?    'X-RAY DIFFRACTION' ? 
r_symmetry_vdw_other         ?      ?      ? ?    'X-RAY DIFFRACTION' ? 
r_symmetry_hbond_refined     ?      ?      ? ?    'X-RAY DIFFRACTION' ? 
r_symmetry_hbond_other       ?      ?      ? ?    'X-RAY DIFFRACTION' ? 
r_symmetry_metal_ion_refined ?      ?      ? ?    'X-RAY DIFFRACTION' ? 
r_symmetry_metal_ion_other   ?      ?      ? ?    'X-RAY DIFFRACTION' ? 
r_mcbond_it                  1.337  1.500  ? 500  'X-RAY DIFFRACTION' ? 
r_mcbond_other               ?      ?      ? ?    'X-RAY DIFFRACTION' ? 
r_mcangle_it                 2.319  2.000  ? 801  'X-RAY DIFFRACTION' ? 
r_scbond_it                  3.466  3.000  ? 269  'X-RAY DIFFRACTION' ? 
r_scangle_it                 5.898  4.500  ? 236  'X-RAY DIFFRACTION' ? 
r_rigid_bond_restr           ?      ?      ? ?    'X-RAY DIFFRACTION' ? 
r_sphericity_free            ?      ?      ? ?    'X-RAY DIFFRACTION' ? 
r_sphericity_bonded          ?      ?      ? ?    'X-RAY DIFFRACTION' ? 
# 
_refine_ls_shell.pdbx_total_number_of_bins_used   20 
_refine_ls_shell.d_res_high                       1.679 
_refine_ls_shell.d_res_low                        1.723 
_refine_ls_shell.number_reflns_R_work             352 
_refine_ls_shell.R_factor_R_work                  0.264 
_refine_ls_shell.percent_reflns_obs               48.04 
_refine_ls_shell.R_factor_R_free                  0.351 
_refine_ls_shell.R_factor_R_free_error            ? 
_refine_ls_shell.percent_reflns_R_free            ? 
_refine_ls_shell.number_reflns_R_free             16 
_refine_ls_shell.number_reflns_all                ? 
_refine_ls_shell.R_factor_all                     ? 
_refine_ls_shell.number_reflns_obs                368 
_refine_ls_shell.redundancy_reflns_obs            ? 
_refine_ls_shell.pdbx_refine_id                   'X-RAY DIFFRACTION' 
# 
_struct.entry_id                  3QE1 
_struct.title                     
'Crystal Structure of PDZ domain of sorting nexin 27 (SNX27) fused to the C-terminal residues (ESESKV) of GIRK3' 
_struct.pdbx_model_details        ? 
_struct.pdbx_CASP_flag            ? 
_struct.pdbx_model_type_details   ? 
# 
_struct_keywords.entry_id        3QE1 
_struct_keywords.pdbx_keywords   'PROTEIN BINDING' 
_struct_keywords.text            'PDZ domain, PDZ binding, GIRK3 regulation, early endosomes, brain, neurons, PROTEIN BINDING' 
# 
loop_
_struct_asym.id 
_struct_asym.pdbx_blank_PDB_chainid_flag 
_struct_asym.pdbx_modified 
_struct_asym.entity_id 
_struct_asym.details 
A N N 1 ? 
B N N 2 ? 
# 
_struct_biol.id        1 
_struct_biol.details   ? 
# 
loop_
_struct_conf.conf_type_id 
_struct_conf.id 
_struct_conf.pdbx_PDB_helix_id 
_struct_conf.beg_label_comp_id 
_struct_conf.beg_label_asym_id 
_struct_conf.beg_label_seq_id 
_struct_conf.pdbx_beg_PDB_ins_code 
_struct_conf.end_label_comp_id 
_struct_conf.end_label_asym_id 
_struct_conf.end_label_seq_id 
_struct_conf.pdbx_end_PDB_ins_code 
_struct_conf.beg_auth_comp_id 
_struct_conf.beg_auth_asym_id 
_struct_conf.beg_auth_seq_id 
_struct_conf.end_auth_comp_id 
_struct_conf.end_auth_asym_id 
_struct_conf.end_auth_seq_id 
_struct_conf.pdbx_PDB_helix_class 
_struct_conf.details 
_struct_conf.pdbx_PDB_helix_length 
HELX_P HELX_P1 1 GLY A 54 ? GLY A 60 ? GLY A 86  GLY A 92  1 ? 7  
HELX_P HELX_P2 2 THR A 79 ? GLY A 90 ? THR A 111 GLY A 122 1 ? 12 
# 
_struct_conf_type.id          HELX_P 
_struct_conf_type.criteria    ? 
_struct_conf_type.reference   ? 
# 
loop_
_struct_sheet.id 
_struct_sheet.type 
_struct_sheet.number_strands 
_struct_sheet.details 
A ? 5 ? 
B ? 4 ? 
C ? 2 ? 
# 
loop_
_struct_sheet_order.sheet_id 
_struct_sheet_order.range_id_1 
_struct_sheet_order.range_id_2 
_struct_sheet_order.offset 
_struct_sheet_order.sense 
A 1 2 ? anti-parallel 
A 2 3 ? anti-parallel 
A 3 4 ? anti-parallel 
A 4 5 ? anti-parallel 
B 1 2 ? anti-parallel 
B 2 3 ? anti-parallel 
B 3 4 ? anti-parallel 
C 1 2 ? anti-parallel 
# 
loop_
_struct_sheet_range.sheet_id 
_struct_sheet_range.id 
_struct_sheet_range.beg_label_comp_id 
_struct_sheet_range.beg_label_asym_id 
_struct_sheet_range.beg_label_seq_id 
_struct_sheet_range.pdbx_beg_PDB_ins_code 
_struct_sheet_range.end_label_comp_id 
_struct_sheet_range.end_label_asym_id 
_struct_sheet_range.end_label_seq_id 
_struct_sheet_range.pdbx_end_PDB_ins_code 
_struct_sheet_range.beg_auth_comp_id 
_struct_sheet_range.beg_auth_asym_id 
_struct_sheet_range.beg_auth_seq_id 
_struct_sheet_range.end_auth_comp_id 
_struct_sheet_range.end_auth_asym_id 
_struct_sheet_range.end_auth_seq_id 
A 1 ARG A 8  ? VAL A 13 ? ARG A 40  VAL A 45  
A 2 GLU A 93 ? LEU A 99 ? GLU A 125 LEU A 131 
A 3 ARG A 66 ? VAL A 70 ? ARG A 98  VAL A 102 
A 4 GLN A 45 ? VAL A 50 ? GLN A 77  VAL A 82  
A 5 PHE A 21 ? ARG A 24 ? PHE A 53  ARG A 56  
B 1 ARG A 8  ? VAL A 13 ? ARG A 40  VAL A 45  
B 2 GLU A 93 ? LEU A 99 ? GLU A 125 LEU A 131 
B 3 ARG A 66 ? VAL A 70 ? ARG A 98  VAL A 102 
B 4 VAL A 73 ? ASN A 74 ? VAL A 105 ASN A 106 
C 1 ARG A 34 ? SER A 35 ? ARG A 66  SER A 67  
C 2 LEU A 40 ? TYR A 41 ? LEU A 72  TYR A 73  
# 
loop_
_pdbx_struct_sheet_hbond.sheet_id 
_pdbx_struct_sheet_hbond.range_id_1 
_pdbx_struct_sheet_hbond.range_id_2 
_pdbx_struct_sheet_hbond.range_1_label_atom_id 
_pdbx_struct_sheet_hbond.range_1_label_comp_id 
_pdbx_struct_sheet_hbond.range_1_label_asym_id 
_pdbx_struct_sheet_hbond.range_1_label_seq_id 
_pdbx_struct_sheet_hbond.range_1_PDB_ins_code 
_pdbx_struct_sheet_hbond.range_1_auth_atom_id 
_pdbx_struct_sheet_hbond.range_1_auth_comp_id 
_pdbx_struct_sheet_hbond.range_1_auth_asym_id 
_pdbx_struct_sheet_hbond.range_1_auth_seq_id 
_pdbx_struct_sheet_hbond.range_2_label_atom_id 
_pdbx_struct_sheet_hbond.range_2_label_comp_id 
_pdbx_struct_sheet_hbond.range_2_label_asym_id 
_pdbx_struct_sheet_hbond.range_2_label_seq_id 
_pdbx_struct_sheet_hbond.range_2_PDB_ins_code 
_pdbx_struct_sheet_hbond.range_2_auth_atom_id 
_pdbx_struct_sheet_hbond.range_2_auth_comp_id 
_pdbx_struct_sheet_hbond.range_2_auth_asym_id 
_pdbx_struct_sheet_hbond.range_2_auth_seq_id 
A 1 2 N VAL A 10 ? N VAL A 42  O LEU A 96 ? O LEU A 128 
A 2 3 O LEU A 99 ? O LEU A 131 N ARG A 66 ? N ARG A 98  
A 3 4 O ILE A 67 ? O ILE A 99  N GLN A 45 ? N GLN A 77  
A 4 5 O HIS A 46 ? O HIS A 78  N ARG A 24 ? N ARG A 56  
B 1 2 N VAL A 10 ? N VAL A 42  O LEU A 96 ? O LEU A 128 
B 2 3 O LEU A 99 ? O LEU A 131 N ARG A 66 ? N ARG A 98  
B 3 4 N VAL A 70 ? N VAL A 102 O VAL A 73 ? O VAL A 105 
C 1 2 N ARG A 34 ? N ARG A 66  O TYR A 41 ? O TYR A 73  
# 
_atom_sites.entry_id                    3QE1 
_atom_sites.fract_transf_matrix[1][1]   0.01394555 
_atom_sites.fract_transf_matrix[1][2]   -0.00031659 
_atom_sites.fract_transf_matrix[1][3]   0.00612890 
_atom_sites.fract_transf_matrix[2][1]   0.00406937 
_atom_sites.fract_transf_matrix[2][2]   0.01053894 
_atom_sites.fract_transf_matrix[2][3]   0.01022285 
_atom_sites.fract_transf_matrix[3][1]   -0.00824144 
_atom_sites.fract_transf_matrix[3][2]   -0.01429158 
_atom_sites.fract_transf_matrix[3][3]   0.01801410 
_atom_sites.fract_transf_vector[1]      0.154542 
_atom_sites.fract_transf_vector[2]      0.309179 
_atom_sites.fract_transf_vector[3]      0.685697 
# 
loop_
_atom_type.symbol 
C 
N 
O 
# 
loop_
_atom_site.group_PDB 
_atom_site.id 
_atom_site.type_symbol 
_atom_site.label_atom_id 
_atom_site.label_alt_id 
_atom_site.label_comp_id 
_atom_site.label_asym_id 
_atom_site.label_entity_id 
_atom_site.label_seq_id 
_atom_site.pdbx_PDB_ins_code 
_atom_site.Cartn_x 
_atom_site.Cartn_y 
_atom_site.Cartn_z 
_atom_site.occupancy 
_atom_site.B_iso_or_equiv 
_atom_site.pdbx_formal_charge 
_atom_site.auth_seq_id 
_atom_site.auth_comp_id 
_atom_site.auth_asym_id 
_atom_site.auth_atom_id 
_atom_site.pdbx_PDB_model_num 
ATOM   1   N N   . SER A 1 6   ? 3.730   9.889   9.735   1.00 26.72 ? 6   SER A N   1 
ATOM   2   C CA  . SER A 1 6   ? 2.237   10.133  9.632   1.00 23.65 ? 6   SER A CA  1 
ATOM   3   C C   . SER A 1 6   ? 1.652   9.642   8.263   1.00 22.23 ? 6   SER A C   1 
ATOM   4   O O   . SER A 1 6   ? 2.369   9.711   7.239   1.00 22.18 ? 6   SER A O   1 
ATOM   5   C CB  . SER A 1 6   ? 1.941   11.622  9.805   1.00 25.04 ? 6   SER A CB  1 
ATOM   6   O OG  . SER A 1 6   ? 2.477   12.388  8.726   1.00 29.37 ? 6   SER A OG  1 
ATOM   7   N N   . PRO A 1 7   ? 0.356   9.211   8.234   1.00 21.33 ? 39  PRO A N   1 
ATOM   8   C CA  . PRO A 1 7   ? -0.156  8.583   6.991   1.00 19.71 ? 39  PRO A CA  1 
ATOM   9   C C   . PRO A 1 7   ? -0.214  9.549   5.829   1.00 18.43 ? 39  PRO A C   1 
ATOM   10  O O   . PRO A 1 7   ? -0.696  10.681  6.000   1.00 19.52 ? 39  PRO A O   1 
ATOM   11  C CB  . PRO A 1 7   ? -1.576  8.130   7.340   1.00 19.06 ? 39  PRO A CB  1 
ATOM   12  C CG  . PRO A 1 7   ? -1.788  8.521   8.688   1.00 22.43 ? 39  PRO A CG  1 
ATOM   13  C CD  . PRO A 1 7   ? -0.590  9.027   9.339   1.00 21.55 ? 39  PRO A CD  1 
ATOM   14  N N   . ARG A 1 8   ? 0.313   9.140   4.674   1.00 15.04 ? 40  ARG A N   1 
ATOM   15  C CA  . ARG A 1 8   ? 0.386   10.016  3.523   1.00 14.58 ? 40  ARG A CA  1 
ATOM   16  C C   . ARG A 1 8   ? -0.420  9.434   2.351   1.00 14.59 ? 40  ARG A C   1 
ATOM   17  O O   . ARG A 1 8   ? -0.645  8.254   2.298   1.00 14.79 ? 40  ARG A O   1 
ATOM   18  C CB  . ARG A 1 8   ? 1.831   10.290  3.108   1.00 15.19 ? 40  ARG A CB  1 
ATOM   19  C CG  . ARG A 1 8   ? 2.498   9.130   2.451   1.00 15.33 ? 40  ARG A CG  1 
ATOM   20  C CD  . ARG A 1 8   ? 4.032   9.350   2.385   1.00 14.26 ? 40  ARG A CD  1 
ATOM   21  N NE  . ARG A 1 8   ? 4.548   8.203   1.582   1.00 14.07 ? 40  ARG A NE  1 
ATOM   22  C CZ  . ARG A 1 8   ? 4.709   8.203   0.248   1.00 13.08 ? 40  ARG A CZ  1 
ATOM   23  N NH1 . ARG A 1 8   ? 4.473   9.271   -0.523  1.00 13.23 ? 40  ARG A NH1 1 
ATOM   24  N NH2 . ARG A 1 8   ? 5.084   7.053   -0.337  1.00 15.04 ? 40  ARG A NH2 1 
ATOM   25  N N   . VAL A 1 9   ? -0.848  10.278  1.413   1.00 14.87 ? 41  VAL A N   1 
ATOM   26  C CA  . VAL A 1 9   ? -1.808  9.822   0.370   1.00 14.23 ? 41  VAL A CA  1 
ATOM   27  C C   . VAL A 1 9   ? -1.059  9.869   -0.932  1.00 14.72 ? 41  VAL A C   1 
ATOM   28  O O   . VAL A 1 9   ? -0.294  10.793  -1.197  1.00 15.77 ? 41  VAL A O   1 
ATOM   29  C CB  . VAL A 1 9   ? -3.056  10.742  0.331   1.00 16.43 ? 41  VAL A CB  1 
ATOM   30  C CG1 . VAL A 1 9   ? -4.026  10.262  -0.703  1.00 14.82 ? 41  VAL A CG1 1 
ATOM   31  C CG2 . VAL A 1 9   ? -3.747  10.752  1.697   1.00 16.33 ? 41  VAL A CG2 1 
ATOM   32  N N   . VAL A 1 10  ? -1.220  8.826   -1.720  1.00 14.32 ? 42  VAL A N   1 
ATOM   33  C CA  . VAL A 1 10  ? -0.513  8.705   -3.006  1.00 14.32 ? 42  VAL A CA  1 
ATOM   34  C C   . VAL A 1 10  ? -1.508  8.224   -4.083  1.00 13.99 ? 42  VAL A C   1 
ATOM   35  O O   . VAL A 1 10  ? -2.302  7.311   -3.860  1.00 14.82 ? 42  VAL A O   1 
ATOM   36  C CB  . VAL A 1 10  ? 0.772   7.809   -2.940  1.00 15.22 ? 42  VAL A CB  1 
ATOM   37  C CG1 . VAL A 1 10  ? 0.516   6.427   -2.582  1.00 21.41 ? 42  VAL A CG1 1 
ATOM   38  C CG2 . VAL A 1 10  ? 1.482   7.847   -4.281  1.00 16.22 ? 42  VAL A CG2 1 
ATOM   39  N N   . ARG A 1 11  ? -1.447  8.873   -5.235  1.00 14.16 ? 43  ARG A N   1 
ATOM   40  C CA  . ARG A 1 11  ? -2.278  8.479   -6.390  1.00 14.02 ? 43  ARG A CA  1 
ATOM   41  C C   . ARG A 1 11  ? -1.389  7.815   -7.436  1.00 13.81 ? 43  ARG A C   1 
ATOM   42  O O   . ARG A 1 11  ? -0.341  8.381   -7.783  1.00 14.01 ? 43  ARG A O   1 
ATOM   43  C CB  . ARG A 1 11  ? -2.952  9.721   -6.994  1.00 14.50 ? 43  ARG A CB  1 
ATOM   44  C CG  . ARG A 1 11  ? -3.682  9.431   -8.261  1.00 16.43 ? 43  ARG A CG  1 
ATOM   45  C CD  . ARG A 1 11  ? -4.682  10.593  -8.496  1.00 21.36 ? 43  ARG A CD  1 
ATOM   46  N NE  . ARG A 1 11  ? -5.318  10.397  -9.794  1.00 25.04 ? 43  ARG A NE  1 
ATOM   47  C CZ  . ARG A 1 11  ? -4.826  10.831  -10.968 1.00 22.73 ? 43  ARG A CZ  1 
ATOM   48  N NH1 . ARG A 1 11  ? -3.676  11.494  -11.073 1.00 27.96 ? 43  ARG A NH1 1 
ATOM   49  N NH2 . ARG A 1 11  ? -5.546  10.587  -12.055 1.00 29.29 ? 43  ARG A NH2 1 
ATOM   50  N N   . ILE A 1 12  ? -1.850  6.677   -7.996  1.00 13.62 ? 44  ILE A N   1 
ATOM   51  C CA  . ILE A 1 12  ? -1.141  6.023   -9.047  1.00 13.92 ? 44  ILE A CA  1 
ATOM   52  C C   . ILE A 1 12  ? -2.130  5.752   -10.206 1.00 14.08 ? 44  ILE A C   1 
ATOM   53  O O   . ILE A 1 12  ? -3.230  5.282   -9.970  1.00 14.61 ? 44  ILE A O   1 
ATOM   54  C CB  . ILE A 1 12  ? -0.487  4.677   -8.540  1.00 13.68 ? 44  ILE A CB  1 
ATOM   55  C CG1 . ILE A 1 12  ? 0.207   4.836   -7.183  1.00 11.31 ? 44  ILE A CG1 1 
ATOM   56  C CG2 . ILE A 1 12  ? 0.477   4.094   -9.617  1.00 16.51 ? 44  ILE A CG2 1 
ATOM   57  C CD1 . ILE A 1 12  ? -0.662  4.425   -5.993  1.00 15.36 ? 44  ILE A CD1 1 
ATOM   58  N N   . VAL A 1 13  ? -1.738  6.130   -11.427 1.00 17.85 ? 45  VAL A N   1 
ATOM   59  C CA  . VAL A 1 13  ? -2.562  5.854   -12.638 1.00 18.39 ? 45  VAL A CA  1 
ATOM   60  C C   . VAL A 1 13  ? -1.989  4.607   -13.297 1.00 20.45 ? 45  VAL A C   1 
ATOM   61  O O   . VAL A 1 13  ? -0.791  4.536   -13.573 1.00 19.77 ? 45  VAL A O   1 
ATOM   62  C CB  . VAL A 1 13  ? -2.528  7.053   -13.654 1.00 18.76 ? 45  VAL A CB  1 
ATOM   63  C CG1 . VAL A 1 13  ? -3.380  6.705   -14.884 1.00 20.18 ? 45  VAL A CG1 1 
ATOM   64  C CG2 . VAL A 1 13  ? -3.066  8.307   -13.010 1.00 18.63 ? 45  VAL A CG2 1 
ATOM   65  N N   . LYS A 1 14  ? -2.827  3.629   -13.546 1.00 21.41 ? 46  LYS A N   1 
ATOM   66  C CA  . LYS A 1 14  ? -2.356  2.346   -14.116 1.00 23.56 ? 46  LYS A CA  1 
ATOM   67  C C   . LYS A 1 14  ? -1.716  2.519   -15.472 1.00 25.32 ? 46  LYS A C   1 
ATOM   68  O O   . LYS A 1 14  ? -2.253  3.230   -16.307 1.00 25.33 ? 46  LYS A O   1 
ATOM   69  C CB  . LYS A 1 14  ? -3.529  1.364   -14.205 1.00 24.35 ? 46  LYS A CB  1 
ATOM   70  C CG  . LYS A 1 14  ? -3.073  -0.066  -14.170 1.00 26.93 ? 46  LYS A CG  1 
ATOM   71  C CD  . LYS A 1 14  ? -4.170  -1.020  -14.597 1.00 33.02 ? 46  LYS A CD  1 
ATOM   72  C CE  . LYS A 1 14  ? -5.284  -1.052  -13.577 1.00 38.66 ? 46  LYS A CE  1 
ATOM   73  N NZ  . LYS A 1 14  ? -6.004  -2.387  -13.517 1.00 41.15 ? 46  LYS A NZ  1 
ATOM   74  N N   . SER A 1 15  ? -0.525  1.939   -15.662 1.00 26.07 ? 47  SER A N   1 
ATOM   75  C CA  . SER A 1 15  ? 0.079   1.837   -17.004 1.00 29.37 ? 47  SER A CA  1 
ATOM   76  C C   . SER A 1 15  ? -0.058  0.425   -17.614 1.00 31.35 ? 47  SER A C   1 
ATOM   77  O O   . SER A 1 15  ? -0.923  -0.366  -17.194 1.00 30.64 ? 47  SER A O   1 
ATOM   78  C CB  . SER A 1 15  ? 1.544   2.317   -17.001 1.00 30.28 ? 47  SER A CB  1 
ATOM   79  O OG  . SER A 1 15  ? 2.407   1.449   -16.300 1.00 32.81 ? 47  SER A OG  1 
ATOM   80  N N   . GLU A 1 16  ? 0.773   0.144   -18.629 1.00 35.23 ? 48  GLU A N   1 
ATOM   81  C CA  . GLU A 1 16  ? 0.856   -1.190  -19.304 1.00 38.25 ? 48  GLU A CA  1 
ATOM   82  C C   . GLU A 1 16  ? 1.377   -2.271  -18.347 1.00 37.67 ? 48  GLU A C   1 
ATOM   83  O O   . GLU A 1 16  ? 0.970   -3.424  -18.373 1.00 38.74 ? 48  GLU A O   1 
ATOM   84  C CB  . GLU A 1 16  ? 1.828   -1.160  -20.504 1.00 39.40 ? 48  GLU A CB  1 
ATOM   85  C CG  . GLU A 1 16  ? 2.165   0.233   -21.100 1.00 46.55 ? 48  GLU A CG  1 
ATOM   86  C CD  . GLU A 1 16  ? 2.490   0.154   -22.606 1.00 54.44 ? 48  GLU A CD  1 
ATOM   87  O OE1 . GLU A 1 16  ? 1.587   -0.277  -23.377 1.00 58.23 ? 48  GLU A OE1 1 
ATOM   88  O OE2 . GLU A 1 16  ? 3.636   0.513   -23.020 1.00 57.44 ? 48  GLU A OE2 1 
ATOM   89  N N   . SER A 1 17  ? 2.319   -1.878  -17.506 1.00 36.10 ? 49  SER A N   1 
ATOM   90  C CA  . SER A 1 17  ? 2.868   -2.774  -16.531 1.00 34.85 ? 49  SER A CA  1 
ATOM   91  C C   . SER A 1 17  ? 1.970   -2.932  -15.276 1.00 32.54 ? 49  SER A C   1 
ATOM   92  O O   . SER A 1 17  ? 2.476   -3.453  -14.269 1.00 33.63 ? 49  SER A O   1 
ATOM   93  C CB  . SER A 1 17  ? 4.315   -2.324  -16.143 1.00 35.70 ? 49  SER A CB  1 
ATOM   94  O OG  . SER A 1 17  ? 4.484   -0.889  -16.003 1.00 38.06 ? 49  SER A OG  1 
ATOM   95  N N   . GLY A 1 18  ? 0.694   -2.505  -15.358 1.00 28.44 ? 50  GLY A N   1 
ATOM   96  C CA  . GLY A 1 18  ? -0.270  -2.402  -14.209 1.00 24.10 ? 50  GLY A CA  1 
ATOM   97  C C   . GLY A 1 18  ? 0.115   -1.212  -13.317 1.00 19.57 ? 50  GLY A C   1 
ATOM   98  O O   . GLY A 1 18  ? 0.605   -0.224  -13.824 1.00 20.31 ? 50  GLY A O   1 
ATOM   99  N N   . TYR A 1 19  ? -0.086  -1.297  -12.003 1.00 15.87 ? 51  TYR A N   1 
ATOM   100 C CA  . TYR A 1 19  ? 0.401   -0.210  -11.110 1.00 14.48 ? 51  TYR A CA  1 
ATOM   101 C C   . TYR A 1 19  ? 1.848   -0.285  -10.827 1.00 15.30 ? 51  TYR A C   1 
ATOM   102 O O   . TYR A 1 19  ? 2.455   0.742   -10.447 1.00 15.28 ? 51  TYR A O   1 
ATOM   103 C CB  . TYR A 1 19  ? -0.411  -0.145  -9.790  1.00 13.65 ? 51  TYR A CB  1 
ATOM   104 C CG  . TYR A 1 19  ? -1.810  0.174   -10.024 1.00 12.10 ? 51  TYR A CG  1 
ATOM   105 C CD1 . TYR A 1 19  ? -2.180  1.490   -10.368 1.00 15.04 ? 51  TYR A CD1 1 
ATOM   106 C CD2 . TYR A 1 19  ? -2.803  -0.795  -9.891  1.00 13.24 ? 51  TYR A CD2 1 
ATOM   107 C CE1 . TYR A 1 19  ? -3.547  1.850   -10.564 1.00 16.04 ? 51  TYR A CE1 1 
ATOM   108 C CE2 . TYR A 1 19  ? -4.171  -0.460  -10.092 1.00 14.62 ? 51  TYR A CE2 1 
ATOM   109 C CZ  . TYR A 1 19  ? -4.526  0.887   -10.443 1.00 15.11 ? 51  TYR A CZ  1 
ATOM   110 O OH  . TYR A 1 19  ? -5.887  1.221   -10.681 1.00 18.05 ? 51  TYR A OH  1 
ATOM   111 N N   . GLY A 1 20  ? 2.446   -1.459  -11.027 1.00 13.71 ? 52  GLY A N   1 
ATOM   112 C CA  . GLY A 1 20  ? 3.875   -1.605  -10.856 1.00 14.29 ? 52  GLY A CA  1 
ATOM   113 C C   . GLY A 1 20  ? 4.391   -1.727  -9.427  1.00 13.91 ? 52  GLY A C   1 
ATOM   114 O O   . GLY A 1 20  ? 5.414   -1.131  -9.032  1.00 16.37 ? 52  GLY A O   1 
ATOM   115 N N   . PHE A 1 21  ? 3.725   -2.541  -8.631  1.00 13.53 ? 53  PHE A N   1 
ATOM   116 C CA  . PHE A 1 21  ? 4.254   -2.867  -7.316  1.00 14.83 ? 53  PHE A CA  1 
ATOM   117 C C   . PHE A 1 21  ? 3.668   -4.193  -6.837  1.00 14.85 ? 53  PHE A C   1 
ATOM   118 O O   . PHE A 1 21  ? 2.664   -4.673  -7.389  1.00 14.79 ? 53  PHE A O   1 
ATOM   119 C CB  . PHE A 1 21  ? 4.020   -1.691  -6.267  1.00 13.81 ? 53  PHE A CB  1 
ATOM   120 C CG  . PHE A 1 21  ? 2.541   -1.440  -5.873  1.00 12.62 ? 53  PHE A CG  1 
ATOM   121 C CD1 . PHE A 1 21  ? 2.012   -2.037  -4.681  1.00 13.13 ? 53  PHE A CD1 1 
ATOM   122 C CD2 . PHE A 1 21  ? 1.722   -0.592  -6.614  1.00 13.68 ? 53  PHE A CD2 1 
ATOM   123 C CE1 . PHE A 1 21  ? 0.667   -1.790  -4.259  1.00 13.00 ? 53  PHE A CE1 1 
ATOM   124 C CE2 . PHE A 1 21  ? 0.405   -0.350  -6.223  1.00 14.75 ? 53  PHE A CE2 1 
ATOM   125 C CZ  . PHE A 1 21  ? -0.123  -0.936  -5.042  1.00 15.04 ? 53  PHE A CZ  1 
ATOM   126 N N   . ASN A 1 22  ? 4.294   -4.756  -5.790  1.00 14.07 ? 54  ASN A N   1 
ATOM   127 C CA  . ASN A 1 22  ? 3.879   -6.012  -5.224  1.00 14.79 ? 54  ASN A CA  1 
ATOM   128 C C   . ASN A 1 22  ? 3.393   -5.717  -3.825  1.00 14.51 ? 54  ASN A C   1 
ATOM   129 O O   . ASN A 1 22  ? 3.967   -4.880  -3.129  1.00 14.61 ? 54  ASN A O   1 
ATOM   130 C CB  . ASN A 1 22  ? 5.033   -6.987  -5.104  1.00 13.79 ? 54  ASN A CB  1 
ATOM   131 C CG  . ASN A 1 22  ? 5.589   -7.440  -6.476  1.00 17.30 ? 54  ASN A CG  1 
ATOM   132 O OD1 . ASN A 1 22  ? 4.968   -7.234  -7.512  1.00 22.24 ? 54  ASN A OD1 1 
ATOM   133 N ND2 . ASN A 1 22  ? 6.739   -8.107  -6.454  1.00 22.48 ? 54  ASN A ND2 1 
ATOM   134 N N   . VAL A 1 23  ? 2.329   -6.400  -3.435  1.00 13.19 ? 55  VAL A N   1 
ATOM   135 C CA  . VAL A 1 23  ? 1.720   -6.329  -2.122  1.00 12.36 ? 55  VAL A CA  1 
ATOM   136 C C   . VAL A 1 23  ? 1.927   -7.632  -1.369  1.00 11.72 ? 55  VAL A C   1 
ATOM   137 O O   . VAL A 1 23  ? 1.756   -8.727  -1.930  1.00 11.43 ? 55  VAL A O   1 
ATOM   138 C CB  . VAL A 1 23  ? 0.166   -6.120  -2.207  1.00 14.29 ? 55  VAL A CB  1 
ATOM   139 C CG1 . VAL A 1 23  ? -0.425  -5.835  -0.788  1.00 17.28 ? 55  VAL A CG1 1 
ATOM   140 C CG2 . VAL A 1 23  ? -0.092  -4.970  -3.077  1.00 17.72 ? 55  VAL A CG2 1 
ATOM   141 N N   . ARG A 1 24  ? 2.323   -7.497  -0.108  1.00 12.85 ? 56  ARG A N   1 
ATOM   142 C CA  . ARG A 1 24  ? 2.474   -8.666  0.780   1.00 11.84 ? 56  ARG A CA  1 
ATOM   143 C C   . ARG A 1 24  ? 1.699   -8.485  2.051   1.00 12.87 ? 56  ARG A C   1 
ATOM   144 O O   . ARG A 1 24  ? 1.695   -7.413  2.634   1.00 13.23 ? 56  ARG A O   1 
ATOM   145 C CB  . ARG A 1 24  ? 3.950   -8.867  1.168   1.00 13.27 ? 56  ARG A CB  1 
ATOM   146 C CG  . ARG A 1 24  ? 4.706   -9.688  0.249   1.00 19.28 ? 56  ARG A CG  1 
ATOM   147 C CD  . ARG A 1 24  ? 5.974   -10.174 0.951   1.00 23.30 ? 56  ARG A CD  1 
ATOM   148 N NE  . ARG A 1 24  ? 6.789   -10.646 -0.138  1.00 22.12 ? 56  ARG A NE  1 
ATOM   149 C CZ  . ARG A 1 24  ? 8.103   -10.838 -0.057  1.00 19.71 ? 56  ARG A CZ  1 
ATOM   150 N NH1 . ARG A 1 24  ? 8.711   -10.589 1.104   1.00 17.62 ? 56  ARG A NH1 1 
ATOM   151 N NH2 . ARG A 1 24  ? 8.743   -11.280 -1.136  1.00 19.31 ? 56  ARG A NH2 1 
ATOM   152 N N   . GLY A 1 25  ? 1.117   -9.560  2.572   1.00 12.42 ? 57  GLY A N   1 
ATOM   153 C CA  . GLY A 1 25  ? 0.505   -9.444  3.876   1.00 14.00 ? 57  GLY A CA  1 
ATOM   154 C C   . GLY A 1 25  ? -0.367  -10.626 4.199   1.00 12.58 ? 57  GLY A C   1 
ATOM   155 O O   . GLY A 1 25  ? -0.505  -11.545 3.373   1.00 13.44 ? 57  GLY A O   1 
ATOM   156 N N   . GLN A 1 26  ? -0.933  -10.580 5.407   1.00 13.68 ? 58  GLN A N   1 
ATOM   157 C CA  . GLN A 1 26  ? -1.660  -11.767 5.920   1.00 13.62 ? 58  GLN A CA  1 
ATOM   158 C C   . GLN A 1 26  ? -2.675  -12.381 4.961   1.00 14.54 ? 58  GLN A C   1 
ATOM   159 O O   . GLN A 1 26  ? -3.538  -11.693 4.414   1.00 14.22 ? 58  GLN A O   1 
ATOM   160 C CB  . GLN A 1 26  ? -2.271  -11.532 7.281   1.00 12.83 ? 58  GLN A CB  1 
ATOM   161 C CG  . GLN A 1 26  ? -3.488  -10.571 7.288   1.00 14.66 ? 58  GLN A CG  1 
ATOM   162 C CD  . GLN A 1 26  ? -4.109  -10.356 8.650   1.00 15.19 ? 58  GLN A CD  1 
ATOM   163 O OE1 . GLN A 1 26  ? -3.675  -10.928 9.683   1.00 18.60 ? 58  GLN A OE1 1 
ATOM   164 N NE2 . GLN A 1 26  ? -5.159  -9.525  8.664   1.00 16.31 ? 58  GLN A NE2 1 
ATOM   165 N N   . VAL A 1 27  ? -2.579  -13.710 4.737   1.00 17.16 ? 59  VAL A N   1 
ATOM   166 C CA  . VAL A 1 27  ? -3.553  -14.414 3.873   1.00 19.14 ? 59  VAL A CA  1 
ATOM   167 C C   . VAL A 1 27  ? -4.951  -14.481 4.561   1.00 20.50 ? 59  VAL A C   1 
ATOM   168 O O   . VAL A 1 27  ? -6.000  -14.437 3.899   1.00 21.02 ? 59  VAL A O   1 
ATOM   169 C CB  . VAL A 1 27  ? -3.008  -15.851 3.463   1.00 19.41 ? 59  VAL A CB  1 
ATOM   170 C CG1 . VAL A 1 27  ? -2.756  -16.671 4.689   1.00 20.08 ? 59  VAL A CG1 1 
ATOM   171 C CG2 . VAL A 1 27  ? -3.993  -16.518 2.434   1.00 19.54 ? 59  VAL A CG2 1 
ATOM   172 N N   . SER A 1 28  ? -4.952  -14.613 5.883   1.00 21.31 ? 60  SER A N   1 
ATOM   173 C CA  . SER A 1 28  ? -6.197  -14.684 6.675   1.00 23.37 ? 60  SER A CA  1 
ATOM   174 C C   . SER A 1 28  ? -6.310  -13.589 7.634   1.00 23.99 ? 60  SER A C   1 
ATOM   175 O O   . SER A 1 28  ? -5.305  -13.115 8.127   1.00 21.76 ? 60  SER A O   1 
ATOM   176 C CB  . SER A 1 28  ? -6.285  -15.974 7.512   1.00 25.40 ? 60  SER A CB  1 
ATOM   177 O OG  . SER A 1 28  ? -6.542  -17.072 6.675   1.00 32.09 ? 60  SER A OG  1 
ATOM   178 N N   . GLU A 1 29  ? -7.549  -13.297 8.021   1.00 24.42 ? 61  GLU A N   1 
ATOM   179 C CA  . GLU A 1 29  ? -7.811  -12.319 9.033   1.00 26.99 ? 61  GLU A CA  1 
ATOM   180 C C   . GLU A 1 29  ? -7.431  -12.848 10.414  1.00 27.75 ? 61  GLU A C   1 
ATOM   181 O O   . GLU A 1 29  ? -7.419  -14.066 10.648  1.00 28.30 ? 61  GLU A O   1 
ATOM   182 C CB  . GLU A 1 29  ? -9.298  -11.996 9.055   1.00 28.24 ? 61  GLU A CB  1 
ATOM   183 C CG  . GLU A 1 29  ? -9.734  -10.754 8.371   1.00 33.18 ? 61  GLU A CG  1 
ATOM   184 C CD  . GLU A 1 29  ? -11.223 -10.588 8.471   1.00 42.67 ? 61  GLU A CD  1 
ATOM   185 O OE1 . GLU A 1 29  ? -11.709 -10.349 9.601   1.00 45.39 ? 61  GLU A OE1 1 
ATOM   186 O OE2 . GLU A 1 29  ? -11.919 -10.731 7.424   1.00 49.05 ? 61  GLU A OE2 1 
ATOM   187 N N   . GLY A 1 30  ? -7.181  -11.948 11.349  1.00 28.09 ? 62  GLY A N   1 
ATOM   188 C CA  . GLY A 1 30  ? -6.915  -12.360 12.721  1.00 29.45 ? 62  GLY A CA  1 
ATOM   189 C C   . GLY A 1 30  ? -5.492  -12.258 13.283  1.00 29.64 ? 62  GLY A C   1 
ATOM   190 O O   . GLY A 1 30  ? -5.267  -12.548 14.478  1.00 30.24 ? 62  GLY A O   1 
ATOM   191 N N   . GLY A 1 31  ? -4.520  -11.891 12.458  1.00 28.76 ? 63  GLY A N   1 
ATOM   192 C CA  . GLY A 1 31  ? -3.154  -11.668 12.965  1.00 28.42 ? 63  GLY A CA  1 
ATOM   193 C C   . GLY A 1 31  ? -3.148  -10.757 14.175  1.00 27.09 ? 63  GLY A C   1 
ATOM   194 O O   . GLY A 1 31  ? -4.058  -9.980  14.356  1.00 25.95 ? 63  GLY A O   1 
ATOM   195 N N   . GLN A 1 32  ? -2.131  -10.831 15.035  1.00 28.30 ? 64  GLN A N   1 
ATOM   196 C CA  . GLN A 1 32  ? -2.157  -9.965  16.247  1.00 27.93 ? 64  GLN A CA  1 
ATOM   197 C C   . GLN A 1 32  ? -1.793  -8.527  15.834  1.00 26.77 ? 64  GLN A C   1 
ATOM   198 O O   . GLN A 1 32  ? -1.224  -8.322  14.774  1.00 26.21 ? 64  GLN A O   1 
ATOM   199 C CB  . GLN A 1 32  ? -1.190  -10.469 17.323  1.00 29.44 ? 64  GLN A CB  1 
ATOM   200 C CG  . GLN A 1 32  ? 0.222   -10.551 16.822  1.00 30.34 ? 64  GLN A CG  1 
ATOM   201 C CD  . GLN A 1 32  ? 1.154   -11.334 17.749  1.00 34.67 ? 64  GLN A CD  1 
ATOM   202 O OE1 . GLN A 1 32  ? 0.997   -11.329 18.972  1.00 36.23 ? 64  GLN A OE1 1 
ATOM   203 N NE2 . GLN A 1 32  ? 2.134   -12.003 17.154  1.00 35.79 ? 64  GLN A NE2 1 
ATOM   204 N N   . LEU A 1 33  ? -2.126  -7.560  16.679  1.00 25.85 ? 65  LEU A N   1 
ATOM   205 C CA  . LEU A 1 33  ? -1.745  -6.171  16.465  1.00 24.50 ? 65  LEU A CA  1 
ATOM   206 C C   . LEU A 1 33  ? -0.238  -6.037  16.342  1.00 24.31 ? 65  LEU A C   1 
ATOM   207 O O   . LEU A 1 33  ? 0.509   -6.800  16.969  1.00 23.67 ? 65  LEU A O   1 
ATOM   208 C CB  . LEU A 1 33  ? -2.274  -5.275  17.602  1.00 25.78 ? 65  LEU A CB  1 
ATOM   209 C CG  . LEU A 1 33  ? -3.794  -5.173  17.887  1.00 27.56 ? 65  LEU A CG  1 
ATOM   210 C CD1 . LEU A 1 33  ? -4.055  -4.098  18.920  1.00 26.93 ? 65  LEU A CD1 1 
ATOM   211 C CD2 . LEU A 1 33  ? -4.596  -4.917  16.655  1.00 31.52 ? 65  LEU A CD2 1 
ATOM   212 N N   . ARG A 1 34  ? 0.217   -5.092  15.520  1.00 22.51 ? 66  ARG A N   1 
ATOM   213 C CA  . ARG A 1 34  ? 1.639   -4.853  15.353  1.00 24.02 ? 66  ARG A CA  1 
ATOM   214 C C   . ARG A 1 34  ? 1.950   -3.440  15.613  1.00 24.14 ? 66  ARG A C   1 
ATOM   215 O O   . ARG A 1 34  ? 1.128   -2.562  15.390  1.00 23.20 ? 66  ARG A O   1 
ATOM   216 C CB  . ARG A 1 34  ? 2.072   -5.060  13.921  1.00 23.48 ? 66  ARG A CB  1 
ATOM   217 C CG  . ARG A 1 34  ? 1.644   -6.302  13.320  1.00 30.34 ? 66  ARG A CG  1 
ATOM   218 C CD  . ARG A 1 34  ? 2.843   -6.661  12.528  1.00 39.50 ? 66  ARG A CD  1 
ATOM   219 N NE  . ARG A 1 34  ? 2.400   -7.098  11.246  1.00 45.46 ? 66  ARG A NE  1 
ATOM   220 C CZ  . ARG A 1 34  ? 1.725   -8.208  11.079  1.00 46.28 ? 66  ARG A CZ  1 
ATOM   221 N NH1 . ARG A 1 34  ? 1.435   -8.944  12.146  1.00 47.74 ? 66  ARG A NH1 1 
ATOM   222 N NH2 . ARG A 1 34  ? 1.360   -8.569  9.857   1.00 48.06 ? 66  ARG A NH2 1 
ATOM   223 N N   . SER A 1 35  ? 3.204   -3.203  15.984  1.00 24.33 ? 67  SER A N   1 
ATOM   224 C CA  . SER A 1 35  ? 3.688   -1.820  16.166  1.00 26.50 ? 67  SER A CA  1 
ATOM   225 C C   . SER A 1 35  ? 4.360   -1.338  14.846  1.00 27.50 ? 67  SER A C   1 
ATOM   226 O O   . SER A 1 35  ? 5.319   -1.970  14.346  1.00 27.64 ? 67  SER A O   1 
ATOM   227 C CB  . SER A 1 35  ? 4.584   -1.742  17.403  1.00 26.53 ? 67  SER A CB  1 
ATOM   228 O OG  . SER A 1 35  ? 5.244   -0.501  17.507  1.00 29.57 ? 67  SER A OG  1 
ATOM   229 N N   . ILE A 1 36  ? 3.802   -0.273  14.250  1.00 28.63 ? 68  ILE A N   1 
ATOM   230 C CA  . ILE A 1 36  ? 4.275   0.312   12.969  1.00 31.17 ? 68  ILE A CA  1 
ATOM   231 C C   . ILE A 1 36  ? 4.459   1.822   13.142  1.00 32.53 ? 68  ILE A C   1 
ATOM   232 O O   . ILE A 1 36  ? 3.497   2.534   13.415  1.00 32.46 ? 68  ILE A O   1 
ATOM   233 C CB  . ILE A 1 36  ? 3.307   0.058   11.766  1.00 31.73 ? 68  ILE A CB  1 
ATOM   234 C CG1 . ILE A 1 36  ? 3.013   -1.420  11.608  1.00 29.70 ? 68  ILE A CG1 1 
ATOM   235 C CG2 . ILE A 1 36  ? 3.901   0.587   10.460  1.00 31.05 ? 68  ILE A CG2 1 
ATOM   236 C CD1 . ILE A 1 36  ? 1.666   -1.667  11.001  1.00 30.94 ? 68  ILE A CD1 1 
ATOM   237 N N   . ASN A 1 37  ? 5.691   2.294   12.952  1.00 34.78 ? 69  ASN A N   1 
ATOM   238 C CA  . ASN A 1 37  ? 6.065   3.704   13.129  1.00 36.85 ? 69  ASN A CA  1 
ATOM   239 C C   . ASN A 1 37  ? 5.705   4.167   14.581  1.00 38.19 ? 69  ASN A C   1 
ATOM   240 O O   . ASN A 1 37  ? 5.198   5.301   14.766  1.00 39.49 ? 69  ASN A O   1 
ATOM   241 C CB  . ASN A 1 37  ? 5.435   4.643   12.026  1.00 36.44 ? 69  ASN A CB  1 
ATOM   242 C CG  . ASN A 1 37  ? 6.124   4.528   10.614  1.00 38.14 ? 69  ASN A CG  1 
ATOM   243 O OD1 . ASN A 1 37  ? 7.046   3.716   10.394  1.00 37.77 ? 69  ASN A OD1 1 
ATOM   244 N ND2 . ASN A 1 37  ? 5.644   5.330   9.666   1.00 32.60 ? 69  ASN A ND2 1 
ATOM   245 N N   . GLY A 1 38  ? 5.949   3.297   15.577  1.00 37.71 ? 70  GLY A N   1 
ATOM   246 C CA  . GLY A 1 38  ? 5.610   3.580   16.990  1.00 36.43 ? 70  GLY A CA  1 
ATOM   247 C C   . GLY A 1 38  ? 4.099   3.655   17.341  1.00 35.64 ? 70  GLY A C   1 
ATOM   248 O O   . GLY A 1 38  ? 3.710   4.370   18.263  1.00 36.09 ? 70  GLY A O   1 
ATOM   249 N N   . GLU A 1 39  ? 3.239   2.909   16.646  1.00 32.20 ? 71  GLU A N   1 
ATOM   250 C CA  . GLU A 1 39  ? 1.794   2.931   16.923  1.00 30.43 ? 71  GLU A CA  1 
ATOM   251 C C   . GLU A 1 39  ? 1.159   1.573   16.607  1.00 27.13 ? 71  GLU A C   1 
ATOM   252 O O   . GLU A 1 39  ? 1.644   0.860   15.723  1.00 25.79 ? 71  GLU A O   1 
ATOM   253 C CB  . GLU A 1 39  ? 1.093   4.009   16.071  1.00 30.73 ? 71  GLU A CB  1 
ATOM   254 C CG  . GLU A 1 39  ? 1.536   5.428   16.314  1.00 37.34 ? 71  GLU A CG  1 
ATOM   255 C CD  . GLU A 1 39  ? 0.591   6.128   17.255  1.00 45.40 ? 71  GLU A CD  1 
ATOM   256 O OE1 . GLU A 1 39  ? -0.559  6.436   16.816  1.00 49.63 ? 71  GLU A OE1 1 
ATOM   257 O OE2 . GLU A 1 39  ? 0.982   6.344   18.425  1.00 44.95 ? 71  GLU A OE2 1 
ATOM   258 N N   . LEU A 1 40  ? 0.049   1.248   17.267  1.00 24.01 ? 72  LEU A N   1 
ATOM   259 C CA  . LEU A 1 40  ? -0.553  -0.067  17.082  1.00 22.98 ? 72  LEU A CA  1 
ATOM   260 C C   . LEU A 1 40  ? -1.622  -0.106  15.996  1.00 20.18 ? 72  LEU A C   1 
ATOM   261 O O   . LEU A 1 40  ? -2.516  0.742   15.948  1.00 20.20 ? 72  LEU A O   1 
ATOM   262 C CB  . LEU A 1 40  ? -1.149  -0.629  18.402  1.00 22.92 ? 72  LEU A CB  1 
ATOM   263 C CG  . LEU A 1 40  ? -0.115  -0.768  19.523  1.00 25.74 ? 72  LEU A CG  1 
ATOM   264 C CD1 . LEU A 1 40  ? -0.870  -0.937  20.825  1.00 29.43 ? 72  LEU A CD1 1 
ATOM   265 C CD2 . LEU A 1 40  ? 0.772   -1.976  19.245  1.00 28.94 ? 72  LEU A CD2 1 
ATOM   266 N N   . TYR A 1 41  ? -1.492  -1.093  15.121  1.00 18.81 ? 73  TYR A N   1 
ATOM   267 C CA  . TYR A 1 41  ? -2.427  -1.356  14.054  1.00 17.54 ? 73  TYR A CA  1 
ATOM   268 C C   . TYR A 1 41  ? -2.714  -2.836  13.998  1.00 17.42 ? 73  TYR A C   1 
ATOM   269 O O   . TYR A 1 41  ? -1.841  -3.697  14.254  1.00 18.03 ? 73  TYR A O   1 
ATOM   270 C CB  . TYR A 1 41  ? -1.839  -0.899  12.685  1.00 18.49 ? 73  TYR A CB  1 
ATOM   271 C CG  . TYR A 1 41  ? -1.524  0.548   12.629  1.00 17.88 ? 73  TYR A CG  1 
ATOM   272 C CD1 . TYR A 1 41  ? -2.494  1.473   12.225  1.00 20.04 ? 73  TYR A CD1 1 
ATOM   273 C CD2 . TYR A 1 41  ? -0.267  1.005   13.012  1.00 21.96 ? 73  TYR A CD2 1 
ATOM   274 C CE1 . TYR A 1 41  ? -2.223  2.838   12.195  1.00 20.61 ? 73  TYR A CE1 1 
ATOM   275 C CE2 . TYR A 1 41  ? 0.018   2.353   13.017  1.00 21.49 ? 73  TYR A CE2 1 
ATOM   276 C CZ  . TYR A 1 41  ? -0.949  3.248   12.589  1.00 20.44 ? 73  TYR A CZ  1 
ATOM   277 O OH  . TYR A 1 41  ? -0.631  4.588   12.566  1.00 27.28 ? 73  TYR A OH  1 
ATOM   278 N N   . ALA A 1 42  ? -3.935  -3.147  13.569  1.00 16.54 ? 74  ALA A N   1 
ATOM   279 C CA  . ALA A 1 42  ? -4.256  -4.497  13.155  1.00 16.41 ? 74  ALA A CA  1 
ATOM   280 C C   . ALA A 1 42  ? -3.403  -4.735  11.866  1.00 15.97 ? 74  ALA A C   1 
ATOM   281 O O   . ALA A 1 42  ? -2.940  -3.760  11.252  1.00 15.41 ? 74  ALA A O   1 
ATOM   282 C CB  . ALA A 1 42  ? -5.666  -4.616  12.865  1.00 15.13 ? 74  ALA A CB  1 
ATOM   283 N N   . PRO A 1 43  ? -3.224  -5.994  11.459  1.00 15.99 ? 75  PRO A N   1 
ATOM   284 C CA  . PRO A 1 43  ? -2.230  -6.268  10.416  1.00 15.79 ? 75  PRO A CA  1 
ATOM   285 C C   . PRO A 1 43  ? -2.487  -5.480  9.128   1.00 16.44 ? 75  PRO A C   1 
ATOM   286 O O   . PRO A 1 43  ? -3.657  -5.379  8.653   1.00 17.10 ? 75  PRO A O   1 
ATOM   287 C CB  . PRO A 1 43  ? -2.341  -7.811  10.205  1.00 16.21 ? 75  PRO A CB  1 
ATOM   288 C CG  . PRO A 1 43  ? -2.735  -8.312  11.521  1.00 16.75 ? 75  PRO A CG  1 
ATOM   289 C CD  . PRO A 1 43  ? -3.705  -7.261  12.077  1.00 16.80 ? 75  PRO A CD  1 
ATOM   290 N N   . LEU A 1 44  ? -1.398  -4.909  8.604   1.00 14.63 ? 76  LEU A N   1 
ATOM   291 C CA  . LEU A 1 44  ? -1.463  -4.131  7.328   1.00 13.13 ? 76  LEU A CA  1 
ATOM   292 C C   . LEU A 1 44  ? -0.764  -4.898  6.230   1.00 14.42 ? 76  LEU A C   1 
ATOM   293 O O   . LEU A 1 44  ? 0.257   -5.559  6.484   1.00 15.97 ? 76  LEU A O   1 
ATOM   294 C CB  . LEU A 1 44  ? -0.777  -2.782  7.508   1.00 13.21 ? 76  LEU A CB  1 
ATOM   295 C CG  . LEU A 1 44  ? -1.432  -1.939  8.649   1.00 14.50 ? 76  LEU A CG  1 
ATOM   296 C CD1 . LEU A 1 44  ? -0.633  -0.645  8.746   1.00 16.96 ? 76  LEU A CD1 1 
ATOM   297 C CD2 . LEU A 1 44  ? -2.917  -1.721  8.464   1.00 14.19 ? 76  LEU A CD2 1 
ATOM   298 N N   . GLN A 1 45  ? -1.270  -4.779  5.014   1.00 11.91 ? 77  GLN A N   1 
ATOM   299 C CA  . GLN A 1 45  ? -0.542  -5.209  3.865   1.00 11.84 ? 77  GLN A CA  1 
ATOM   300 C C   . GLN A 1 45  ? 0.569   -4.200  3.636   1.00 12.10 ? 77  GLN A C   1 
ATOM   301 O O   . GLN A 1 45  ? 0.464   -3.027  4.066   1.00 12.65 ? 77  GLN A O   1 
ATOM   302 C CB  . GLN A 1 45  ? -1.462  -5.239  2.638   1.00 11.85 ? 77  GLN A CB  1 
ATOM   303 C CG  . GLN A 1 45  ? -2.704  -6.145  2.869   1.00 12.33 ? 77  GLN A CG  1 
ATOM   304 C CD  . GLN A 1 45  ? -2.393  -7.627  3.036   1.00 12.20 ? 77  GLN A CD  1 
ATOM   305 O OE1 . GLN A 1 45  ? -1.783  -8.210  2.200   1.00 15.98 ? 77  GLN A OE1 1 
ATOM   306 N NE2 . GLN A 1 45  ? -2.896  -8.257  4.108   1.00 12.67 ? 77  GLN A NE2 1 
ATOM   307 N N   . HIS A 1 46  ? 1.653   -4.647  2.986   1.00 11.89 ? 78  HIS A N   1 
ATOM   308 C CA  . HIS A 1 46  ? 2.722   -3.719  2.710   1.00 11.03 ? 78  HIS A CA  1 
ATOM   309 C C   . HIS A 1 46  ? 3.255   -3.832  1.292   1.00 10.99 ? 78  HIS A C   1 
ATOM   310 O O   . HIS A 1 46  ? 3.080   -4.881  0.637   1.00 12.69 ? 78  HIS A O   1 
ATOM   311 C CB  . HIS A 1 46  ? 3.842   -3.810  3.724   1.00 12.21 ? 78  HIS A CB  1 
ATOM   312 C CG  . HIS A 1 46  ? 4.690   -5.013  3.567   1.00 14.44 ? 78  HIS A CG  1 
ATOM   313 N ND1 . HIS A 1 46  ? 4.353   -6.223  4.130   1.00 16.77 ? 78  HIS A ND1 1 
ATOM   314 C CD2 . HIS A 1 46  ? 5.881   -5.182  2.951   1.00 18.15 ? 78  HIS A CD2 1 
ATOM   315 C CE1 . HIS A 1 46  ? 5.313   -7.095  3.862   1.00 19.81 ? 78  HIS A CE1 1 
ATOM   316 N NE2 . HIS A 1 46  ? 6.243   -6.490  3.142   1.00 20.81 ? 78  HIS A NE2 1 
ATOM   317 N N   . VAL A 1 47  ? 3.898   -2.764  0.827   1.00 11.79 ? 79  VAL A N   1 
ATOM   318 C CA  . VAL A 1 47  ? 4.481   -2.746  -0.518  1.00 12.95 ? 79  VAL A CA  1 
ATOM   319 C C   . VAL A 1 47  ? 5.860   -3.474  -0.412  1.00 12.42 ? 79  VAL A C   1 
ATOM   320 O O   . VAL A 1 47  ? 6.812   -2.957  0.151   1.00 13.81 ? 79  VAL A O   1 
ATOM   321 C CB  . VAL A 1 47  ? 4.669   -1.312  -1.056  1.00 12.80 ? 79  VAL A CB  1 
ATOM   322 C CG1 . VAL A 1 47  ? 5.335   -1.287  -2.375  1.00 12.38 ? 79  VAL A CG1 1 
ATOM   323 C CG2 . VAL A 1 47  ? 3.327   -0.620  -1.127  1.00 12.61 ? 79  VAL A CG2 1 
ATOM   324 N N   . SER A 1 48  ? 5.921   -4.687  -0.927  1.00 12.61 ? 80  SER A N   1 
ATOM   325 C CA  . SER A 1 48  ? 7.157   -5.466  -0.841  1.00 13.67 ? 80  SER A CA  1 
ATOM   326 C C   . SER A 1 48  ? 8.182   -5.177  -1.936  1.00 14.09 ? 80  SER A C   1 
ATOM   327 O O   . SER A 1 48  ? 9.364   -5.438  -1.756  1.00 16.33 ? 80  SER A O   1 
ATOM   328 C CB  . SER A 1 48  ? 6.820   -6.972  -0.832  1.00 13.92 ? 80  SER A CB  1 
ATOM   329 O OG  . SER A 1 48  ? 6.002   -7.321  -1.929  1.00 14.76 ? 80  SER A OG  1 
ATOM   330 N N   . ALA A 1 49  ? 7.747   -4.562  -3.033  1.00 14.44 ? 81  ALA A N   1 
ATOM   331 C CA  . ALA A 1 49  ? 8.640   -4.206  -4.149  1.00 13.97 ? 81  ALA A CA  1 
ATOM   332 C C   . ALA A 1 49  ? 7.959   -3.164  -4.969  1.00 12.69 ? 81  ALA A C   1 
ATOM   333 O O   . ALA A 1 49  ? 6.717   -3.150  -5.079  1.00 13.01 ? 81  ALA A O   1 
ATOM   334 C CB  . ALA A 1 49  ? 8.914   -5.455  -5.033  1.00 14.77 ? 81  ALA A CB  1 
ATOM   335 N N   . VAL A 1 50  ? 8.764   -2.278  -5.586  1.00 14.10 ? 82  VAL A N   1 
ATOM   336 C CA  . VAL A 1 50  ? 8.210   -1.316  -6.527  1.00 13.89 ? 82  VAL A CA  1 
ATOM   337 C C   . VAL A 1 50  ? 8.976   -1.452  -7.815  1.00 14.90 ? 82  VAL A C   1 
ATOM   338 O O   . VAL A 1 50  ? 10.205  -1.369  -7.811  1.00 16.41 ? 82  VAL A O   1 
ATOM   339 C CB  . VAL A 1 50  ? 8.377   0.120   -5.980  1.00 14.83 ? 82  VAL A CB  1 
ATOM   340 C CG1 . VAL A 1 50  ? 7.841   1.171   -6.944  1.00 14.74 ? 82  VAL A CG1 1 
ATOM   341 C CG2 . VAL A 1 50  ? 7.803   0.248   -4.552  1.00 14.44 ? 82  VAL A CG2 1 
ATOM   342 N N   . LEU A 1 51  ? 8.265   -1.631  -8.912  1.00 14.84 ? 83  LEU A N   1 
ATOM   343 C CA  . LEU A 1 51  ? 8.904   -1.831  -10.222 1.00 14.76 ? 83  LEU A CA  1 
ATOM   344 C C   . LEU A 1 51  ? 9.659   -0.542  -10.610 1.00 15.64 ? 83  LEU A C   1 
ATOM   345 O O   . LEU A 1 51  ? 9.032   0.528   -10.791 1.00 16.17 ? 83  LEU A O   1 
ATOM   346 C CB  . LEU A 1 51  ? 7.836   -2.135  -11.220 1.00 15.02 ? 83  LEU A CB  1 
ATOM   347 C CG  . LEU A 1 51  ? 8.291   -2.097  -12.681 1.00 14.85 ? 83  LEU A CG  1 
ATOM   348 C CD1 . LEU A 1 51  ? 9.321   -3.202  -12.914 1.00 21.58 ? 83  LEU A CD1 1 
ATOM   349 C CD2 . LEU A 1 51  ? 7.072   -2.224  -13.596 1.00 17.45 ? 83  LEU A CD2 1 
ATOM   350 N N   . PRO A 1 52  ? 11.002  -0.614  -10.773 1.00 17.21 ? 84  PRO A N   1 
ATOM   351 C CA  . PRO A 1 52  ? 11.653  0.652   -11.132 1.00 17.89 ? 84  PRO A CA  1 
ATOM   352 C C   . PRO A 1 52  ? 11.192  1.168   -12.506 1.00 18.05 ? 84  PRO A C   1 
ATOM   353 O O   . PRO A 1 52  ? 11.107  0.411   -13.479 1.00 18.66 ? 84  PRO A O   1 
ATOM   354 C CB  . PRO A 1 52  ? 13.146  0.261   -11.141 1.00 17.30 ? 84  PRO A CB  1 
ATOM   355 C CG  . PRO A 1 52  ? 13.254  -0.857  -10.264 1.00 17.25 ? 84  PRO A CG  1 
ATOM   356 C CD  . PRO A 1 52  ? 11.999  -1.679  -10.509 1.00 17.20 ? 84  PRO A CD  1 
ATOM   357 N N   . GLY A 1 53  ? 10.866  2.447   -12.579 1.00 18.27 ? 85  GLY A N   1 
ATOM   358 C CA  . GLY A 1 53  ? 10.341  3.012   -13.799 1.00 19.89 ? 85  GLY A CA  1 
ATOM   359 C C   . GLY A 1 53  ? 8.858   2.822   -14.053 1.00 20.01 ? 85  GLY A C   1 
ATOM   360 O O   . GLY A 1 53  ? 8.330   3.345   -15.044 1.00 21.67 ? 85  GLY A O   1 
ATOM   361 N N   . GLY A 1 54  ? 8.178   2.058   -13.194 1.00 17.71 ? 86  GLY A N   1 
ATOM   362 C CA  . GLY A 1 54  ? 6.732   1.824   -13.341 1.00 16.56 ? 86  GLY A CA  1 
ATOM   363 C C   . GLY A 1 54  ? 5.936   2.968   -12.760 1.00 14.76 ? 86  GLY A C   1 
ATOM   364 O O   . GLY A 1 54  ? 6.500   3.914   -12.219 1.00 15.64 ? 86  GLY A O   1 
ATOM   365 N N   . ALA A 1 55  ? 4.617   2.832   -12.819 1.00 15.11 ? 87  ALA A N   1 
ATOM   366 C CA  . ALA A 1 55  ? 3.705   3.899   -12.383 1.00 13.74 ? 87  ALA A CA  1 
ATOM   367 C C   . ALA A 1 55  ? 3.846   4.212   -10.896 1.00 14.69 ? 87  ALA A C   1 
ATOM   368 O O   . ALA A 1 55  ? 3.895   5.404   -10.518 1.00 14.10 ? 87  ALA A O   1 
ATOM   369 C CB  . ALA A 1 55  ? 2.242   3.491   -12.727 1.00 13.54 ? 87  ALA A CB  1 
ATOM   370 N N   . ALA A 1 56  ? 3.865   3.171   -10.037 1.00 13.58 ? 88  ALA A N   1 
ATOM   371 C CA  . ALA A 1 56  ? 4.012   3.375   -8.598  1.00 14.36 ? 88  ALA A CA  1 
ATOM   372 C C   . ALA A 1 56  ? 5.342   4.069   -8.283  1.00 14.04 ? 88  ALA A C   1 
ATOM   373 O O   . ALA A 1 56  ? 5.350   4.979   -7.498  1.00 13.51 ? 88  ALA A O   1 
ATOM   374 C CB  . ALA A 1 56  ? 3.886   2.062   -7.838  1.00 13.95 ? 88  ALA A CB  1 
ATOM   375 N N   . ASP A 1 57  ? 6.429   3.689   -8.934  1.00 13.53 ? 89  ASP A N   1 
ATOM   376 C CA  . ASP A 1 57  ? 7.719   4.345   -8.711  1.00 15.07 ? 89  ASP A CA  1 
ATOM   377 C C   . ASP A 1 57  ? 7.624   5.834   -9.078  1.00 15.38 ? 89  ASP A C   1 
ATOM   378 O O   . ASP A 1 57  ? 8.015   6.722   -8.285  1.00 15.39 ? 89  ASP A O   1 
ATOM   379 C CB  . ASP A 1 57  ? 8.747   3.609   -9.559  1.00 14.93 ? 89  ASP A CB  1 
ATOM   380 C CG  . ASP A 1 57  ? 10.174  4.069   -9.293  1.00 20.07 ? 89  ASP A CG  1 
ATOM   381 O OD1 . ASP A 1 57  ? 10.509  4.340   -8.110  1.00 24.56 ? 89  ASP A OD1 1 
ATOM   382 O OD2 . ASP A 1 57  ? 10.913  4.174   -10.294 1.00 22.59 ? 89  ASP A OD2 1 
ATOM   383 N N   . ARG A 1 58  ? 7.092   6.110   -10.259 1.00 16.99 ? 90  ARG A N   1 
ATOM   384 C CA  . ARG A 1 58  ? 6.924   7.508   -10.700 1.00 20.06 ? 90  ARG A CA  1 
ATOM   385 C C   . ARG A 1 58  ? 6.032   8.365   -9.738  1.00 19.92 ? 90  ARG A C   1 
ATOM   386 O O   . ARG A 1 58  ? 6.318   9.589   -9.534  1.00 19.74 ? 90  ARG A O   1 
ATOM   387 C CB  . ARG A 1 58  ? 6.512   7.545   -12.209 1.00 20.69 ? 90  ARG A CB  1 
ATOM   388 C CG  . ARG A 1 58  ? 7.582   6.894   -13.143 1.00 26.59 ? 90  ARG A CG  1 
ATOM   389 C CD  . ARG A 1 58  ? 7.176   6.782   -14.695 1.00 35.01 ? 90  ARG A CD  1 
ATOM   390 N NE  . ARG A 1 58  ? 5.831   6.235   -15.024 1.00 41.56 ? 90  ARG A NE  1 
ATOM   391 C CZ  . ARG A 1 58  ? 5.527   5.111   -15.731 1.00 40.99 ? 90  ARG A CZ  1 
ATOM   392 N NH1 . ARG A 1 58  ? 6.453   4.309   -16.218 1.00 44.87 ? 90  ARG A NH1 1 
ATOM   393 N NH2 . ARG A 1 58  ? 4.253   4.766   -15.955 1.00 41.14 ? 90  ARG A NH2 1 
ATOM   394 N N   . ALA A 1 59  ? 5.038   7.723   -9.097  1.00 16.79 ? 91  ALA A N   1 
ATOM   395 C CA  . ALA A 1 59  ? 4.045   8.371   -8.236  1.00 15.73 ? 91  ALA A CA  1 
ATOM   396 C C   . ALA A 1 59  ? 4.655   8.539   -6.853  1.00 14.63 ? 91  ALA A C   1 
ATOM   397 O O   . ALA A 1 59  ? 4.100   9.260   -6.022  1.00 16.03 ? 91  ALA A O   1 
ATOM   398 C CB  . ALA A 1 59  ? 2.770   7.538   -8.156  1.00 14.64 ? 91  ALA A CB  1 
ATOM   399 N N   . GLY A 1 60  ? 5.763   7.868   -6.570  1.00 14.48 ? 92  GLY A N   1 
ATOM   400 C CA  . GLY A 1 60  ? 6.425   7.992   -5.264  1.00 14.07 ? 92  GLY A CA  1 
ATOM   401 C C   . GLY A 1 60  ? 5.973   7.019   -4.180  1.00 14.08 ? 92  GLY A C   1 
ATOM   402 O O   . GLY A 1 60  ? 6.102   7.298   -2.974  1.00 14.87 ? 92  GLY A O   1 
ATOM   403 N N   . VAL A 1 61  ? 5.426   5.869   -4.622  1.00 13.31 ? 93  VAL A N   1 
ATOM   404 C CA  . VAL A 1 61  ? 5.201   4.737   -3.697  1.00 14.13 ? 93  VAL A CA  1 
ATOM   405 C C   . VAL A 1 61  ? 6.592   4.213   -3.290  1.00 13.47 ? 93  VAL A C   1 
ATOM   406 O O   . VAL A 1 61  ? 7.467   4.131   -4.135  1.00 14.30 ? 93  VAL A O   1 
ATOM   407 C CB  . VAL A 1 61  ? 4.350   3.595   -4.354  1.00 11.63 ? 93  VAL A CB  1 
ATOM   408 C CG1 . VAL A 1 61  ? 4.169   2.377   -3.340  1.00 13.32 ? 93  VAL A CG1 1 
ATOM   409 C CG2 . VAL A 1 61  ? 2.947   4.123   -4.828  1.00 13.50 ? 93  VAL A CG2 1 
ATOM   410 N N   . ARG A 1 62  ? 6.802   3.849   -2.012  1.00 12.45 ? 94  ARG A N   1 
ATOM   411 C CA  . ARG A 1 62  ? 8.135   3.472   -1.513  1.00 12.32 ? 94  ARG A CA  1 
ATOM   412 C C   . ARG A 1 62  ? 8.044   2.036   -1.036  1.00 13.52 ? 94  ARG A C   1 
ATOM   413 O O   . ARG A 1 62  ? 7.040   1.650   -0.456  1.00 13.66 ? 94  ARG A O   1 
ATOM   414 C CB  . ARG A 1 62  ? 8.521   4.328   -0.316  1.00 13.58 ? 94  ARG A CB  1 
ATOM   415 C CG  . ARG A 1 62  ? 8.621   5.837   -0.676  1.00 11.95 ? 94  ARG A CG  1 
ATOM   416 C CD  . ARG A 1 62  ? 8.919   6.693   0.564   1.00 13.48 ? 94  ARG A CD  1 
ATOM   417 N NE  . ARG A 1 62  ? 8.556   8.092   0.294   1.00 15.93 ? 94  ARG A NE  1 
ATOM   418 C CZ  . ARG A 1 62  ? 8.108   8.950   1.192   1.00 13.17 ? 94  ARG A CZ  1 
ATOM   419 N NH1 . ARG A 1 62  ? 8.094   8.660   2.500   1.00 13.87 ? 94  ARG A NH1 1 
ATOM   420 N NH2 . ARG A 1 62  ? 7.734   10.175  0.806   1.00 14.32 ? 94  ARG A NH2 1 
ATOM   421 N N   . LYS A 1 63  ? 9.128   1.261   -1.289  1.00 14.75 ? 95  LYS A N   1 
ATOM   422 C CA  . LYS A 1 63  ? 9.203   -0.089  -0.786  1.00 14.23 ? 95  LYS A CA  1 
ATOM   423 C C   . LYS A 1 63  ? 9.023   0.015   0.740   1.00 13.73 ? 95  LYS A C   1 
ATOM   424 O O   . LYS A 1 63  ? 9.599   0.890   1.389   1.00 13.40 ? 95  LYS A O   1 
ATOM   425 C CB  . LYS A 1 63  ? 10.569  -0.679  -1.137  1.00 15.58 ? 95  LYS A CB  1 
ATOM   426 C CG  . LYS A 1 63  ? 10.768  -2.030  -0.520  1.00 17.48 ? 95  LYS A CG  1 
ATOM   427 C CD  . LYS A 1 63  ? 12.125  -2.612  -0.936  1.00 24.68 ? 95  LYS A CD  1 
ATOM   428 C CE  . LYS A 1 63  ? 12.219  -3.995  -0.292  1.00 24.79 ? 95  LYS A CE  1 
ATOM   429 N NZ  . LYS A 1 63  ? 13.125  -4.850  -1.079  1.00 30.43 ? 95  LYS A NZ  1 
ATOM   430 N N   . GLY A 1 64  ? 8.195   -0.882  1.317   1.00 13.47 ? 96  GLY A N   1 
ATOM   431 C CA  . GLY A 1 64  ? 7.927   -0.929  2.730   1.00 11.88 ? 96  GLY A CA  1 
ATOM   432 C C   . GLY A 1 64  ? 6.718   -0.170  3.165   1.00 11.31 ? 96  GLY A C   1 
ATOM   433 O O   . GLY A 1 64  ? 6.366   -0.187  4.353   1.00 14.24 ? 96  GLY A O   1 
ATOM   434 N N   . ASP A 1 65  ? 6.126   0.580   2.243   1.00 10.63 ? 97  ASP A N   1 
ATOM   435 C CA  . ASP A 1 65  ? 4.900   1.328   2.604   1.00 10.07 ? 97  ASP A CA  1 
ATOM   436 C C   . ASP A 1 65  ? 3.809   0.420   3.122   1.00 11.96 ? 97  ASP A C   1 
ATOM   437 O O   . ASP A 1 65  ? 3.441   -0.592  2.441   1.00 13.09 ? 97  ASP A O   1 
ATOM   438 C CB  . ASP A 1 65  ? 4.378   2.120   1.404   1.00 10.53 ? 97  ASP A CB  1 
ATOM   439 C CG  . ASP A 1 65  ? 5.122   3.469   1.189   1.00 10.85 ? 97  ASP A CG  1 
ATOM   440 O OD1 . ASP A 1 65  ? 6.015   3.829   1.969   1.00 14.09 ? 97  ASP A OD1 1 
ATOM   441 O OD2 . ASP A 1 65  ? 4.823   4.128   0.141   1.00 13.16 ? 97  ASP A OD2 1 
ATOM   442 N N   . ARG A 1 66  ? 3.293   0.727   4.310   1.00 11.37 ? 98  ARG A N   1 
ATOM   443 C CA  . ARG A 1 66  ? 2.226   -0.103  4.869   1.00 10.92 ? 98  ARG A CA  1 
ATOM   444 C C   . ARG A 1 66  ? 0.897   0.500   4.392   1.00 11.96 ? 98  ARG A C   1 
ATOM   445 O O   . ARG A 1 66  ? 0.718   1.721   4.471   1.00 12.32 ? 98  ARG A O   1 
ATOM   446 C CB  . ARG A 1 66  ? 2.266   -0.166  6.391   1.00 11.75 ? 98  ARG A CB  1 
ATOM   447 C CG  . ARG A 1 66  ? 2.913   -1.447  6.880   1.00 14.55 ? 98  ARG A CG  1 
ATOM   448 C CD  . ARG A 1 66  ? 4.386   -1.428  6.672   1.00 17.95 ? 98  ARG A CD  1 
ATOM   449 N NE  . ARG A 1 66  ? 4.983   -2.746  6.978   1.00 20.77 ? 98  ARG A NE  1 
ATOM   450 C CZ  . ARG A 1 66  ? 6.196   -3.178  6.586   1.00 24.38 ? 98  ARG A CZ  1 
ATOM   451 N NH1 . ARG A 1 66  ? 7.047   -2.379  5.887   1.00 19.94 ? 98  ARG A NH1 1 
ATOM   452 N NH2 . ARG A 1 66  ? 6.591   -4.437  6.934   1.00 24.22 ? 98  ARG A NH2 1 
ATOM   453 N N   . ILE A 1 67  ? -0.030  -0.332  3.903   1.00 11.67 ? 99  ILE A N   1 
ATOM   454 C CA  . ILE A 1 67  ? -1.277  0.152   3.294   1.00 12.31 ? 99  ILE A CA  1 
ATOM   455 C C   . ILE A 1 67  ? -2.419  0.295   4.300   1.00 13.70 ? 99  ILE A C   1 
ATOM   456 O O   . ILE A 1 67  ? -2.901  -0.686  4.892   1.00 12.61 ? 99  ILE A O   1 
ATOM   457 C CB  . ILE A 1 67  ? -1.702  -0.718  2.083   1.00 13.11 ? 99  ILE A CB  1 
ATOM   458 C CG1 . ILE A 1 67  ? -0.536  -0.760  1.080   1.00 13.78 ? 99  ILE A CG1 1 
ATOM   459 C CG2 . ILE A 1 67  ? -3.034  -0.134  1.417   1.00 11.81 ? 99  ILE A CG2 1 
ATOM   460 C CD1 . ILE A 1 67  ? -0.787  -1.797  -0.010  1.00 16.98 ? 99  ILE A CD1 1 
ATOM   461 N N   . LEU A 1 68  ? -2.764  1.546   4.554   1.00 13.97 ? 100 LEU A N   1 
ATOM   462 C CA  . LEU A 1 68  ? -3.835  1.836   5.509   1.00 15.65 ? 100 LEU A CA  1 
ATOM   463 C C   . LEU A 1 68  ? -5.173  1.962   4.820   1.00 14.97 ? 100 LEU A C   1 
ATOM   464 O O   . LEU A 1 68  ? -6.169  1.542   5.400   1.00 15.44 ? 100 LEU A O   1 
ATOM   465 C CB  . LEU A 1 68  ? -3.605  3.146   6.285   1.00 16.28 ? 100 LEU A CB  1 
ATOM   466 C CG  . LEU A 1 68  ? -2.577  3.152   7.346   1.00 20.70 ? 100 LEU A CG  1 
ATOM   467 C CD1 . LEU A 1 68  ? -2.339  4.630   7.712   1.00 23.78 ? 100 LEU A CD1 1 
ATOM   468 C CD2 . LEU A 1 68  ? -3.199  2.292   8.555   1.00 23.03 ? 100 LEU A CD2 1 
ATOM   469 N N   . GLU A 1 69  ? -5.231  2.570   3.626   1.00 14.85 ? 101 GLU A N   1 
ATOM   470 C CA  . GLU A 1 69  ? -6.486  2.670   2.879   1.00 14.43 ? 101 GLU A CA  1 
ATOM   471 C C   . GLU A 1 69  ? -6.248  2.422   1.422   1.00 13.51 ? 101 GLU A C   1 
ATOM   472 O O   . GLU A 1 69  ? -5.159  2.688   0.878   1.00 13.23 ? 101 GLU A O   1 
ATOM   473 C CB  . GLU A 1 69  ? -7.055  4.052   2.993   1.00 14.89 ? 101 GLU A CB  1 
ATOM   474 C CG  . GLU A 1 69  ? -7.274  4.512   4.407   1.00 19.56 ? 101 GLU A CG  1 
ATOM   475 C CD  . GLU A 1 69  ? -8.104  5.768   4.398   1.00 27.85 ? 101 GLU A CD  1 
ATOM   476 O OE1 . GLU A 1 69  ? -8.746  6.073   3.367   1.00 30.06 ? 101 GLU A OE1 1 
ATOM   477 O OE2 . GLU A 1 69  ? -8.129  6.408   5.454   1.00 35.95 ? 101 GLU A OE2 1 
ATOM   478 N N   . VAL A 1 70  ? -7.262  1.853   0.771   1.00 12.60 ? 102 VAL A N   1 
ATOM   479 C CA  . VAL A 1 70  ? -7.265  1.649   -0.673  1.00 12.90 ? 102 VAL A CA  1 
ATOM   480 C C   . VAL A 1 70  ? -8.548  2.327   -1.170  1.00 14.84 ? 102 VAL A C   1 
ATOM   481 O O   . VAL A 1 70  ? -9.649  1.963   -0.713  1.00 15.71 ? 102 VAL A O   1 
ATOM   482 C CB  . VAL A 1 70  ? -7.287  0.148   -1.096  1.00 13.07 ? 102 VAL A CB  1 
ATOM   483 C CG1 . VAL A 1 70  ? -7.485  0.059   -2.540  1.00 14.59 ? 102 VAL A CG1 1 
ATOM   484 C CG2 . VAL A 1 70  ? -5.944  -0.547  -0.786  1.00 12.11 ? 102 VAL A CG2 1 
ATOM   485 N N   . ASN A 1 71  ? -8.370  3.333   -2.033  1.00 16.11 ? 103 ASN A N   1 
ATOM   486 C CA  . ASN A 1 71  ? -9.531  4.094   -2.595  1.00 18.02 ? 103 ASN A CA  1 
ATOM   487 C C   . ASN A 1 71  ? -10.584 4.452   -1.586  1.00 19.55 ? 103 ASN A C   1 
ATOM   488 O O   . ASN A 1 71  ? -11.761 4.166   -1.780  1.00 22.14 ? 103 ASN A O   1 
ATOM   489 C CB  . ASN A 1 71  ? -10.164 3.248   -3.681  1.00 17.16 ? 103 ASN A CB  1 
ATOM   490 C CG  . ASN A 1 71  ? -9.212  2.912   -4.790  1.00 18.83 ? 103 ASN A CG  1 
ATOM   491 O OD1 . ASN A 1 71  ? -9.309  1.832   -5.402  1.00 19.88 ? 103 ASN A OD1 1 
ATOM   492 N ND2 . ASN A 1 71  ? -8.307  3.842   -5.101  1.00 14.73 ? 103 ASN A ND2 1 
ATOM   493 N N   . GLY A 1 72  ? -10.147 5.004   -0.461  1.00 20.85 ? 104 GLY A N   1 
ATOM   494 C CA  . GLY A 1 72  ? -11.040 5.428   0.604   1.00 20.79 ? 104 GLY A CA  1 
ATOM   495 C C   . GLY A 1 72  ? -11.489 4.397   1.608   1.00 19.77 ? 104 GLY A C   1 
ATOM   496 O O   . GLY A 1 72  ? -12.166 4.749   2.566   1.00 22.48 ? 104 GLY A O   1 
ATOM   497 N N   . VAL A 1 73  ? -11.100 3.133   1.428   1.00 17.65 ? 105 VAL A N   1 
ATOM   498 C CA  . VAL A 1 73  ? -11.531 2.047   2.293   1.00 18.50 ? 105 VAL A CA  1 
ATOM   499 C C   . VAL A 1 73  ? -10.416 1.697   3.281   1.00 19.30 ? 105 VAL A C   1 
ATOM   500 O O   . VAL A 1 73  ? -9.289  1.364   2.861   1.00 16.90 ? 105 VAL A O   1 
ATOM   501 C CB  . VAL A 1 73  ? -11.905 0.754   1.474   1.00 19.91 ? 105 VAL A CB  1 
ATOM   502 C CG1 . VAL A 1 73  ? -12.158 -0.384  2.412   1.00 18.12 ? 105 VAL A CG1 1 
ATOM   503 C CG2 . VAL A 1 73  ? -13.064 0.985   0.482   1.00 19.04 ? 105 VAL A CG2 1 
ATOM   504 N N   . ASN A 1 74  ? -10.712 1.799   4.578   1.00 18.24 ? 106 ASN A N   1 
ATOM   505 C CA  . ASN A 1 74  ? -9.717  1.457   5.574   1.00 18.97 ? 106 ASN A CA  1 
ATOM   506 C C   . ASN A 1 74  ? -9.517  -0.078  5.567   1.00 18.90 ? 106 ASN A C   1 
ATOM   507 O O   . ASN A 1 74  ? -10.491 -0.868  5.708   1.00 20.23 ? 106 ASN A O   1 
ATOM   508 C CB  . ASN A 1 74  ? -10.106 1.938   6.944   1.00 21.29 ? 106 ASN A CB  1 
ATOM   509 C CG  . ASN A 1 74  ? -9.017  1.701   7.911   1.00 23.73 ? 106 ASN A CG  1 
ATOM   510 O OD1 . ASN A 1 74  ? -8.799  0.571   8.378   1.00 23.36 ? 106 ASN A OD1 1 
ATOM   511 N ND2 . ASN A 1 74  ? -8.260  2.776   8.218   1.00 32.15 ? 106 ASN A ND2 1 
ATOM   512 N N   . VAL A 1 75  ? -8.285  -0.516  5.346   1.00 16.60 ? 107 VAL A N   1 
ATOM   513 C CA  . VAL A 1 75  ? -8.012  -1.932  5.173   1.00 15.93 ? 107 VAL A CA  1 
ATOM   514 C C   . VAL A 1 75  ? -7.105  -2.434  6.284   1.00 16.90 ? 107 VAL A C   1 
ATOM   515 O O   . VAL A 1 75  ? -6.440  -3.466  6.158   1.00 16.03 ? 107 VAL A O   1 
ATOM   516 C CB  . VAL A 1 75  ? -7.401  -2.255  3.781   1.00 13.31 ? 107 VAL A CB  1 
ATOM   517 C CG1 . VAL A 1 75  ? -8.464  -2.088  2.748   1.00 14.82 ? 107 VAL A CG1 1 
ATOM   518 C CG2 . VAL A 1 75  ? -6.150  -1.311  3.482   1.00 13.86 ? 107 VAL A CG2 1 
ATOM   519 N N   . GLU A 1 76  ? -7.084  -1.696  7.392   1.00 16.96 ? 108 GLU A N   1 
ATOM   520 C CA  . GLU A 1 76  ? -6.467  -2.216  8.589   1.00 18.78 ? 108 GLU A CA  1 
ATOM   521 C C   . GLU A 1 76  ? -7.085  -3.566  9.058   1.00 18.31 ? 108 GLU A C   1 
ATOM   522 O O   . GLU A 1 76  ? -8.321  -3.699  9.201   1.00 18.86 ? 108 GLU A O   1 
ATOM   523 C CB  . GLU A 1 76  ? -6.491  -1.102  9.630   1.00 20.38 ? 108 GLU A CB  1 
ATOM   524 C CG  . GLU A 1 76  ? -5.700  -1.428  10.791  1.00 22.35 ? 108 GLU A CG  1 
ATOM   525 C CD  . GLU A 1 76  ? -5.837  -0.399  11.911  1.00 25.87 ? 108 GLU A CD  1 
ATOM   526 O OE1 . GLU A 1 76  ? -6.076  0.815   11.623  1.00 26.16 ? 108 GLU A OE1 1 
ATOM   527 O OE2 . GLU A 1 76  ? -5.684  -0.835  13.079  1.00 25.80 ? 108 GLU A OE2 1 
ATOM   528 N N   . GLY A 1 77  ? -6.257  -4.619  9.182   1.00 17.77 ? 109 GLY A N   1 
ATOM   529 C CA  . GLY A 1 77  ? -6.721  -5.987  9.499   1.00 15.96 ? 109 GLY A CA  1 
ATOM   530 C C   . GLY A 1 77  ? -7.496  -6.759  8.421   1.00 16.73 ? 109 GLY A C   1 
ATOM   531 O O   . GLY A 1 77  ? -8.040  -7.807  8.689   1.00 17.65 ? 109 GLY A O   1 
ATOM   532 N N   . ALA A 1 78  ? -7.560  -6.245  7.205   1.00 13.68 ? 110 ALA A N   1 
ATOM   533 C CA  . ALA A 1 78  ? -8.170  -6.958  6.095   1.00 14.99 ? 110 ALA A CA  1 
ATOM   534 C C   . ALA A 1 78  ? -7.326  -8.142  5.656   1.00 15.63 ? 110 ALA A C   1 
ATOM   535 O O   . ALA A 1 78  ? -6.117  -8.275  6.003   1.00 15.10 ? 110 ALA A O   1 
ATOM   536 C CB  . ALA A 1 78  ? -8.423  -6.001  4.951   1.00 17.61 ? 110 ALA A CB  1 
ATOM   537 N N   . THR A 1 79  ? -7.940  -9.031  4.903   1.00 14.21 ? 111 THR A N   1 
ATOM   538 C CA  . THR A 1 79  ? -7.180  -10.136 4.333   1.00 13.45 ? 111 THR A CA  1 
ATOM   539 C C   . THR A 1 79  ? -6.423  -9.618  3.072   1.00 13.86 ? 111 THR A C   1 
ATOM   540 O O   . THR A 1 79  ? -6.794  -8.591  2.464   1.00 12.50 ? 111 THR A O   1 
ATOM   541 C CB  . THR A 1 79  ? -8.133  -11.312 3.895   1.00 15.51 ? 111 THR A CB  1 
ATOM   542 O OG1 . THR A 1 79  ? -8.864  -10.943 2.698   1.00 15.71 ? 111 THR A OG1 1 
ATOM   543 C CG2 . THR A 1 79  ? -9.049  -11.720 5.053   1.00 14.53 ? 111 THR A CG2 1 
ATOM   544 N N   . HIS A 1 80  ? -5.378  -10.340 2.694   1.00 13.72 ? 112 HIS A N   1 
ATOM   545 C CA  . HIS A 1 80  ? -4.630  -10.057 1.448   1.00 12.72 ? 112 HIS A CA  1 
ATOM   546 C C   . HIS A 1 80  ? -5.576  -9.979  0.237   1.00 14.29 ? 112 HIS A C   1 
ATOM   547 O O   . HIS A 1 80  ? -5.539  -8.990  -0.518  1.00 15.54 ? 112 HIS A O   1 
ATOM   548 C CB  . HIS A 1 80  ? -3.524  -11.111 1.206   1.00 13.50 ? 112 HIS A CB  1 
ATOM   549 C CG  . HIS A 1 80  ? -2.658  -10.805 0.017   1.00 14.16 ? 112 HIS A CG  1 
ATOM   550 N ND1 . HIS A 1 80  ? -2.765  -11.423 -1.218  1.00 16.85 ? 112 HIS A ND1 1 
ATOM   551 C CD2 . HIS A 1 80  ? -1.636  -9.937  -0.102  1.00 9.91  ? 112 HIS A CD2 1 
ATOM   552 C CE1 . HIS A 1 80  ? -1.856  -10.928 -2.041  1.00 10.81 ? 112 HIS A CE1 1 
ATOM   553 N NE2 . HIS A 1 80  ? -1.176  -10.014 -1.391  1.00 17.61 ? 112 HIS A NE2 1 
ATOM   554 N N   . LYS A 1 81  ? -6.480  -10.948 0.084   1.00 13.84 ? 113 LYS A N   1 
ATOM   555 C CA  . LYS A 1 81  ? -7.373  -10.953 -1.060  1.00 14.69 ? 113 LYS A CA  1 
ATOM   556 C C   . LYS A 1 81  ? -8.305  -9.741  -1.077  1.00 13.31 ? 113 LYS A C   1 
ATOM   557 O O   . LYS A 1 81  ? -8.517  -9.158  -2.168  1.00 15.31 ? 113 LYS A O   1 
ATOM   558 C CB  . LYS A 1 81  ? -8.182  -12.248 -1.115  1.00 14.55 ? 113 LYS A CB  1 
ATOM   559 C CG  . LYS A 1 81  ? -9.235  -12.247 -2.225  1.00 17.29 ? 113 LYS A CG  1 
ATOM   560 C CD  . LYS A 1 81  ? -9.909  -13.600 -2.344  1.00 22.15 ? 113 LYS A CD  1 
ATOM   561 C CE  . LYS A 1 81  ? -11.139 -13.523 -3.266  1.00 25.46 ? 113 LYS A CE  1 
ATOM   562 N NZ  . LYS A 1 81  ? -10.872 -12.891 -4.611  1.00 27.01 ? 113 LYS A NZ  1 
ATOM   563 N N   . GLN A 1 82  ? -8.772  -9.307  0.098   1.00 12.89 ? 114 GLN A N   1 
ATOM   564 C CA  . GLN A 1 82  ? -9.668  -8.149  0.206   1.00 13.63 ? 114 GLN A CA  1 
ATOM   565 C C   . GLN A 1 82  ? -8.939  -6.922  -0.337  1.00 16.27 ? 114 GLN A C   1 
ATOM   566 O O   . GLN A 1 82  ? -9.532  -6.122  -1.066  1.00 15.09 ? 114 GLN A O   1 
ATOM   567 C CB  . GLN A 1 82  ? -10.114 -7.958  1.628   1.00 15.26 ? 114 GLN A CB  1 
ATOM   568 C CG  . GLN A 1 82  ? -11.213 -8.973  1.964   1.00 14.72 ? 114 GLN A CG  1 
ATOM   569 C CD  . GLN A 1 82  ? -11.562 -9.000  3.414   1.00 16.62 ? 114 GLN A CD  1 
ATOM   570 O OE1 . GLN A 1 82  ? -10.828 -8.499  4.291   1.00 16.28 ? 114 GLN A OE1 1 
ATOM   571 N NE2 . GLN A 1 82  ? -12.761 -9.521  3.703   1.00 18.68 ? 114 GLN A NE2 1 
ATOM   572 N N   . VAL A 1 83  ? -7.672  -6.777  0.048   1.00 14.24 ? 115 VAL A N   1 
ATOM   573 C CA  . VAL A 1 83  ? -6.917  -5.622  -0.369  1.00 14.38 ? 115 VAL A CA  1 
ATOM   574 C C   . VAL A 1 83  ? -6.584  -5.632  -1.858  1.00 14.23 ? 115 VAL A C   1 
ATOM   575 O O   . VAL A 1 83  ? -6.737  -4.621  -2.540  1.00 14.36 ? 115 VAL A O   1 
ATOM   576 C CB  . VAL A 1 83  ? -5.639  -5.444  0.514   1.00 13.09 ? 115 VAL A CB  1 
ATOM   577 C CG1 . VAL A 1 83  ? -4.764  -4.321  -0.028  1.00 12.48 ? 115 VAL A CG1 1 
ATOM   578 C CG2 . VAL A 1 83  ? -6.089  -5.170  2.000   1.00 13.53 ? 115 VAL A CG2 1 
ATOM   579 N N   . VAL A 1 84  ? -6.160  -6.763  -2.368  1.00 15.47 ? 116 VAL A N   1 
ATOM   580 C CA  . VAL A 1 84  ? -5.799  -6.882  -3.765  1.00 15.18 ? 116 VAL A CA  1 
ATOM   581 C C   . VAL A 1 84  ? -7.091  -6.726  -4.614  1.00 15.10 ? 116 VAL A C   1 
ATOM   582 O O   . VAL A 1 84  ? -7.104  -6.032  -5.651  1.00 15.22 ? 116 VAL A O   1 
ATOM   583 C CB  . VAL A 1 84  ? -5.087  -8.197  -3.997  1.00 16.41 ? 116 VAL A CB  1 
ATOM   584 C CG1 . VAL A 1 84  ? -4.837  -8.358  -5.484  1.00 17.98 ? 116 VAL A CG1 1 
ATOM   585 C CG2 . VAL A 1 84  ? -3.758  -8.210  -3.234  1.00 17.44 ? 116 VAL A CG2 1 
ATOM   586 N N   . ASP A 1 85  ? -8.200  -7.286  -4.156  1.00 16.00 ? 117 ASP A N   1 
ATOM   587 C CA  . ASP A 1 85  ? -9.465  -7.047  -4.875  1.00 17.72 ? 117 ASP A CA  1 
ATOM   588 C C   . ASP A 1 85  ? -9.887  -5.574  -4.970  1.00 17.13 ? 117 ASP A C   1 
ATOM   589 O O   . ASP A 1 85  ? -10.269 -5.134  -6.077  1.00 19.48 ? 117 ASP A O   1 
ATOM   590 C CB  . ASP A 1 85  ? -10.598 -7.890  -4.296  1.00 18.05 ? 117 ASP A CB  1 
ATOM   591 C CG  . ASP A 1 85  ? -10.505 -9.368  -4.689  1.00 21.60 ? 117 ASP A CG  1 
ATOM   592 O OD1 . ASP A 1 85  ? -9.611  -9.772  -5.461  1.00 23.67 ? 117 ASP A OD1 1 
ATOM   593 O OD2 . ASP A 1 85  ? -11.325 -10.150 -4.163  1.00 21.95 ? 117 ASP A OD2 1 
ATOM   594 N N   . LEU A 1 86  ? -9.709  -4.827  -3.885  1.00 17.03 ? 118 LEU A N   1 
ATOM   595 C CA  . LEU A 1 86  ? -9.916  -3.380  -3.891  1.00 16.22 ? 118 LEU A CA  1 
ATOM   596 C C   . LEU A 1 86  ? -9.039  -2.633  -4.878  1.00 18.20 ? 118 LEU A C   1 
ATOM   597 O O   . LEU A 1 86  ? -9.512  -1.701  -5.550  1.00 18.46 ? 118 LEU A O   1 
ATOM   598 C CB  . LEU A 1 86  ? -9.828  -2.803  -2.499  1.00 16.79 ? 118 LEU A CB  1 
ATOM   599 C CG  . LEU A 1 86  ? -11.021 -3.147  -1.616  1.00 16.19 ? 118 LEU A CG  1 
ATOM   600 C CD1 . LEU A 1 86  ? -10.661 -2.831  -0.176  1.00 19.17 ? 118 LEU A CD1 1 
ATOM   601 C CD2 . LEU A 1 86  ? -12.244 -2.327  -2.052  1.00 19.73 ? 118 LEU A CD2 1 
ATOM   602 N N   . ILE A 1 87  ? -7.763  -3.040  -4.967  1.00 17.17 ? 119 ILE A N   1 
ATOM   603 C CA  . ILE A 1 87  ? -6.814  -2.389  -5.844  1.00 17.43 ? 119 ILE A CA  1 
ATOM   604 C C   . ILE A 1 87  ? -7.275  -2.675  -7.271  1.00 19.91 ? 119 ILE A C   1 
ATOM   605 O O   . ILE A 1 87  ? -7.337  -1.763  -8.120  1.00 19.79 ? 119 ILE A O   1 
ATOM   606 C CB  . ILE A 1 87  ? -5.399  -2.860  -5.577  1.00 16.74 ? 119 ILE A CB  1 
ATOM   607 C CG1 . ILE A 1 87  ? -4.897  -2.334  -4.213  1.00 14.33 ? 119 ILE A CG1 1 
ATOM   608 C CG2 . ILE A 1 87  ? -4.501  -2.506  -6.776  1.00 16.30 ? 119 ILE A CG2 1 
ATOM   609 C CD1 . ILE A 1 87  ? -3.496  -2.963  -3.716  1.00 12.66 ? 119 ILE A CD1 1 
ATOM   610 N N   . ARG A 1 88  ? -7.607  -3.942  -7.515  1.00 20.39 ? 120 ARG A N   1 
ATOM   611 C CA  . ARG A 1 88  ? -7.877  -4.383  -8.878  1.00 22.72 ? 120 ARG A CA  1 
ATOM   612 C C   . ARG A 1 88  ? -9.245  -3.869  -9.312  1.00 24.97 ? 120 ARG A C   1 
ATOM   613 O O   . ARG A 1 88  ? -9.465  -3.749  -10.528 1.00 28.73 ? 120 ARG A O   1 
ATOM   614 C CB  . ARG A 1 88  ? -7.712  -5.931  -9.057  1.00 22.47 ? 120 ARG A CB  1 
ATOM   615 C CG  . ARG A 1 88  ? -6.330  -6.482  -8.811  1.00 20.78 ? 120 ARG A CG  1 
ATOM   616 C CD  . ARG A 1 88  ? -6.072  -7.861  -9.412  1.00 26.16 ? 120 ARG A CD  1 
ATOM   617 N NE  . ARG A 1 88  ? -4.661  -8.258  -9.323  1.00 25.31 ? 120 ARG A NE  1 
ATOM   618 C CZ  . ARG A 1 88  ? -4.206  -9.395  -8.785  1.00 25.95 ? 120 ARG A CZ  1 
ATOM   619 N NH1 . ARG A 1 88  ? -5.045  -10.316 -8.284  1.00 27.86 ? 120 ARG A NH1 1 
ATOM   620 N NH2 . ARG A 1 88  ? -2.906  -9.623  -8.752  1.00 22.63 ? 120 ARG A NH2 1 
ATOM   621 N N   . ALA A 1 89  ? -10.154 -3.516  -8.394  1.00 25.30 ? 121 ALA A N   1 
ATOM   622 C CA  . ALA A 1 89  ? -11.496 -3.006  -8.778  1.00 26.91 ? 121 ALA A CA  1 
ATOM   623 C C   . ALA A 1 89  ? -11.364 -1.672  -9.497  1.00 29.55 ? 121 ALA A C   1 
ATOM   624 O O   . ALA A 1 89  ? -12.119 -1.409  -10.476 1.00 30.95 ? 121 ALA A O   1 
ATOM   625 C CB  . ALA A 1 89  ? -12.419 -2.894  -7.591  1.00 27.29 ? 121 ALA A CB  1 
ATOM   626 N N   . GLY A 1 90  ? -10.404 -0.842  -9.088  1.00 29.04 ? 122 GLY A N   1 
ATOM   627 C CA  . GLY A 1 90  ? -9.968  0.282   -9.964  1.00 31.91 ? 122 GLY A CA  1 
ATOM   628 C C   . GLY A 1 90  ? -9.101  -0.131  -11.166 1.00 33.64 ? 122 GLY A C   1 
ATOM   629 O O   . GLY A 1 90  ? -7.895  -0.599  -11.057 1.00 33.19 ? 122 GLY A O   1 
ATOM   630 N N   . GLU A 1 91  ? -9.686  0.077   -12.345 1.00 34.41 ? 123 GLU A N   1 
ATOM   631 C CA  . GLU A 1 91  ? -9.060  -0.301  -13.629 1.00 34.10 ? 123 GLU A CA  1 
ATOM   632 C C   . GLU A 1 91  ? -8.138  0.795   -14.174 1.00 32.64 ? 123 GLU A C   1 
ATOM   633 O O   . GLU A 1 91  ? -7.286  0.505   -15.015 1.00 34.08 ? 123 GLU A O   1 
ATOM   634 C CB  . GLU A 1 91  ? -10.135 -0.723  -14.684 1.00 35.32 ? 123 GLU A CB  1 
ATOM   635 C CG  . GLU A 1 91  ? -11.439 -1.402  -14.094 1.00 38.40 ? 123 GLU A CG  1 
ATOM   636 C CD  . GLU A 1 91  ? -12.766 -0.992  -14.830 1.00 43.95 ? 123 GLU A CD  1 
ATOM   637 O OE1 . GLU A 1 91  ? -13.206 -1.756  -15.725 1.00 45.98 ? 123 GLU A OE1 1 
ATOM   638 O OE2 . GLU A 1 91  ? -13.372 0.070   -14.499 1.00 44.43 ? 123 GLU A OE2 1 
ATOM   639 N N   . LYS A 1 92  ? -8.295  2.055   -13.720 1.00 29.64 ? 124 LYS A N   1 
ATOM   640 C CA  . LYS A 1 92  ? -7.317  3.045   -14.106 1.00 26.55 ? 124 LYS A CA  1 
ATOM   641 C C   . LYS A 1 92  ? -6.608  3.798   -12.981 1.00 25.22 ? 124 LYS A C   1 
ATOM   642 O O   . LYS A 1 92  ? -5.441  4.070   -13.119 1.00 24.80 ? 124 LYS A O   1 
ATOM   643 C CB  . LYS A 1 92  ? -7.889  4.019   -15.109 1.00 25.99 ? 124 LYS A CB  1 
ATOM   644 C CG  . LYS A 1 92  ? -6.817  4.767   -15.760 1.00 27.20 ? 124 LYS A CG  1 
ATOM   645 C CD  . LYS A 1 92  ? -7.234  5.348   -17.047 1.00 24.20 ? 124 LYS A CD  1 
ATOM   646 C CE  . LYS A 1 92  ? -6.031  5.936   -17.696 1.00 25.37 ? 124 LYS A CE  1 
ATOM   647 N NZ  . LYS A 1 92  ? -6.463  6.627   -18.951 1.00 27.98 ? 124 LYS A NZ  1 
ATOM   648 N N   . GLU A 1 93  ? -7.288  4.131   -11.888 1.00 22.41 ? 125 GLU A N   1 
ATOM   649 C CA  . GLU A 1 93  ? -6.577  4.852   -10.837 1.00 21.27 ? 125 GLU A CA  1 
ATOM   650 C C   . GLU A 1 93  ? -6.681  4.196   -9.467  1.00 19.33 ? 125 GLU A C   1 
ATOM   651 O O   . GLU A 1 93  ? -7.683  3.529   -9.136  1.00 18.61 ? 125 GLU A O   1 
ATOM   652 C CB  . GLU A 1 93  ? -6.972  6.330   -10.802 1.00 23.93 ? 125 GLU A CB  1 
ATOM   653 C CG  . GLU A 1 93  ? -8.330  6.654   -10.256 1.00 24.96 ? 125 GLU A CG  1 
ATOM   654 C CD  . GLU A 1 93  ? -8.376  8.093   -9.744  1.00 34.47 ? 125 GLU A CD  1 
ATOM   655 O OE1 . GLU A 1 93  ? -7.847  8.966   -10.471 1.00 33.76 ? 125 GLU A OE1 1 
ATOM   656 O OE2 . GLU A 1 93  ? -8.874  8.340   -8.601  1.00 39.62 ? 125 GLU A OE2 1 
ATOM   657 N N   . LEU A 1 94  ? -5.642  4.440   -8.672  1.00 16.25 ? 126 LEU A N   1 
ATOM   658 C CA  . LEU A 1 94  ? -5.531  3.900   -7.330  1.00 13.67 ? 126 LEU A CA  1 
ATOM   659 C C   . LEU A 1 94  ? -5.130  5.007   -6.406  1.00 14.32 ? 126 LEU A C   1 
ATOM   660 O O   . LEU A 1 94  ? -4.162  5.736   -6.668  1.00 14.70 ? 126 LEU A O   1 
ATOM   661 C CB  . LEU A 1 94  ? -4.449  2.822   -7.302  1.00 13.67 ? 126 LEU A CB  1 
ATOM   662 C CG  . LEU A 1 94  ? -4.071  2.323   -5.904  1.00 13.40 ? 126 LEU A CG  1 
ATOM   663 C CD1 . LEU A 1 94  ? -5.195  1.659   -5.073  1.00 15.57 ? 126 LEU A CD1 1 
ATOM   664 C CD2 . LEU A 1 94  ? -2.922  1.306   -6.151  1.00 13.90 ? 126 LEU A CD2 1 
ATOM   665 N N   . ILE A 1 95  ? -5.825  5.147   -5.303  1.00 13.74 ? 127 ILE A N   1 
ATOM   666 C CA  . ILE A 1 95  ? -5.436  6.089   -4.241  1.00 15.48 ? 127 ILE A CA  1 
ATOM   667 C C   . ILE A 1 95  ? -5.084  5.266   -3.034  1.00 15.92 ? 127 ILE A C   1 
ATOM   668 O O   . ILE A 1 95  ? -5.930  4.484   -2.549  1.00 16.25 ? 127 ILE A O   1 
ATOM   669 C CB  . ILE A 1 95  ? -6.571  7.104   -3.843  1.00 16.71 ? 127 ILE A CB  1 
ATOM   670 C CG1 . ILE A 1 95  ? -7.166  7.787   -5.073  1.00 22.06 ? 127 ILE A CG1 1 
ATOM   671 C CG2 . ILE A 1 95  ? -6.030  8.112   -2.842  1.00 16.34 ? 127 ILE A CG2 1 
ATOM   672 C CD1 . ILE A 1 95  ? -6.207  8.571   -5.807  1.00 23.12 ? 127 ILE A CD1 1 
ATOM   673 N N   . LEU A 1 96  ? -3.854  5.431   -2.537  1.00 14.85 ? 128 LEU A N   1 
ATOM   674 C CA  . LEU A 1 96  ? -3.434  4.698   -1.347  1.00 14.44 ? 128 LEU A CA  1 
ATOM   675 C C   . LEU A 1 96  ? -3.236  5.686   -0.205  1.00 14.96 ? 128 LEU A C   1 
ATOM   676 O O   . LEU A 1 96  ? -2.734  6.795   -0.454  1.00 15.61 ? 128 LEU A O   1 
ATOM   677 C CB  . LEU A 1 96  ? -2.104  3.966   -1.624  1.00 14.35 ? 128 LEU A CB  1 
ATOM   678 C CG  . LEU A 1 96  ? -2.069  2.791   -2.626  1.00 14.27 ? 128 LEU A CG  1 
ATOM   679 C CD1 . LEU A 1 96  ? -0.603  2.368   -2.768  1.00 15.69 ? 128 LEU A CD1 1 
ATOM   680 C CD2 . LEU A 1 96  ? -2.921  1.522   -2.204  1.00 14.89 ? 128 LEU A CD2 1 
ATOM   681 N N   . THR A 1 97  ? -3.556  5.300   1.027   1.00 12.48 ? 129 THR A N   1 
ATOM   682 C CA  . THR A 1 97  ? -3.025  6.036   2.211   1.00 12.43 ? 129 THR A CA  1 
ATOM   683 C C   . THR A 1 97  ? -2.072  5.083   2.828   1.00 11.82 ? 129 THR A C   1 
ATOM   684 O O   . THR A 1 97  ? -2.452  3.923   3.072   1.00 12.93 ? 129 THR A O   1 
ATOM   685 C CB  . THR A 1 97  ? -4.113  6.431   3.228   1.00 15.45 ? 129 THR A CB  1 
ATOM   686 O OG1 . THR A 1 97  ? -5.140  7.151   2.542   1.00 19.33 ? 129 THR A OG1 1 
ATOM   687 C CG2 . THR A 1 97  ? -3.527  7.228   4.283   1.00 15.04 ? 129 THR A CG2 1 
ATOM   688 N N   . VAL A 1 98  ? -0.821  5.509   2.981   1.00 11.59 ? 130 VAL A N   1 
ATOM   689 C CA  . VAL A 1 98  ? 0.249   4.604   3.462   1.00 11.33 ? 130 VAL A CA  1 
ATOM   690 C C   . VAL A 1 98  ? 0.991   5.197   4.678   1.00 12.09 ? 130 VAL A C   1 
ATOM   691 O O   . VAL A 1 98  ? 1.016   6.406   4.907   1.00 12.20 ? 130 VAL A O   1 
ATOM   692 C CB  . VAL A 1 98  ? 1.257   4.259   2.364   1.00 10.75 ? 130 VAL A CB  1 
ATOM   693 C CG1 . VAL A 1 98  ? 0.540   3.495   1.223   1.00 12.00 ? 130 VAL A CG1 1 
ATOM   694 C CG2 . VAL A 1 98  ? 1.995   5.520   1.860   1.00 11.76 ? 130 VAL A CG2 1 
ATOM   695 N N   . LEU A 1 99  ? 1.478   4.270   5.507   1.00 13.15 ? 131 LEU A N   1 
ATOM   696 C CA  . LEU A 1 99  ? 2.413   4.603   6.592   1.00 11.80 ? 131 LEU A CA  1 
ATOM   697 C C   . LEU A 1 99  ? 3.779   4.139   6.066   1.00 11.76 ? 131 LEU A C   1 
ATOM   698 O O   . LEU A 1 99  ? 4.052   2.959   5.922   1.00 14.01 ? 131 LEU A O   1 
ATOM   699 C CB  . LEU A 1 99  ? 2.080   3.861   7.853   1.00 13.22 ? 131 LEU A CB  1 
ATOM   700 C CG  . LEU A 1 99  ? 0.790   4.227   8.556   1.00 18.71 ? 131 LEU A CG  1 
ATOM   701 C CD1 . LEU A 1 99  ? 0.463   3.086   9.549   1.00 25.28 ? 131 LEU A CD1 1 
ATOM   702 C CD2 . LEU A 1 99  ? 0.935   5.583   9.240   1.00 24.06 ? 131 LEU A CD2 1 
ATOM   703 N N   . SER A 1 100 ? 4.621   5.095   5.751   1.00 12.66 ? 132 SER A N   1 
ATOM   704 C CA  . SER A 1 100 ? 5.949   4.749   5.195   1.00 12.24 ? 132 SER A CA  1 
ATOM   705 C C   . SER A 1 100 ? 6.966   4.502   6.308   1.00 13.81 ? 132 SER A C   1 
ATOM   706 O O   . SER A 1 100 ? 7.115   5.344   7.223   1.00 16.61 ? 132 SER A O   1 
ATOM   707 C CB  . SER A 1 100 ? 6.437   5.892   4.286   1.00 12.72 ? 132 SER A CB  1 
ATOM   708 O OG  . SER A 1 100 ? 5.604   6.117   3.148   1.00 14.84 ? 132 SER A OG  1 
ATOM   709 N N   . VAL A 1 101 ? 7.663   3.377   6.194   1.00 12.97 ? 133 VAL A N   1 
ATOM   710 C CA  . VAL A 1 101 ? 8.759   3.040   7.084   1.00 14.84 ? 133 VAL A CA  1 
ATOM   711 C C   . VAL A 1 101 ? 10.016  3.803   6.643   1.00 15.04 ? 133 VAL A C   1 
ATOM   712 O O   . VAL A 1 101 ? 10.943  4.017   7.444   1.00 17.22 ? 133 VAL A O   1 
ATOM   713 C CB  . VAL A 1 101 ? 8.936   1.483   7.185   1.00 15.98 ? 133 VAL A CB  1 
ATOM   714 C CG1 . VAL A 1 101 ? 7.640   0.859   7.842   1.00 17.84 ? 133 VAL A CG1 1 
ATOM   715 C CG2 . VAL A 1 101 ? 9.242   0.838   5.873   1.00 18.08 ? 133 VAL A CG2 1 
ATOM   716 N N   . GLU A 1 102 ? 10.028  4.212   5.372   1.00 16.24 ? 201 GLU A N   1 
ATOM   717 C CA  . GLU A 1 102 ? 11.109  5.049   4.787   1.00 15.82 ? 201 GLU A CA  1 
ATOM   718 C C   . GLU A 1 102 ? 10.567  6.445   4.489   1.00 14.24 ? 201 GLU A C   1 
ATOM   719 O O   . GLU A 1 102 ? 9.575   6.583   3.774   1.00 14.91 ? 201 GLU A O   1 
ATOM   720 C CB  . GLU A 1 102 ? 11.786  4.395   3.568   1.00 17.87 ? 201 GLU A CB  1 
ATOM   721 C CG  . GLU A 1 102 ? 12.691  3.169   3.973   1.00 23.64 ? 201 GLU A CG  1 
ATOM   722 C CD  . GLU A 1 102 ? 13.849  2.834   2.980   1.00 32.16 ? 201 GLU A CD  1 
ATOM   723 O OE1 . GLU A 1 102 ? 13.639  2.989   1.744   1.00 35.04 ? 201 GLU A OE1 1 
ATOM   724 O OE2 . GLU A 1 102 ? 14.969  2.382   3.430   1.00 32.16 ? 201 GLU A OE2 1 
ATOM   725 N N   . SER A 1 103 ? 11.212  7.461   5.070   1.00 14.17 ? 202 SER A N   1 
ATOM   726 C CA  . SER A 1 103 ? 10.908  8.844   4.777   1.00 14.95 ? 202 SER A CA  1 
ATOM   727 C C   . SER A 1 103 ? 11.688  9.277   3.540   1.00 15.51 ? 202 SER A C   1 
ATOM   728 O O   . SER A 1 103 ? 12.568  8.558   3.024   1.00 16.19 ? 202 SER A O   1 
ATOM   729 C CB  . SER A 1 103 ? 11.332  9.778   5.917   1.00 16.51 ? 202 SER A CB  1 
ATOM   730 O OG  . SER A 1 103 ? 10.655  9.476   7.116   1.00 18.62 ? 202 SER A OG  1 
ATOM   731 N N   . GLU A 1 104 ? 11.299  10.414  3.009   1.00 14.19 ? 203 GLU A N   1 
ATOM   732 C CA  . GLU A 1 104 ? 12.012  11.022  1.914   1.00 15.26 ? 203 GLU A CA  1 
ATOM   733 C C   . GLU A 1 104 ? 12.096  12.508  2.099   1.00 15.84 ? 203 GLU A C   1 
ATOM   734 O O   . GLU A 1 104 ? 11.102  13.150  2.486   1.00 17.51 ? 203 GLU A O   1 
ATOM   735 C CB  . GLU A 1 104 ? 11.306  10.703  0.594   1.00 15.94 ? 203 GLU A CB  1 
ATOM   736 C CG  . GLU A 1 104 ? 11.963  11.326  -0.610  1.00 18.23 ? 203 GLU A CG  1 
ATOM   737 C CD  . GLU A 1 104 ? 11.110  11.223  -1.825  1.00 25.81 ? 203 GLU A CD  1 
ATOM   738 O OE1 . GLU A 1 104 ? 11.235  10.187  -2.454  1.00 29.31 ? 203 GLU A OE1 1 
ATOM   739 O OE2 . GLU A 1 104 ? 10.264  12.127  -2.106  1.00 27.91 ? 203 GLU A OE2 1 
ATOM   740 N N   . SER A 1 105 ? 13.263  13.082  1.796   1.00 14.31 ? 204 SER A N   1 
ATOM   741 C CA  . SER A 1 105 ? 13.442  14.525  1.812   1.00 14.95 ? 204 SER A CA  1 
ATOM   742 C C   . SER A 1 105 ? 14.231  14.965  0.590   1.00 15.33 ? 204 SER A C   1 
ATOM   743 O O   . SER A 1 105 ? 15.091  14.221  0.090   1.00 16.07 ? 204 SER A O   1 
ATOM   744 C CB  . SER A 1 105 ? 14.206  14.914  3.065   1.00 15.98 ? 204 SER A CB  1 
ATOM   745 O OG  . SER A 1 105 ? 13.486  14.572  4.238   1.00 15.37 ? 204 SER A OG  1 
ATOM   746 N N   . LYS A 1 106 ? 13.909  16.172  0.097   1.00 17.35 ? 205 LYS A N   1 
ATOM   747 C CA  . LYS A 1 106 ? 14.609  16.823  -1.007  1.00 17.88 ? 205 LYS A CA  1 
ATOM   748 C C   . LYS A 1 106 ? 15.667  17.745  -0.402  1.00 17.73 ? 205 LYS A C   1 
ATOM   749 O O   . LYS A 1 106 ? 15.360  18.510  0.513   1.00 17.84 ? 205 LYS A O   1 
ATOM   750 C CB  . LYS A 1 106 ? 13.612  17.653  -1.817  1.00 19.31 ? 205 LYS A CB  1 
ATOM   751 C CG  . LYS A 1 106 ? 14.259  18.372  -3.005  1.00 25.70 ? 205 LYS A CG  1 
ATOM   752 C CD  . LYS A 1 106 ? 13.366  18.558  -4.275  1.00 33.53 ? 205 LYS A CD  1 
ATOM   753 C CE  . LYS A 1 106 ? 14.229  19.031  -5.591  1.00 39.24 ? 205 LYS A CE  1 
ATOM   754 N NZ  . LYS A 1 106 ? 15.617  18.365  -6.033  1.00 35.71 ? 205 LYS A NZ  1 
ATOM   755 N N   . VAL A 1 107 ? 16.913  17.675  -0.873  1.00 17.63 ? 206 VAL A N   1 
ATOM   756 C CA  . VAL A 1 107 ? 17.967  18.517  -0.265  1.00 17.90 ? 206 VAL A CA  1 
ATOM   757 C C   . VAL A 1 107 ? 18.744  19.228  -1.370  1.00 18.72 ? 206 VAL A C   1 
ATOM   758 O O   . VAL A 1 107 ? 18.554  18.896  -2.552  1.00 17.60 ? 206 VAL A O   1 
ATOM   759 C CB  . VAL A 1 107 ? 18.968  17.741  0.664   1.00 16.76 ? 206 VAL A CB  1 
ATOM   760 C CG1 . VAL A 1 107 ? 18.295  17.259  1.979   1.00 16.50 ? 206 VAL A CG1 1 
ATOM   761 C CG2 . VAL A 1 107 ? 19.741  16.594  -0.121  1.00 15.67 ? 206 VAL A CG2 1 
ATOM   762 O OXT . VAL A 1 107 ? 19.553  20.133  -1.021  1.00 20.64 ? 206 VAL A OXT 1 
HETATM 763 O O   . HOH B 2 .   ? 6.331   1.086   -10.220 1.00 12.50 ? 3   HOH A O   1 
HETATM 764 O O   . HOH B 2 .   ? -7.699  1.034   -7.797  1.00 17.65 ? 4   HOH A O   1 
HETATM 765 O O   . HOH B 2 .   ? -12.525 -6.722  -1.215  1.00 13.90 ? 5   HOH A O   1 
HETATM 766 O O   . HOH B 2 .   ? -4.097  -6.549  6.189   1.00 17.68 ? 7   HOH A O   1 
HETATM 767 O O   . HOH B 2 .   ? -12.462 -9.503  -1.680  1.00 16.28 ? 8   HOH A O   1 
HETATM 768 O O   . HOH B 2 .   ? 4.191   12.235  0.386   1.00 19.19 ? 9   HOH A O   1 
HETATM 769 O O   . HOH B 2 .   ? 12.898  10.427  -4.735  1.00 22.15 ? 10  HOH A O   1 
HETATM 770 O O   . HOH B 2 .   ? 4.073   10.141  -3.376  1.00 17.42 ? 11  HOH A O   1 
HETATM 771 O O   . HOH B 2 .   ? -3.712  -3.352  4.765   1.00 13.32 ? 12  HOH A O   1 
HETATM 772 O O   . HOH B 2 .   ? 3.565   0.226   -13.858 1.00 20.11 ? 13  HOH A O   1 
HETATM 773 O O   . HOH B 2 .   ? -6.270  -13.612 1.289   1.00 17.75 ? 14  HOH A O   1 
HETATM 774 O O   . HOH B 2 .   ? -10.591 -12.873 1.811   1.00 19.70 ? 15  HOH A O   1 
HETATM 775 O O   . HOH B 2 .   ? 2.988   7.376   -12.112 1.00 21.43 ? 16  HOH A O   1 
HETATM 776 O O   . HOH B 2 .   ? 11.702  17.608  1.513   1.00 24.42 ? 17  HOH A O   1 
HETATM 777 O O   . HOH B 2 .   ? 11.548  3.142   9.956   1.00 19.46 ? 18  HOH A O   1 
HETATM 778 O O   . HOH B 2 .   ? 1.586   13.075  -0.136  1.00 18.95 ? 19  HOH A O   1 
HETATM 779 O O   . HOH B 2 .   ? -11.771 -6.631  -7.798  1.00 24.20 ? 20  HOH A O   1 
HETATM 780 O O   . HOH B 2 .   ? 0.853   5.728   -15.377 1.00 33.51 ? 21  HOH A O   1 
HETATM 781 O O   . HOH B 2 .   ? 6.728   9.730   5.144   1.00 19.31 ? 22  HOH A O   1 
HETATM 782 O O   . HOH B 2 .   ? 0.452   8.041   -11.894 1.00 21.76 ? 23  HOH A O   1 
HETATM 783 O O   . HOH B 2 .   ? 4.286   -4.195  9.946   1.00 26.46 ? 24  HOH A O   1 
HETATM 784 O O   . HOH B 2 .   ? 1.758   11.718  -2.873  1.00 20.01 ? 25  HOH A O   1 
HETATM 785 O O   . HOH B 2 .   ? -0.130  -7.705  19.543  1.00 24.49 ? 26  HOH A O   1 
HETATM 786 O O   . HOH B 2 .   ? 0.136   11.308  -5.508  1.00 19.52 ? 27  HOH A O   1 
HETATM 787 O O   . HOH B 2 .   ? 2.720   -6.717  6.195   1.00 22.95 ? 28  HOH A O   1 
HETATM 788 O O   . HOH B 2 .   ? 4.028   7.889   5.904   1.00 21.85 ? 29  HOH A O   1 
HETATM 789 O O   . HOH B 2 .   ? 8.996   5.932   -5.566  1.00 25.12 ? 30  HOH A O   1 
HETATM 790 O O   . HOH B 2 .   ? 0.523   13.044  6.878   1.00 21.15 ? 31  HOH A O   1 
HETATM 791 O O   . HOH B 2 .   ? -14.214 -9.739  -4.849  1.00 26.52 ? 32  HOH A O   1 
HETATM 792 O O   . HOH B 2 .   ? -10.215 3.667   -12.485 1.00 23.90 ? 33  HOH A O   1 
HETATM 793 O O   . HOH B 2 .   ? -11.707 0.015   -5.081  1.00 21.72 ? 34  HOH A O   1 
HETATM 794 O O   . HOH B 2 .   ? 11.660  -2.553  -4.727  1.00 25.16 ? 35  HOH A O   1 
HETATM 795 O O   . HOH B 2 .   ? -3.525  -6.926  -11.286 1.00 30.58 ? 36  HOH A O   1 
HETATM 796 O O   . HOH B 2 .   ? 16.878  19.918  -4.415  1.00 33.75 ? 37  HOH A O   1 
HETATM 797 O O   . HOH B 2 .   ? -9.618  -14.961 6.818   1.00 25.30 ? 38  HOH A O   1 
HETATM 798 O O   . HOH B 2 .   ? 11.889  3.279   0.475   1.00 34.57 ? 134 HOH A O   1 
HETATM 799 O O   . HOH B 2 .   ? 1.244   -5.044  9.639   1.00 28.83 ? 136 HOH A O   1 
HETATM 800 O O   . HOH B 2 .   ? -8.950  -10.202 14.538  1.00 42.59 ? 141 HOH A O   1 
HETATM 801 O O   . HOH B 2 .   ? 19.922  21.604  1.236   1.00 37.71 ? 142 HOH A O   1 
HETATM 802 O O   . HOH B 2 .   ? 9.668   -4.302  2.085   1.00 35.30 ? 143 HOH A O   1 
HETATM 803 O O   . HOH B 2 .   ? -5.786  10.250  -15.166 1.00 41.92 ? 145 HOH A O   1 
HETATM 804 O O   . HOH B 2 .   ? 3.148   6.639   -14.971 1.00 36.35 ? 146 HOH A O   1 
HETATM 805 O O   . HOH B 2 .   ? -1.414  -11.288 20.855  1.00 31.14 ? 147 HOH A O   1 
HETATM 806 O O   . HOH B 2 .   ? -2.681  -13.517 9.919   1.00 36.20 ? 148 HOH A O   1 
HETATM 807 O O   . HOH B 2 .   ? 13.884  2.299   -8.288  1.00 38.89 ? 149 HOH A O   1 
HETATM 808 O O   . HOH B 2 .   ? -9.554  5.614   -6.649  1.00 42.41 ? 150 HOH A O   1 
HETATM 809 O O   . HOH B 2 .   ? 8.266   2.852   3.332   1.00 13.26 ? 207 HOH A O   1 
HETATM 810 O O   . HOH B 2 .   ? 1.228   -9.238  21.205  1.00 25.90 ? 208 HOH A O   1 
HETATM 811 O O   . HOH B 2 .   ? -0.328  -8.467  7.065   1.00 22.11 ? 209 HOH A O   1 
HETATM 812 O O   . HOH B 2 .   ? 5.612   -4.484  12.613  1.00 34.48 ? 210 HOH A O   1 
HETATM 813 O O   . HOH B 2 .   ? 2.541   11.204  -6.948  1.00 20.94 ? 211 HOH A O   1 
HETATM 814 O O   . HOH B 2 .   ? 11.638  11.381  9.130   1.00 24.53 ? 212 HOH A O   1 
HETATM 815 O O   . HOH B 2 .   ? 8.755   -7.382  2.405   1.00 26.79 ? 213 HOH A O   1 
HETATM 816 O O   . HOH B 2 .   ? 7.787   9.354   -2.106  1.00 21.81 ? 214 HOH A O   1 
HETATM 817 O O   . HOH B 2 .   ? -8.875  -15.007 1.269   1.00 25.07 ? 215 HOH A O   1 
HETATM 818 O O   . HOH B 2 .   ? -10.377 3.690   -8.801  1.00 34.46 ? 216 HOH A O   1 
HETATM 819 O O   . HOH B 2 .   ? -13.144 3.780   4.912   1.00 32.96 ? 217 HOH A O   1 
HETATM 820 O O   . HOH B 2 .   ? -0.795  2.932   19.461  1.00 31.52 ? 218 HOH A O   1 
HETATM 821 O O   . HOH B 2 .   ? 9.081   11.702  4.536   1.00 24.01 ? 219 HOH A O   1 
HETATM 822 O O   . HOH B 2 .   ? 8.681   11.151  -4.096  1.00 27.69 ? 220 HOH A O   1 
HETATM 823 O O   . HOH B 2 .   ? 14.546  -6.107  1.024   1.00 28.95 ? 221 HOH A O   1 
HETATM 824 O O   . HOH B 2 .   ? 8.044   8.048   7.057   1.00 26.82 ? 222 HOH A O   1 
HETATM 825 O O   . HOH B 2 .   ? 8.677   -8.544  -8.609  1.00 39.27 ? 223 HOH A O   1 
HETATM 826 O O   . HOH B 2 .   ? 10.258  3.525   -5.351  1.00 30.61 ? 224 HOH A O   1 
HETATM 827 O O   . HOH B 2 .   ? 16.157  15.773  -6.448  1.00 29.43 ? 225 HOH A O   1 
HETATM 828 O O   . HOH B 2 .   ? 13.038  16.651  5.996   1.00 28.74 ? 226 HOH A O   1 
HETATM 829 O O   . HOH B 2 .   ? 6.029   12.155  -3.777  1.00 34.01 ? 227 HOH A O   1 
HETATM 830 O O   . HOH B 2 .   ? -6.953  -9.156  11.011  1.00 25.00 ? 228 HOH A O   1 
HETATM 831 O O   . HOH B 2 .   ? 10.925  1.632   -3.539  1.00 26.73 ? 229 HOH A O   1 
HETATM 832 O O   . HOH B 2 .   ? -0.963  -11.535 10.616  1.00 35.74 ? 230 HOH A O   1 
HETATM 833 O O   . HOH B 2 .   ? 4.363   11.517  5.747   1.00 32.25 ? 231 HOH A O   1 
HETATM 834 O O   . HOH B 2 .   ? -6.767  8.917   4.032   1.00 33.36 ? 232 HOH A O   1 
HETATM 835 O O   . HOH B 2 .   ? -13.256 1.460   -2.907  1.00 31.78 ? 233 HOH A O   1 
HETATM 836 O O   . HOH B 2 .   ? -7.278  5.956   0.089   1.00 29.09 ? 234 HOH A O   1 
HETATM 837 O O   . HOH B 2 .   ? 8.707   13.587  -0.365  1.00 30.86 ? 235 HOH A O   1 
HETATM 838 O O   . HOH B 2 .   ? -14.659 -5.909  -7.476  1.00 34.11 ? 236 HOH A O   1 
HETATM 839 O O   . HOH B 2 .   ? 0.483   9.820   -9.731  1.00 28.35 ? 237 HOH A O   1 
HETATM 840 O O   . HOH B 2 .   ? -11.034 5.899   6.119   1.00 37.51 ? 238 HOH A O   1 
HETATM 841 O O   . HOH B 2 .   ? 10.342  -8.390  -2.884  1.00 35.98 ? 239 HOH A O   1 
HETATM 842 O O   . HOH B 2 .   ? 12.036  0.681   -7.203  1.00 33.60 ? 240 HOH A O   1 
HETATM 843 O O   . HOH B 2 .   ? 8.017   -10.421 3.848   1.00 33.98 ? 241 HOH A O   1 
HETATM 844 O O   . HOH B 2 .   ? -14.162 3.965   -3.194  1.00 35.30 ? 242 HOH A O   1 
HETATM 845 O O   . HOH B 2 .   ? -3.867  7.506   -19.755 1.00 34.70 ? 243 HOH A O   1 
HETATM 846 O O   . HOH B 2 .   ? 11.883  -0.141  3.084   1.00 32.21 ? 244 HOH A O   1 
HETATM 847 O O   . HOH B 2 .   ? -15.718 1.290   -15.731 1.00 35.17 ? 245 HOH A O   1 
HETATM 848 O O   . HOH B 2 .   ? -7.656  -9.960  -7.366  1.00 40.30 ? 246 HOH A O   1 
HETATM 849 O O   . HOH B 2 .   ? 7.429   12.408  2.309   1.00 32.91 ? 247 HOH A O   1 
HETATM 850 O O   . HOH B 2 .   ? -8.134  -2.139  14.180  1.00 32.57 ? 248 HOH A O   1 
HETATM 851 O O   . HOH B 2 .   ? 10.977  -11.168 -3.841  1.00 33.07 ? 249 HOH A O   1 
HETATM 852 O O   . HOH B 2 .   ? 10.391  14.053  5.255   1.00 40.05 ? 250 HOH A O   1 
HETATM 853 O O   . HOH B 2 .   ? 15.329  0.772   5.409   1.00 38.43 ? 251 HOH A O   1 
HETATM 854 O O   . HOH B 2 .   ? -1.410  5.242   -17.921 1.00 40.22 ? 252 HOH A O   1 
HETATM 855 O O   . HOH B 2 .   ? 11.076  19.943  -0.046  1.00 35.24 ? 253 HOH A O   1 
HETATM 856 O O   . HOH B 2 .   ? -13.319 3.619   -6.192  1.00 36.20 ? 254 HOH A O   1 
HETATM 857 O O   . HOH B 2 .   ? -8.845  11.712  -10.085 1.00 36.30 ? 255 HOH A O   1 
HETATM 858 O O   . HOH B 2 .   ? 11.353  -2.311  4.180   1.00 34.84 ? 256 HOH A O   1 
HETATM 859 O O   . HOH B 2 .   ? -10.333 -9.721  -8.718  1.00 39.83 ? 257 HOH A O   1 
HETATM 860 O O   . HOH B 2 .   ? -8.278  -4.508  15.939  1.00 35.70 ? 258 HOH A O   1 
HETATM 861 O O   . HOH B 2 .   ? -3.331  3.206   16.484  1.00 32.95 ? 259 HOH A O   1 
HETATM 862 O O   . HOH B 2 .   ? -11.476 -4.014  6.465   1.00 43.97 ? 260 HOH A O   1 
HETATM 863 O O   . HOH B 2 .   ? -9.277  -14.988 13.954  1.00 37.67 ? 261 HOH A O   1 
HETATM 864 O O   . HOH B 2 .   ? 9.061   2.646   11.038  1.00 34.20 ? 262 HOH A O   1 
HETATM 865 O O   . HOH B 2 .   ? 9.060   -3.800  4.528   1.00 44.42 ? 263 HOH A O   1 
HETATM 866 O O   . HOH B 2 .   ? -9.341  8.391   6.976   1.00 44.53 ? 264 HOH A O   1 
HETATM 867 O O   . HOH B 2 .   ? 3.782   10.028  -11.830 1.00 40.10 ? 265 HOH A O   1 
HETATM 868 O O   . HOH B 2 .   ? 7.833   -0.999  14.265  1.00 43.50 ? 266 HOH A O   1 
HETATM 869 O O   . HOH B 2 .   ? -8.093  -13.386 16.006  1.00 45.20 ? 267 HOH A O   1 
HETATM 870 O O   . HOH B 2 .   ? 7.953   0.287   11.775  1.00 38.36 ? 268 HOH A O   1 
HETATM 871 O O   . HOH B 2 .   ? 7.458   7.336   13.262  1.00 36.07 ? 269 HOH A O   1 
HETATM 872 O O   . HOH B 2 .   ? -6.322  2.449   9.976   1.00 40.22 ? 270 HOH A O   1 
HETATM 873 O O   . HOH B 2 .   ? -8.274  -15.936 3.708   1.00 32.40 ? 271 HOH A O   1 
HETATM 874 O O   . HOH B 2 .   ? 2.488   11.555  -9.791  1.00 36.63 ? 272 HOH A O   1 
HETATM 875 O O   . HOH B 2 .   ? -6.426  -8.838  13.548  1.00 37.97 ? 273 HOH A O   1 
HETATM 876 O O   . HOH B 2 .   ? -8.353  8.715   -0.093  1.00 39.88 ? 274 HOH A O   1 
HETATM 877 O O   . HOH B 2 .   ? -12.440 1.751   -7.183  1.00 36.27 ? 275 HOH A O   1 
HETATM 878 O O   . HOH B 2 .   ? -4.340  1.976   -18.228 1.00 44.05 ? 276 HOH A O   1 
HETATM 879 O O   . HOH B 2 .   ? 0.207   -10.318 13.034  1.00 33.39 ? 277 HOH A O   1 
HETATM 880 O O   . HOH B 2 .   ? -6.414  -3.304  -11.566 1.00 33.74 ? 278 HOH A O   1 
HETATM 881 O O   . HOH B 2 .   ? 3.248   -4.634  8.023   1.00 40.47 ? 279 HOH A O   1 
HETATM 882 O O   . HOH B 2 .   ? -5.484  6.783   7.515   1.00 38.60 ? 280 HOH A O   1 
# 
loop_
_pdbx_poly_seq_scheme.asym_id 
_pdbx_poly_seq_scheme.entity_id 
_pdbx_poly_seq_scheme.seq_id 
_pdbx_poly_seq_scheme.mon_id 
_pdbx_poly_seq_scheme.ndb_seq_num 
_pdbx_poly_seq_scheme.pdb_seq_num 
_pdbx_poly_seq_scheme.auth_seq_num 
_pdbx_poly_seq_scheme.pdb_mon_id 
_pdbx_poly_seq_scheme.auth_mon_id 
_pdbx_poly_seq_scheme.pdb_strand_id 
_pdbx_poly_seq_scheme.pdb_ins_code 
_pdbx_poly_seq_scheme.hetero 
A 1 1   GLY 1   1   ?   ?   ?   A . n 
A 1 2   SER 2   2   ?   ?   ?   A . n 
A 1 3   HIS 3   3   ?   ?   ?   A . n 
A 1 4   GLY 4   4   ?   ?   ?   A . n 
A 1 5   GLY 5   5   ?   ?   ?   A . n 
A 1 6   SER 6   6   6   SER SER A . n 
A 1 7   PRO 7   39  39  PRO PRO A . n 
A 1 8   ARG 8   40  40  ARG ARG A . n 
A 1 9   VAL 9   41  41  VAL VAL A . n 
A 1 10  VAL 10  42  42  VAL VAL A . n 
A 1 11  ARG 11  43  43  ARG ARG A . n 
A 1 12  ILE 12  44  44  ILE ILE A . n 
A 1 13  VAL 13  45  45  VAL VAL A . n 
A 1 14  LYS 14  46  46  LYS LYS A . n 
A 1 15  SER 15  47  47  SER SER A . n 
A 1 16  GLU 16  48  48  GLU GLU A . n 
A 1 17  SER 17  49  49  SER SER A . n 
A 1 18  GLY 18  50  50  GLY GLY A . n 
A 1 19  TYR 19  51  51  TYR TYR A . n 
A 1 20  GLY 20  52  52  GLY GLY A . n 
A 1 21  PHE 21  53  53  PHE PHE A . n 
A 1 22  ASN 22  54  54  ASN ASN A . n 
A 1 23  VAL 23  55  55  VAL VAL A . n 
A 1 24  ARG 24  56  56  ARG ARG A . n 
A 1 25  GLY 25  57  57  GLY GLY A . n 
A 1 26  GLN 26  58  58  GLN GLN A . n 
A 1 27  VAL 27  59  59  VAL VAL A . n 
A 1 28  SER 28  60  60  SER SER A . n 
A 1 29  GLU 29  61  61  GLU GLU A . n 
A 1 30  GLY 30  62  62  GLY GLY A . n 
A 1 31  GLY 31  63  63  GLY GLY A . n 
A 1 32  GLN 32  64  64  GLN GLN A . n 
A 1 33  LEU 33  65  65  LEU LEU A . n 
A 1 34  ARG 34  66  66  ARG ARG A . n 
A 1 35  SER 35  67  67  SER SER A . n 
A 1 36  ILE 36  68  68  ILE ILE A . n 
A 1 37  ASN 37  69  69  ASN ASN A . n 
A 1 38  GLY 38  70  70  GLY GLY A . n 
A 1 39  GLU 39  71  71  GLU GLU A . n 
A 1 40  LEU 40  72  72  LEU LEU A . n 
A 1 41  TYR 41  73  73  TYR TYR A . n 
A 1 42  ALA 42  74  74  ALA ALA A . n 
A 1 43  PRO 43  75  75  PRO PRO A . n 
A 1 44  LEU 44  76  76  LEU LEU A . n 
A 1 45  GLN 45  77  77  GLN GLN A . n 
A 1 46  HIS 46  78  78  HIS HIS A . n 
A 1 47  VAL 47  79  79  VAL VAL A . n 
A 1 48  SER 48  80  80  SER SER A . n 
A 1 49  ALA 49  81  81  ALA ALA A . n 
A 1 50  VAL 50  82  82  VAL VAL A . n 
A 1 51  LEU 51  83  83  LEU LEU A . n 
A 1 52  PRO 52  84  84  PRO PRO A . n 
A 1 53  GLY 53  85  85  GLY GLY A . n 
A 1 54  GLY 54  86  86  GLY GLY A . n 
A 1 55  ALA 55  87  87  ALA ALA A . n 
A 1 56  ALA 56  88  88  ALA ALA A . n 
A 1 57  ASP 57  89  89  ASP ASP A . n 
A 1 58  ARG 58  90  90  ARG ARG A . n 
A 1 59  ALA 59  91  91  ALA ALA A . n 
A 1 60  GLY 60  92  92  GLY GLY A . n 
A 1 61  VAL 61  93  93  VAL VAL A . n 
A 1 62  ARG 62  94  94  ARG ARG A . n 
A 1 63  LYS 63  95  95  LYS LYS A . n 
A 1 64  GLY 64  96  96  GLY GLY A . n 
A 1 65  ASP 65  97  97  ASP ASP A . n 
A 1 66  ARG 66  98  98  ARG ARG A . n 
A 1 67  ILE 67  99  99  ILE ILE A . n 
A 1 68  LEU 68  100 100 LEU LEU A . n 
A 1 69  GLU 69  101 101 GLU GLU A . n 
A 1 70  VAL 70  102 102 VAL VAL A . n 
A 1 71  ASN 71  103 103 ASN ASN A . n 
A 1 72  GLY 72  104 104 GLY GLY A . n 
A 1 73  VAL 73  105 105 VAL VAL A . n 
A 1 74  ASN 74  106 106 ASN ASN A . n 
A 1 75  VAL 75  107 107 VAL VAL A . n 
A 1 76  GLU 76  108 108 GLU GLU A . n 
A 1 77  GLY 77  109 109 GLY GLY A . n 
A 1 78  ALA 78  110 110 ALA ALA A . n 
A 1 79  THR 79  111 111 THR THR A . n 
A 1 80  HIS 80  112 112 HIS HIS A . n 
A 1 81  LYS 81  113 113 LYS LYS A . n 
A 1 82  GLN 82  114 114 GLN GLN A . n 
A 1 83  VAL 83  115 115 VAL VAL A . n 
A 1 84  VAL 84  116 116 VAL VAL A . n 
A 1 85  ASP 85  117 117 ASP ASP A . n 
A 1 86  LEU 86  118 118 LEU LEU A . n 
A 1 87  ILE 87  119 119 ILE ILE A . n 
A 1 88  ARG 88  120 120 ARG ARG A . n 
A 1 89  ALA 89  121 121 ALA ALA A . n 
A 1 90  GLY 90  122 122 GLY GLY A . n 
A 1 91  GLU 91  123 123 GLU GLU A . n 
A 1 92  LYS 92  124 124 LYS LYS A . n 
A 1 93  GLU 93  125 125 GLU GLU A . n 
A 1 94  LEU 94  126 126 LEU LEU A . n 
A 1 95  ILE 95  127 127 ILE ILE A . n 
A 1 96  LEU 96  128 128 LEU LEU A . n 
A 1 97  THR 97  129 129 THR THR A . n 
A 1 98  VAL 98  130 130 VAL VAL A . n 
A 1 99  LEU 99  131 131 LEU LEU A . n 
A 1 100 SER 100 132 132 SER SER A . n 
A 1 101 VAL 101 133 133 VAL VAL A . n 
A 1 102 GLU 102 201 201 GLU GLU A . n 
A 1 103 SER 103 202 202 SER SER A . n 
A 1 104 GLU 104 203 203 GLU GLU A . n 
A 1 105 SER 105 204 204 SER SER A . n 
A 1 106 LYS 106 205 205 LYS LYS A . n 
A 1 107 VAL 107 206 206 VAL VAL A . n 
# 
loop_
_pdbx_nonpoly_scheme.asym_id 
_pdbx_nonpoly_scheme.entity_id 
_pdbx_nonpoly_scheme.mon_id 
_pdbx_nonpoly_scheme.ndb_seq_num 
_pdbx_nonpoly_scheme.pdb_seq_num 
_pdbx_nonpoly_scheme.auth_seq_num 
_pdbx_nonpoly_scheme.pdb_mon_id 
_pdbx_nonpoly_scheme.auth_mon_id 
_pdbx_nonpoly_scheme.pdb_strand_id 
_pdbx_nonpoly_scheme.pdb_ins_code 
B 2 HOH 1   3   3   HOH HOH A . 
B 2 HOH 2   4   4   HOH HOH A . 
B 2 HOH 3   5   5   HOH HOH A . 
B 2 HOH 4   7   7   HOH HOH A . 
B 2 HOH 5   8   8   HOH HOH A . 
B 2 HOH 6   9   9   HOH HOH A . 
B 2 HOH 7   10  10  HOH HOH A . 
B 2 HOH 8   11  11  HOH HOH A . 
B 2 HOH 9   12  12  HOH HOH A . 
B 2 HOH 10  13  13  HOH HOH A . 
B 2 HOH 11  14  14  HOH HOH A . 
B 2 HOH 12  15  15  HOH HOH A . 
B 2 HOH 13  16  16  HOH HOH A . 
B 2 HOH 14  17  17  HOH HOH A . 
B 2 HOH 15  18  18  HOH HOH A . 
B 2 HOH 16  19  19  HOH HOH A . 
B 2 HOH 17  20  20  HOH HOH A . 
B 2 HOH 18  21  21  HOH HOH A . 
B 2 HOH 19  22  22  HOH HOH A . 
B 2 HOH 20  23  23  HOH HOH A . 
B 2 HOH 21  24  24  HOH HOH A . 
B 2 HOH 22  25  25  HOH HOH A . 
B 2 HOH 23  26  26  HOH HOH A . 
B 2 HOH 24  27  27  HOH HOH A . 
B 2 HOH 25  28  28  HOH HOH A . 
B 2 HOH 26  29  29  HOH HOH A . 
B 2 HOH 27  30  30  HOH HOH A . 
B 2 HOH 28  31  31  HOH HOH A . 
B 2 HOH 29  32  32  HOH HOH A . 
B 2 HOH 30  33  33  HOH HOH A . 
B 2 HOH 31  34  34  HOH HOH A . 
B 2 HOH 32  35  35  HOH HOH A . 
B 2 HOH 33  36  36  HOH HOH A . 
B 2 HOH 34  37  37  HOH HOH A . 
B 2 HOH 35  38  38  HOH HOH A . 
B 2 HOH 36  134 134 HOH HOH A . 
B 2 HOH 37  136 136 HOH HOH A . 
B 2 HOH 38  141 141 HOH HOH A . 
B 2 HOH 39  142 142 HOH HOH A . 
B 2 HOH 40  143 143 HOH HOH A . 
B 2 HOH 41  145 145 HOH HOH A . 
B 2 HOH 42  146 146 HOH HOH A . 
B 2 HOH 43  147 147 HOH HOH A . 
B 2 HOH 44  148 148 HOH HOH A . 
B 2 HOH 45  149 149 HOH HOH A . 
B 2 HOH 46  150 150 HOH HOH A . 
B 2 HOH 47  207 6   HOH HOH A . 
B 2 HOH 48  208 39  HOH HOH A . 
B 2 HOH 49  209 40  HOH HOH A . 
B 2 HOH 50  210 42  HOH HOH A . 
B 2 HOH 51  211 43  HOH HOH A . 
B 2 HOH 52  212 44  HOH HOH A . 
B 2 HOH 53  213 45  HOH HOH A . 
B 2 HOH 54  214 46  HOH HOH A . 
B 2 HOH 55  215 47  HOH HOH A . 
B 2 HOH 56  216 48  HOH HOH A . 
B 2 HOH 57  217 49  HOH HOH A . 
B 2 HOH 58  218 51  HOH HOH A . 
B 2 HOH 59  219 52  HOH HOH A . 
B 2 HOH 60  220 53  HOH HOH A . 
B 2 HOH 61  221 54  HOH HOH A . 
B 2 HOH 62  222 55  HOH HOH A . 
B 2 HOH 63  223 56  HOH HOH A . 
B 2 HOH 64  224 57  HOH HOH A . 
B 2 HOH 65  225 59  HOH HOH A . 
B 2 HOH 66  226 60  HOH HOH A . 
B 2 HOH 67  227 61  HOH HOH A . 
B 2 HOH 68  228 62  HOH HOH A . 
B 2 HOH 69  229 63  HOH HOH A . 
B 2 HOH 70  230 64  HOH HOH A . 
B 2 HOH 71  231 65  HOH HOH A . 
B 2 HOH 72  232 66  HOH HOH A . 
B 2 HOH 73  233 67  HOH HOH A . 
B 2 HOH 74  234 68  HOH HOH A . 
B 2 HOH 75  235 69  HOH HOH A . 
B 2 HOH 76  236 70  HOH HOH A . 
B 2 HOH 77  237 72  HOH HOH A . 
B 2 HOH 78  238 73  HOH HOH A . 
B 2 HOH 79  239 74  HOH HOH A . 
B 2 HOH 80  240 75  HOH HOH A . 
B 2 HOH 81  241 77  HOH HOH A . 
B 2 HOH 82  242 78  HOH HOH A . 
B 2 HOH 83  243 79  HOH HOH A . 
B 2 HOH 84  244 80  HOH HOH A . 
B 2 HOH 85  245 81  HOH HOH A . 
B 2 HOH 86  246 82  HOH HOH A . 
B 2 HOH 87  247 83  HOH HOH A . 
B 2 HOH 88  248 84  HOH HOH A . 
B 2 HOH 89  249 85  HOH HOH A . 
B 2 HOH 90  250 86  HOH HOH A . 
B 2 HOH 91  251 88  HOH HOH A . 
B 2 HOH 92  252 89  HOH HOH A . 
B 2 HOH 93  253 90  HOH HOH A . 
B 2 HOH 94  254 91  HOH HOH A . 
B 2 HOH 95  255 93  HOH HOH A . 
B 2 HOH 96  256 94  HOH HOH A . 
B 2 HOH 97  257 95  HOH HOH A . 
B 2 HOH 98  258 96  HOH HOH A . 
B 2 HOH 99  259 97  HOH HOH A . 
B 2 HOH 100 260 99  HOH HOH A . 
B 2 HOH 101 261 102 HOH HOH A . 
B 2 HOH 102 262 105 HOH HOH A . 
B 2 HOH 103 263 107 HOH HOH A . 
B 2 HOH 104 264 108 HOH HOH A . 
B 2 HOH 105 265 109 HOH HOH A . 
B 2 HOH 106 266 112 HOH HOH A . 
B 2 HOH 107 267 113 HOH HOH A . 
B 2 HOH 108 268 114 HOH HOH A . 
B 2 HOH 109 269 115 HOH HOH A . 
B 2 HOH 110 270 116 HOH HOH A . 
B 2 HOH 111 271 117 HOH HOH A . 
B 2 HOH 112 272 119 HOH HOH A . 
B 2 HOH 113 273 122 HOH HOH A . 
B 2 HOH 114 274 123 HOH HOH A . 
B 2 HOH 115 275 125 HOH HOH A . 
B 2 HOH 116 276 126 HOH HOH A . 
B 2 HOH 117 277 128 HOH HOH A . 
B 2 HOH 118 278 129 HOH HOH A . 
B 2 HOH 119 279 130 HOH HOH A . 
B 2 HOH 120 280 131 HOH HOH A . 
# 
_pdbx_struct_assembly.id                   1 
_pdbx_struct_assembly.details              author_defined_assembly 
_pdbx_struct_assembly.method_details       ? 
_pdbx_struct_assembly.oligomeric_details   dimeric 
_pdbx_struct_assembly.oligomeric_count     2 
# 
_pdbx_struct_assembly_gen.assembly_id       1 
_pdbx_struct_assembly_gen.oper_expression   1,2 
_pdbx_struct_assembly_gen.asym_id_list      A,B 
# 
loop_
_pdbx_struct_oper_list.id 
_pdbx_struct_oper_list.type 
_pdbx_struct_oper_list.name 
_pdbx_struct_oper_list.symmetry_operation 
_pdbx_struct_oper_list.matrix[1][1] 
_pdbx_struct_oper_list.matrix[1][2] 
_pdbx_struct_oper_list.matrix[1][3] 
_pdbx_struct_oper_list.vector[1] 
_pdbx_struct_oper_list.matrix[2][1] 
_pdbx_struct_oper_list.matrix[2][2] 
_pdbx_struct_oper_list.matrix[2][3] 
_pdbx_struct_oper_list.vector[2] 
_pdbx_struct_oper_list.matrix[3][1] 
_pdbx_struct_oper_list.matrix[3][2] 
_pdbx_struct_oper_list.matrix[3][3] 
_pdbx_struct_oper_list.vector[3] 
1 'identity operation'         1_555 x,y,z                1.0000000000  0.0000000000  0.0000000000  0.0000000000  0.0000000000 1.0000000000 0.0000000000  0.0000000000   0.0000000000 0.0000000000  1.0000000000 0.0000000000 
2 'crystal symmetry operation' 5_555 -y+2/3,x-y+1/3,z+1/3 -0.3292515101 -0.3425679955 -0.8799094337 11.4564085106 0.9347620637 0.0134654700 -0.3550191056 -22.5126687654 0.1334665774 -0.9393965348 0.3157860401 5.8850965697 
# 
loop_
_pdbx_audit_revision_history.ordinal 
_pdbx_audit_revision_history.data_content_type 
_pdbx_audit_revision_history.major_revision 
_pdbx_audit_revision_history.minor_revision 
_pdbx_audit_revision_history.revision_date 
1 'Structure model' 1 0 2011-03-16 
2 'Structure model' 1 1 2011-07-13 
3 'Structure model' 1 2 2017-07-26 
4 'Structure model' 1 3 2023-09-13 
# 
_pdbx_audit_revision_details.ordinal             1 
_pdbx_audit_revision_details.revision_ordinal    1 
_pdbx_audit_revision_details.data_content_type   'Structure model' 
_pdbx_audit_revision_details.provider            repository 
_pdbx_audit_revision_details.type                'Initial release' 
_pdbx_audit_revision_details.description         ? 
_pdbx_audit_revision_details.details             ? 
# 
loop_
_pdbx_audit_revision_group.ordinal 
_pdbx_audit_revision_group.revision_ordinal 
_pdbx_audit_revision_group.data_content_type 
_pdbx_audit_revision_group.group 
1 2 'Structure model' 'Version format compliance' 
2 3 'Structure model' 'Refinement description'    
3 3 'Structure model' 'Source and taxonomy'       
4 4 'Structure model' 'Data collection'           
5 4 'Structure model' 'Database references'       
6 4 'Structure model' 'Refinement description'    
# 
loop_
_pdbx_audit_revision_category.ordinal 
_pdbx_audit_revision_category.revision_ordinal 
_pdbx_audit_revision_category.data_content_type 
_pdbx_audit_revision_category.category 
1 3 'Structure model' entity_src_gen                
2 3 'Structure model' software                      
3 4 'Structure model' chem_comp_atom                
4 4 'Structure model' chem_comp_bond                
5 4 'Structure model' database_2                    
6 4 'Structure model' pdbx_initial_refinement_model 
7 4 'Structure model' struct_ref_seq_dif            
# 
loop_
_pdbx_audit_revision_item.ordinal 
_pdbx_audit_revision_item.revision_ordinal 
_pdbx_audit_revision_item.data_content_type 
_pdbx_audit_revision_item.item 
1 4 'Structure model' '_database_2.pdbx_DOI'                
2 4 'Structure model' '_database_2.pdbx_database_accession' 
3 4 'Structure model' '_struct_ref_seq_dif.details'         
# 
loop_
_software.name 
_software.classification 
_software.version 
_software.citation_id 
_software.pdbx_ordinal 
HKL-2000  'data collection' .        ? 1 
PHASER    phasing           .        ? 2 
REFMAC    refinement        5.5.0109 ? 3 
DENZO     'data reduction'  .        ? 4 
SCALEPACK 'data scaling'    .        ? 5 
# 
_pdbx_entry_details.entry_id                 3QE1 
_pdbx_entry_details.nonpolymer_details       ? 
_pdbx_entry_details.sequence_details         
'CHAIN A IS A CHIMERA: SNX27 PDZ DOMAIN (UNP RESIDUES 39-133), GIRK-3 C-TERMINUS (UNP RESIDUES 388-393)' 
_pdbx_entry_details.compound_details         ? 
_pdbx_entry_details.source_details           ? 
_pdbx_entry_details.has_ligand_of_interest   ? 
# 
loop_
_pdbx_validate_close_contact.id 
_pdbx_validate_close_contact.PDB_model_num 
_pdbx_validate_close_contact.auth_atom_id_1 
_pdbx_validate_close_contact.auth_asym_id_1 
_pdbx_validate_close_contact.auth_comp_id_1 
_pdbx_validate_close_contact.auth_seq_id_1 
_pdbx_validate_close_contact.PDB_ins_code_1 
_pdbx_validate_close_contact.label_alt_id_1 
_pdbx_validate_close_contact.auth_atom_id_2 
_pdbx_validate_close_contact.auth_asym_id_2 
_pdbx_validate_close_contact.auth_comp_id_2 
_pdbx_validate_close_contact.auth_seq_id_2 
_pdbx_validate_close_contact.PDB_ins_code_2 
_pdbx_validate_close_contact.label_alt_id_2 
_pdbx_validate_close_contact.dist 
1 1 NH1 A ARG 66  ? ? O A HOH 277 ? ? 2.05 
2 1 OE1 A GLU 201 ? ? O A HOH 134 ? ? 2.18 
3 1 NZ  A LYS 46  ? ? O A HOH 278 ? ? 2.19 
# 
_pdbx_validate_symm_contact.id                1 
_pdbx_validate_symm_contact.PDB_model_num     1 
_pdbx_validate_symm_contact.auth_atom_id_1    NH2 
_pdbx_validate_symm_contact.auth_asym_id_1    A 
_pdbx_validate_symm_contact.auth_comp_id_1    ARG 
_pdbx_validate_symm_contact.auth_seq_id_1     66 
_pdbx_validate_symm_contact.PDB_ins_code_1    ? 
_pdbx_validate_symm_contact.label_alt_id_1    ? 
_pdbx_validate_symm_contact.site_symmetry_1   1_555 
_pdbx_validate_symm_contact.auth_atom_id_2    O 
_pdbx_validate_symm_contact.auth_asym_id_2    A 
_pdbx_validate_symm_contact.auth_comp_id_2    HOH 
_pdbx_validate_symm_contact.auth_seq_id_2     251 
_pdbx_validate_symm_contact.PDB_ins_code_2    ? 
_pdbx_validate_symm_contact.label_alt_id_2    ? 
_pdbx_validate_symm_contact.site_symmetry_2   5_555 
_pdbx_validate_symm_contact.dist              1.79 
# 
loop_
_pdbx_validate_rmsd_angle.id 
_pdbx_validate_rmsd_angle.PDB_model_num 
_pdbx_validate_rmsd_angle.auth_atom_id_1 
_pdbx_validate_rmsd_angle.auth_asym_id_1 
_pdbx_validate_rmsd_angle.auth_comp_id_1 
_pdbx_validate_rmsd_angle.auth_seq_id_1 
_pdbx_validate_rmsd_angle.PDB_ins_code_1 
_pdbx_validate_rmsd_angle.label_alt_id_1 
_pdbx_validate_rmsd_angle.auth_atom_id_2 
_pdbx_validate_rmsd_angle.auth_asym_id_2 
_pdbx_validate_rmsd_angle.auth_comp_id_2 
_pdbx_validate_rmsd_angle.auth_seq_id_2 
_pdbx_validate_rmsd_angle.PDB_ins_code_2 
_pdbx_validate_rmsd_angle.label_alt_id_2 
_pdbx_validate_rmsd_angle.auth_atom_id_3 
_pdbx_validate_rmsd_angle.auth_asym_id_3 
_pdbx_validate_rmsd_angle.auth_comp_id_3 
_pdbx_validate_rmsd_angle.auth_seq_id_3 
_pdbx_validate_rmsd_angle.PDB_ins_code_3 
_pdbx_validate_rmsd_angle.label_alt_id_3 
_pdbx_validate_rmsd_angle.angle_value 
_pdbx_validate_rmsd_angle.angle_target_value 
_pdbx_validate_rmsd_angle.angle_deviation 
_pdbx_validate_rmsd_angle.angle_standard_deviation 
_pdbx_validate_rmsd_angle.linker_flag 
1 1 NE A ARG 40 ? ? CZ A ARG 40 ? ? NH1 A ARG 40 ? ? 123.47 120.30 3.17  0.50 N 
2 1 NE A ARG 43 ? ? CZ A ARG 43 ? ? NH2 A ARG 43 ? ? 117.18 120.30 -3.12 0.50 N 
# 
_pdbx_validate_torsion.id              1 
_pdbx_validate_torsion.PDB_model_num   1 
_pdbx_validate_torsion.auth_comp_id    SER 
_pdbx_validate_torsion.auth_asym_id    A 
_pdbx_validate_torsion.auth_seq_id     47 
_pdbx_validate_torsion.PDB_ins_code    ? 
_pdbx_validate_torsion.label_alt_id    ? 
_pdbx_validate_torsion.phi             -102.62 
_pdbx_validate_torsion.psi             -161.65 
# 
loop_
_pdbx_unobs_or_zero_occ_residues.id 
_pdbx_unobs_or_zero_occ_residues.PDB_model_num 
_pdbx_unobs_or_zero_occ_residues.polymer_flag 
_pdbx_unobs_or_zero_occ_residues.occupancy_flag 
_pdbx_unobs_or_zero_occ_residues.auth_asym_id 
_pdbx_unobs_or_zero_occ_residues.auth_comp_id 
_pdbx_unobs_or_zero_occ_residues.auth_seq_id 
_pdbx_unobs_or_zero_occ_residues.PDB_ins_code 
_pdbx_unobs_or_zero_occ_residues.label_asym_id 
_pdbx_unobs_or_zero_occ_residues.label_comp_id 
_pdbx_unobs_or_zero_occ_residues.label_seq_id 
1 1 Y 1 A GLY 1 ? A GLY 1 
2 1 Y 1 A SER 2 ? A SER 2 
3 1 Y 1 A HIS 3 ? A HIS 3 
4 1 Y 1 A GLY 4 ? A GLY 4 
5 1 Y 1 A GLY 5 ? A GLY 5 
# 
loop_
_chem_comp_atom.comp_id 
_chem_comp_atom.atom_id 
_chem_comp_atom.type_symbol 
_chem_comp_atom.pdbx_aromatic_flag 
_chem_comp_atom.pdbx_stereo_config 
_chem_comp_atom.pdbx_ordinal 
ALA N    N N N 1   
ALA CA   C N S 2   
ALA C    C N N 3   
ALA O    O N N 4   
ALA CB   C N N 5   
ALA OXT  O N N 6   
ALA H    H N N 7   
ALA H2   H N N 8   
ALA HA   H N N 9   
ALA HB1  H N N 10  
ALA HB2  H N N 11  
ALA HB3  H N N 12  
ALA HXT  H N N 13  
ARG N    N N N 14  
ARG CA   C N S 15  
ARG C    C N N 16  
ARG O    O N N 17  
ARG CB   C N N 18  
ARG CG   C N N 19  
ARG CD   C N N 20  
ARG NE   N N N 21  
ARG CZ   C N N 22  
ARG NH1  N N N 23  
ARG NH2  N N N 24  
ARG OXT  O N N 25  
ARG H    H N N 26  
ARG H2   H N N 27  
ARG HA   H N N 28  
ARG HB2  H N N 29  
ARG HB3  H N N 30  
ARG HG2  H N N 31  
ARG HG3  H N N 32  
ARG HD2  H N N 33  
ARG HD3  H N N 34  
ARG HE   H N N 35  
ARG HH11 H N N 36  
ARG HH12 H N N 37  
ARG HH21 H N N 38  
ARG HH22 H N N 39  
ARG HXT  H N N 40  
ASN N    N N N 41  
ASN CA   C N S 42  
ASN C    C N N 43  
ASN O    O N N 44  
ASN CB   C N N 45  
ASN CG   C N N 46  
ASN OD1  O N N 47  
ASN ND2  N N N 48  
ASN OXT  O N N 49  
ASN H    H N N 50  
ASN H2   H N N 51  
ASN HA   H N N 52  
ASN HB2  H N N 53  
ASN HB3  H N N 54  
ASN HD21 H N N 55  
ASN HD22 H N N 56  
ASN HXT  H N N 57  
ASP N    N N N 58  
ASP CA   C N S 59  
ASP C    C N N 60  
ASP O    O N N 61  
ASP CB   C N N 62  
ASP CG   C N N 63  
ASP OD1  O N N 64  
ASP OD2  O N N 65  
ASP OXT  O N N 66  
ASP H    H N N 67  
ASP H2   H N N 68  
ASP HA   H N N 69  
ASP HB2  H N N 70  
ASP HB3  H N N 71  
ASP HD2  H N N 72  
ASP HXT  H N N 73  
GLN N    N N N 74  
GLN CA   C N S 75  
GLN C    C N N 76  
GLN O    O N N 77  
GLN CB   C N N 78  
GLN CG   C N N 79  
GLN CD   C N N 80  
GLN OE1  O N N 81  
GLN NE2  N N N 82  
GLN OXT  O N N 83  
GLN H    H N N 84  
GLN H2   H N N 85  
GLN HA   H N N 86  
GLN HB2  H N N 87  
GLN HB3  H N N 88  
GLN HG2  H N N 89  
GLN HG3  H N N 90  
GLN HE21 H N N 91  
GLN HE22 H N N 92  
GLN HXT  H N N 93  
GLU N    N N N 94  
GLU CA   C N S 95  
GLU C    C N N 96  
GLU O    O N N 97  
GLU CB   C N N 98  
GLU CG   C N N 99  
GLU CD   C N N 100 
GLU OE1  O N N 101 
GLU OE2  O N N 102 
GLU OXT  O N N 103 
GLU H    H N N 104 
GLU H2   H N N 105 
GLU HA   H N N 106 
GLU HB2  H N N 107 
GLU HB3  H N N 108 
GLU HG2  H N N 109 
GLU HG3  H N N 110 
GLU HE2  H N N 111 
GLU HXT  H N N 112 
GLY N    N N N 113 
GLY CA   C N N 114 
GLY C    C N N 115 
GLY O    O N N 116 
GLY OXT  O N N 117 
GLY H    H N N 118 
GLY H2   H N N 119 
GLY HA2  H N N 120 
GLY HA3  H N N 121 
GLY HXT  H N N 122 
HIS N    N N N 123 
HIS CA   C N S 124 
HIS C    C N N 125 
HIS O    O N N 126 
HIS CB   C N N 127 
HIS CG   C Y N 128 
HIS ND1  N Y N 129 
HIS CD2  C Y N 130 
HIS CE1  C Y N 131 
HIS NE2  N Y N 132 
HIS OXT  O N N 133 
HIS H    H N N 134 
HIS H2   H N N 135 
HIS HA   H N N 136 
HIS HB2  H N N 137 
HIS HB3  H N N 138 
HIS HD1  H N N 139 
HIS HD2  H N N 140 
HIS HE1  H N N 141 
HIS HE2  H N N 142 
HIS HXT  H N N 143 
HOH O    O N N 144 
HOH H1   H N N 145 
HOH H2   H N N 146 
ILE N    N N N 147 
ILE CA   C N S 148 
ILE C    C N N 149 
ILE O    O N N 150 
ILE CB   C N S 151 
ILE CG1  C N N 152 
ILE CG2  C N N 153 
ILE CD1  C N N 154 
ILE OXT  O N N 155 
ILE H    H N N 156 
ILE H2   H N N 157 
ILE HA   H N N 158 
ILE HB   H N N 159 
ILE HG12 H N N 160 
ILE HG13 H N N 161 
ILE HG21 H N N 162 
ILE HG22 H N N 163 
ILE HG23 H N N 164 
ILE HD11 H N N 165 
ILE HD12 H N N 166 
ILE HD13 H N N 167 
ILE HXT  H N N 168 
LEU N    N N N 169 
LEU CA   C N S 170 
LEU C    C N N 171 
LEU O    O N N 172 
LEU CB   C N N 173 
LEU CG   C N N 174 
LEU CD1  C N N 175 
LEU CD2  C N N 176 
LEU OXT  O N N 177 
LEU H    H N N 178 
LEU H2   H N N 179 
LEU HA   H N N 180 
LEU HB2  H N N 181 
LEU HB3  H N N 182 
LEU HG   H N N 183 
LEU HD11 H N N 184 
LEU HD12 H N N 185 
LEU HD13 H N N 186 
LEU HD21 H N N 187 
LEU HD22 H N N 188 
LEU HD23 H N N 189 
LEU HXT  H N N 190 
LYS N    N N N 191 
LYS CA   C N S 192 
LYS C    C N N 193 
LYS O    O N N 194 
LYS CB   C N N 195 
LYS CG   C N N 196 
LYS CD   C N N 197 
LYS CE   C N N 198 
LYS NZ   N N N 199 
LYS OXT  O N N 200 
LYS H    H N N 201 
LYS H2   H N N 202 
LYS HA   H N N 203 
LYS HB2  H N N 204 
LYS HB3  H N N 205 
LYS HG2  H N N 206 
LYS HG3  H N N 207 
LYS HD2  H N N 208 
LYS HD3  H N N 209 
LYS HE2  H N N 210 
LYS HE3  H N N 211 
LYS HZ1  H N N 212 
LYS HZ2  H N N 213 
LYS HZ3  H N N 214 
LYS HXT  H N N 215 
PHE N    N N N 216 
PHE CA   C N S 217 
PHE C    C N N 218 
PHE O    O N N 219 
PHE CB   C N N 220 
PHE CG   C Y N 221 
PHE CD1  C Y N 222 
PHE CD2  C Y N 223 
PHE CE1  C Y N 224 
PHE CE2  C Y N 225 
PHE CZ   C Y N 226 
PHE OXT  O N N 227 
PHE H    H N N 228 
PHE H2   H N N 229 
PHE HA   H N N 230 
PHE HB2  H N N 231 
PHE HB3  H N N 232 
PHE HD1  H N N 233 
PHE HD2  H N N 234 
PHE HE1  H N N 235 
PHE HE2  H N N 236 
PHE HZ   H N N 237 
PHE HXT  H N N 238 
PRO N    N N N 239 
PRO CA   C N S 240 
PRO C    C N N 241 
PRO O    O N N 242 
PRO CB   C N N 243 
PRO CG   C N N 244 
PRO CD   C N N 245 
PRO OXT  O N N 246 
PRO H    H N N 247 
PRO HA   H N N 248 
PRO HB2  H N N 249 
PRO HB3  H N N 250 
PRO HG2  H N N 251 
PRO HG3  H N N 252 
PRO HD2  H N N 253 
PRO HD3  H N N 254 
PRO HXT  H N N 255 
SER N    N N N 256 
SER CA   C N S 257 
SER C    C N N 258 
SER O    O N N 259 
SER CB   C N N 260 
SER OG   O N N 261 
SER OXT  O N N 262 
SER H    H N N 263 
SER H2   H N N 264 
SER HA   H N N 265 
SER HB2  H N N 266 
SER HB3  H N N 267 
SER HG   H N N 268 
SER HXT  H N N 269 
THR N    N N N 270 
THR CA   C N S 271 
THR C    C N N 272 
THR O    O N N 273 
THR CB   C N R 274 
THR OG1  O N N 275 
THR CG2  C N N 276 
THR OXT  O N N 277 
THR H    H N N 278 
THR H2   H N N 279 
THR HA   H N N 280 
THR HB   H N N 281 
THR HG1  H N N 282 
THR HG21 H N N 283 
THR HG22 H N N 284 
THR HG23 H N N 285 
THR HXT  H N N 286 
TYR N    N N N 287 
TYR CA   C N S 288 
TYR C    C N N 289 
TYR O    O N N 290 
TYR CB   C N N 291 
TYR CG   C Y N 292 
TYR CD1  C Y N 293 
TYR CD2  C Y N 294 
TYR CE1  C Y N 295 
TYR CE2  C Y N 296 
TYR CZ   C Y N 297 
TYR OH   O N N 298 
TYR OXT  O N N 299 
TYR H    H N N 300 
TYR H2   H N N 301 
TYR HA   H N N 302 
TYR HB2  H N N 303 
TYR HB3  H N N 304 
TYR HD1  H N N 305 
TYR HD2  H N N 306 
TYR HE1  H N N 307 
TYR HE2  H N N 308 
TYR HH   H N N 309 
TYR HXT  H N N 310 
VAL N    N N N 311 
VAL CA   C N S 312 
VAL C    C N N 313 
VAL O    O N N 314 
VAL CB   C N N 315 
VAL CG1  C N N 316 
VAL CG2  C N N 317 
VAL OXT  O N N 318 
VAL H    H N N 319 
VAL H2   H N N 320 
VAL HA   H N N 321 
VAL HB   H N N 322 
VAL HG11 H N N 323 
VAL HG12 H N N 324 
VAL HG13 H N N 325 
VAL HG21 H N N 326 
VAL HG22 H N N 327 
VAL HG23 H N N 328 
VAL HXT  H N N 329 
# 
loop_
_chem_comp_bond.comp_id 
_chem_comp_bond.atom_id_1 
_chem_comp_bond.atom_id_2 
_chem_comp_bond.value_order 
_chem_comp_bond.pdbx_aromatic_flag 
_chem_comp_bond.pdbx_stereo_config 
_chem_comp_bond.pdbx_ordinal 
ALA N   CA   sing N N 1   
ALA N   H    sing N N 2   
ALA N   H2   sing N N 3   
ALA CA  C    sing N N 4   
ALA CA  CB   sing N N 5   
ALA CA  HA   sing N N 6   
ALA C   O    doub N N 7   
ALA C   OXT  sing N N 8   
ALA CB  HB1  sing N N 9   
ALA CB  HB2  sing N N 10  
ALA CB  HB3  sing N N 11  
ALA OXT HXT  sing N N 12  
ARG N   CA   sing N N 13  
ARG N   H    sing N N 14  
ARG N   H2   sing N N 15  
ARG CA  C    sing N N 16  
ARG CA  CB   sing N N 17  
ARG CA  HA   sing N N 18  
ARG C   O    doub N N 19  
ARG C   OXT  sing N N 20  
ARG CB  CG   sing N N 21  
ARG CB  HB2  sing N N 22  
ARG CB  HB3  sing N N 23  
ARG CG  CD   sing N N 24  
ARG CG  HG2  sing N N 25  
ARG CG  HG3  sing N N 26  
ARG CD  NE   sing N N 27  
ARG CD  HD2  sing N N 28  
ARG CD  HD3  sing N N 29  
ARG NE  CZ   sing N N 30  
ARG NE  HE   sing N N 31  
ARG CZ  NH1  sing N N 32  
ARG CZ  NH2  doub N N 33  
ARG NH1 HH11 sing N N 34  
ARG NH1 HH12 sing N N 35  
ARG NH2 HH21 sing N N 36  
ARG NH2 HH22 sing N N 37  
ARG OXT HXT  sing N N 38  
ASN N   CA   sing N N 39  
ASN N   H    sing N N 40  
ASN N   H2   sing N N 41  
ASN CA  C    sing N N 42  
ASN CA  CB   sing N N 43  
ASN CA  HA   sing N N 44  
ASN C   O    doub N N 45  
ASN C   OXT  sing N N 46  
ASN CB  CG   sing N N 47  
ASN CB  HB2  sing N N 48  
ASN CB  HB3  sing N N 49  
ASN CG  OD1  doub N N 50  
ASN CG  ND2  sing N N 51  
ASN ND2 HD21 sing N N 52  
ASN ND2 HD22 sing N N 53  
ASN OXT HXT  sing N N 54  
ASP N   CA   sing N N 55  
ASP N   H    sing N N 56  
ASP N   H2   sing N N 57  
ASP CA  C    sing N N 58  
ASP CA  CB   sing N N 59  
ASP CA  HA   sing N N 60  
ASP C   O    doub N N 61  
ASP C   OXT  sing N N 62  
ASP CB  CG   sing N N 63  
ASP CB  HB2  sing N N 64  
ASP CB  HB3  sing N N 65  
ASP CG  OD1  doub N N 66  
ASP CG  OD2  sing N N 67  
ASP OD2 HD2  sing N N 68  
ASP OXT HXT  sing N N 69  
GLN N   CA   sing N N 70  
GLN N   H    sing N N 71  
GLN N   H2   sing N N 72  
GLN CA  C    sing N N 73  
GLN CA  CB   sing N N 74  
GLN CA  HA   sing N N 75  
GLN C   O    doub N N 76  
GLN C   OXT  sing N N 77  
GLN CB  CG   sing N N 78  
GLN CB  HB2  sing N N 79  
GLN CB  HB3  sing N N 80  
GLN CG  CD   sing N N 81  
GLN CG  HG2  sing N N 82  
GLN CG  HG3  sing N N 83  
GLN CD  OE1  doub N N 84  
GLN CD  NE2  sing N N 85  
GLN NE2 HE21 sing N N 86  
GLN NE2 HE22 sing N N 87  
GLN OXT HXT  sing N N 88  
GLU N   CA   sing N N 89  
GLU N   H    sing N N 90  
GLU N   H2   sing N N 91  
GLU CA  C    sing N N 92  
GLU CA  CB   sing N N 93  
GLU CA  HA   sing N N 94  
GLU C   O    doub N N 95  
GLU C   OXT  sing N N 96  
GLU CB  CG   sing N N 97  
GLU CB  HB2  sing N N 98  
GLU CB  HB3  sing N N 99  
GLU CG  CD   sing N N 100 
GLU CG  HG2  sing N N 101 
GLU CG  HG3  sing N N 102 
GLU CD  OE1  doub N N 103 
GLU CD  OE2  sing N N 104 
GLU OE2 HE2  sing N N 105 
GLU OXT HXT  sing N N 106 
GLY N   CA   sing N N 107 
GLY N   H    sing N N 108 
GLY N   H2   sing N N 109 
GLY CA  C    sing N N 110 
GLY CA  HA2  sing N N 111 
GLY CA  HA3  sing N N 112 
GLY C   O    doub N N 113 
GLY C   OXT  sing N N 114 
GLY OXT HXT  sing N N 115 
HIS N   CA   sing N N 116 
HIS N   H    sing N N 117 
HIS N   H2   sing N N 118 
HIS CA  C    sing N N 119 
HIS CA  CB   sing N N 120 
HIS CA  HA   sing N N 121 
HIS C   O    doub N N 122 
HIS C   OXT  sing N N 123 
HIS CB  CG   sing N N 124 
HIS CB  HB2  sing N N 125 
HIS CB  HB3  sing N N 126 
HIS CG  ND1  sing Y N 127 
HIS CG  CD2  doub Y N 128 
HIS ND1 CE1  doub Y N 129 
HIS ND1 HD1  sing N N 130 
HIS CD2 NE2  sing Y N 131 
HIS CD2 HD2  sing N N 132 
HIS CE1 NE2  sing Y N 133 
HIS CE1 HE1  sing N N 134 
HIS NE2 HE2  sing N N 135 
HIS OXT HXT  sing N N 136 
HOH O   H1   sing N N 137 
HOH O   H2   sing N N 138 
ILE N   CA   sing N N 139 
ILE N   H    sing N N 140 
ILE N   H2   sing N N 141 
ILE CA  C    sing N N 142 
ILE CA  CB   sing N N 143 
ILE CA  HA   sing N N 144 
ILE C   O    doub N N 145 
ILE C   OXT  sing N N 146 
ILE CB  CG1  sing N N 147 
ILE CB  CG2  sing N N 148 
ILE CB  HB   sing N N 149 
ILE CG1 CD1  sing N N 150 
ILE CG1 HG12 sing N N 151 
ILE CG1 HG13 sing N N 152 
ILE CG2 HG21 sing N N 153 
ILE CG2 HG22 sing N N 154 
ILE CG2 HG23 sing N N 155 
ILE CD1 HD11 sing N N 156 
ILE CD1 HD12 sing N N 157 
ILE CD1 HD13 sing N N 158 
ILE OXT HXT  sing N N 159 
LEU N   CA   sing N N 160 
LEU N   H    sing N N 161 
LEU N   H2   sing N N 162 
LEU CA  C    sing N N 163 
LEU CA  CB   sing N N 164 
LEU CA  HA   sing N N 165 
LEU C   O    doub N N 166 
LEU C   OXT  sing N N 167 
LEU CB  CG   sing N N 168 
LEU CB  HB2  sing N N 169 
LEU CB  HB3  sing N N 170 
LEU CG  CD1  sing N N 171 
LEU CG  CD2  sing N N 172 
LEU CG  HG   sing N N 173 
LEU CD1 HD11 sing N N 174 
LEU CD1 HD12 sing N N 175 
LEU CD1 HD13 sing N N 176 
LEU CD2 HD21 sing N N 177 
LEU CD2 HD22 sing N N 178 
LEU CD2 HD23 sing N N 179 
LEU OXT HXT  sing N N 180 
LYS N   CA   sing N N 181 
LYS N   H    sing N N 182 
LYS N   H2   sing N N 183 
LYS CA  C    sing N N 184 
LYS CA  CB   sing N N 185 
LYS CA  HA   sing N N 186 
LYS C   O    doub N N 187 
LYS C   OXT  sing N N 188 
LYS CB  CG   sing N N 189 
LYS CB  HB2  sing N N 190 
LYS CB  HB3  sing N N 191 
LYS CG  CD   sing N N 192 
LYS CG  HG2  sing N N 193 
LYS CG  HG3  sing N N 194 
LYS CD  CE   sing N N 195 
LYS CD  HD2  sing N N 196 
LYS CD  HD3  sing N N 197 
LYS CE  NZ   sing N N 198 
LYS CE  HE2  sing N N 199 
LYS CE  HE3  sing N N 200 
LYS NZ  HZ1  sing N N 201 
LYS NZ  HZ2  sing N N 202 
LYS NZ  HZ3  sing N N 203 
LYS OXT HXT  sing N N 204 
PHE N   CA   sing N N 205 
PHE N   H    sing N N 206 
PHE N   H2   sing N N 207 
PHE CA  C    sing N N 208 
PHE CA  CB   sing N N 209 
PHE CA  HA   sing N N 210 
PHE C   O    doub N N 211 
PHE C   OXT  sing N N 212 
PHE CB  CG   sing N N 213 
PHE CB  HB2  sing N N 214 
PHE CB  HB3  sing N N 215 
PHE CG  CD1  doub Y N 216 
PHE CG  CD2  sing Y N 217 
PHE CD1 CE1  sing Y N 218 
PHE CD1 HD1  sing N N 219 
PHE CD2 CE2  doub Y N 220 
PHE CD2 HD2  sing N N 221 
PHE CE1 CZ   doub Y N 222 
PHE CE1 HE1  sing N N 223 
PHE CE2 CZ   sing Y N 224 
PHE CE2 HE2  sing N N 225 
PHE CZ  HZ   sing N N 226 
PHE OXT HXT  sing N N 227 
PRO N   CA   sing N N 228 
PRO N   CD   sing N N 229 
PRO N   H    sing N N 230 
PRO CA  C    sing N N 231 
PRO CA  CB   sing N N 232 
PRO CA  HA   sing N N 233 
PRO C   O    doub N N 234 
PRO C   OXT  sing N N 235 
PRO CB  CG   sing N N 236 
PRO CB  HB2  sing N N 237 
PRO CB  HB3  sing N N 238 
PRO CG  CD   sing N N 239 
PRO CG  HG2  sing N N 240 
PRO CG  HG3  sing N N 241 
PRO CD  HD2  sing N N 242 
PRO CD  HD3  sing N N 243 
PRO OXT HXT  sing N N 244 
SER N   CA   sing N N 245 
SER N   H    sing N N 246 
SER N   H2   sing N N 247 
SER CA  C    sing N N 248 
SER CA  CB   sing N N 249 
SER CA  HA   sing N N 250 
SER C   O    doub N N 251 
SER C   OXT  sing N N 252 
SER CB  OG   sing N N 253 
SER CB  HB2  sing N N 254 
SER CB  HB3  sing N N 255 
SER OG  HG   sing N N 256 
SER OXT HXT  sing N N 257 
THR N   CA   sing N N 258 
THR N   H    sing N N 259 
THR N   H2   sing N N 260 
THR CA  C    sing N N 261 
THR CA  CB   sing N N 262 
THR CA  HA   sing N N 263 
THR C   O    doub N N 264 
THR C   OXT  sing N N 265 
THR CB  OG1  sing N N 266 
THR CB  CG2  sing N N 267 
THR CB  HB   sing N N 268 
THR OG1 HG1  sing N N 269 
THR CG2 HG21 sing N N 270 
THR CG2 HG22 sing N N 271 
THR CG2 HG23 sing N N 272 
THR OXT HXT  sing N N 273 
TYR N   CA   sing N N 274 
TYR N   H    sing N N 275 
TYR N   H2   sing N N 276 
TYR CA  C    sing N N 277 
TYR CA  CB   sing N N 278 
TYR CA  HA   sing N N 279 
TYR C   O    doub N N 280 
TYR C   OXT  sing N N 281 
TYR CB  CG   sing N N 282 
TYR CB  HB2  sing N N 283 
TYR CB  HB3  sing N N 284 
TYR CG  CD1  doub Y N 285 
TYR CG  CD2  sing Y N 286 
TYR CD1 CE1  sing Y N 287 
TYR CD1 HD1  sing N N 288 
TYR CD2 CE2  doub Y N 289 
TYR CD2 HD2  sing N N 290 
TYR CE1 CZ   doub Y N 291 
TYR CE1 HE1  sing N N 292 
TYR CE2 CZ   sing Y N 293 
TYR CE2 HE2  sing N N 294 
TYR CZ  OH   sing N N 295 
TYR OH  HH   sing N N 296 
TYR OXT HXT  sing N N 297 
VAL N   CA   sing N N 298 
VAL N   H    sing N N 299 
VAL N   H2   sing N N 300 
VAL CA  C    sing N N 301 
VAL CA  CB   sing N N 302 
VAL CA  HA   sing N N 303 
VAL C   O    doub N N 304 
VAL C   OXT  sing N N 305 
VAL CB  CG1  sing N N 306 
VAL CB  CG2  sing N N 307 
VAL CB  HB   sing N N 308 
VAL CG1 HG11 sing N N 309 
VAL CG1 HG12 sing N N 310 
VAL CG1 HG13 sing N N 311 
VAL CG2 HG21 sing N N 312 
VAL CG2 HG22 sing N N 313 
VAL CG2 HG23 sing N N 314 
VAL OXT HXT  sing N N 315 
# 
_pdbx_entity_nonpoly.entity_id   2 
_pdbx_entity_nonpoly.name        water 
_pdbx_entity_nonpoly.comp_id     HOH 
# 
_pdbx_initial_refinement_model.id               1 
_pdbx_initial_refinement_model.entity_id_list   ? 
_pdbx_initial_refinement_model.type             'experimental model' 
_pdbx_initial_refinement_model.source_name      PDB 
_pdbx_initial_refinement_model.accession_code   2OCS 
_pdbx_initial_refinement_model.details          'PDB ENTRY 2OCS' 
# 
